data_8EN5
#
_entry.id   8EN5
#
_cell.length_a   61.244
_cell.length_b   235.384
_cell.length_c   70.566
_cell.angle_alpha   90.000
_cell.angle_beta   104.300
_cell.angle_gamma   90.000
#
_symmetry.space_group_name_H-M   'P 1 21 1'
#
loop_
_entity.id
_entity.type
_entity.pdbx_description
1 polymer 'GII.4 P domain'
2 polymer 'Nanobody 56'
3 non-polymer 1,2-ETHANEDIOL
4 non-polymer '2-(N-MORPHOLINO)-ETHANESULFONIC ACID'
5 water water
#
loop_
_entity_poly.entity_id
_entity_poly.type
_entity_poly.pdbx_seq_one_letter_code
_entity_poly.pdbx_strand_id
1 'polypeptide(L)'
;TKPFSVPVLTVEEMTNSRFPIPLEKLFTGPSSAFVVQPQNGRCTTDGVLLGTTQLSPVNICTFRGDVTHITGSRNYTMNL
ASQNWNDYDPTEEIPAPLGTPDFVGKIQGVLTQTTRTDGSTRGHKATVYTGSADFAPKLGRVQFETDTDRDFEANQNTKF
TPVGVIQDGGTTHRNEPQQWVLPSYSGRNTHNVHLAPAVAPTFPGEQLLFFRSTMPGCSGYPNMDLDCLLPQEWVQYFYQ
EAAPAQSDVALLRFVNPDTGRVLFECKLHKSGYVTVAHTGQHDLVIPPNGYFRFDSWVNQFYTLAPMGNGTGRRRAV
;
A,B,C,D
2 'polypeptide(L)'
;QVQLQESGGGLVQPGDSLRLSCATSGFILGRPVITWFRQAPGKEREGVLCISGSDEITYFIDSVKGRFTISRDNAKNTVY
LQINSLKPEDTANYYCAARTFTAGCYSRSIAYPYWGQGTQVTVSSHHHHHH
;
E,F,G,H
#
# COMPACT_ATOMS: atom_id res chain seq x y z
N THR A 1 -38.28 -20.84 -49.83
CA THR A 1 -37.54 -22.02 -50.25
C THR A 1 -36.14 -22.13 -49.58
N LYS A 2 -35.50 -21.02 -49.19
CA LYS A 2 -34.22 -21.14 -48.49
C LYS A 2 -34.43 -21.88 -47.18
N PRO A 3 -33.68 -22.96 -46.91
CA PRO A 3 -33.96 -23.79 -45.72
C PRO A 3 -33.57 -23.07 -44.42
N PHE A 4 -34.44 -23.21 -43.43
CA PHE A 4 -34.14 -22.69 -42.10
C PHE A 4 -33.13 -23.60 -41.37
N SER A 5 -32.44 -23.03 -40.36
CA SER A 5 -31.48 -23.75 -39.52
C SER A 5 -31.15 -22.84 -38.34
N VAL A 6 -30.50 -23.43 -37.35
CA VAL A 6 -29.88 -22.66 -36.26
C VAL A 6 -28.40 -22.97 -36.24
N PRO A 7 -27.59 -22.12 -35.62
CA PRO A 7 -26.14 -22.35 -35.62
C PRO A 7 -25.72 -23.59 -34.85
N VAL A 8 -24.66 -24.22 -35.35
CA VAL A 8 -24.00 -25.26 -34.61
C VAL A 8 -23.08 -24.60 -33.63
N LEU A 9 -23.60 -24.34 -32.42
CA LEU A 9 -22.82 -23.74 -31.34
C LEU A 9 -23.31 -24.36 -30.07
N THR A 10 -22.40 -24.65 -29.14
CA THR A 10 -22.75 -25.13 -27.81
C THR A 10 -23.27 -23.96 -26.98
N VAL A 11 -23.84 -24.28 -25.81
CA VAL A 11 -24.35 -23.21 -24.95
C VAL A 11 -23.20 -22.30 -24.54
N GLU A 12 -22.08 -22.91 -24.13
CA GLU A 12 -20.93 -22.14 -23.67
C GLU A 12 -20.23 -21.35 -24.77
N GLU A 13 -20.43 -21.69 -26.05
CA GLU A 13 -19.87 -20.93 -27.16
C GLU A 13 -20.67 -19.66 -27.41
N MET A 14 -21.85 -19.51 -26.79
CA MET A 14 -22.73 -18.39 -27.12
C MET A 14 -22.79 -17.33 -26.02
N THR A 15 -23.49 -16.24 -26.36
CA THR A 15 -23.45 -14.97 -25.64
C THR A 15 -24.87 -14.56 -25.26
N ASN A 16 -25.03 -14.05 -24.02
CA ASN A 16 -26.32 -13.46 -23.67
C ASN A 16 -26.61 -12.28 -24.58
N SER A 17 -27.89 -12.15 -24.96
CA SER A 17 -28.31 -11.01 -25.78
C SER A 17 -28.81 -9.81 -24.96
N ARG A 18 -28.77 -9.90 -23.62
CA ARG A 18 -29.31 -8.78 -22.81
C ARG A 18 -28.20 -8.12 -21.94
N PHE A 19 -26.95 -8.63 -21.99
CA PHE A 19 -25.80 -8.05 -21.29
C PHE A 19 -24.57 -8.68 -21.92
N PRO A 20 -23.44 -7.98 -22.01
CA PRO A 20 -22.27 -8.54 -22.76
C PRO A 20 -21.45 -9.57 -22.00
N ILE A 21 -22.02 -10.76 -21.83
CA ILE A 21 -21.38 -11.85 -21.08
C ILE A 21 -21.77 -13.18 -21.70
N PRO A 22 -20.96 -14.22 -21.54
CA PRO A 22 -21.32 -15.54 -22.09
C PRO A 22 -22.56 -16.16 -21.47
N LEU A 23 -23.20 -17.06 -22.25
CA LEU A 23 -24.19 -17.95 -21.68
C LEU A 23 -23.50 -18.96 -20.76
N GLU A 24 -24.26 -19.45 -19.76
CA GLU A 24 -23.80 -20.51 -18.86
C GLU A 24 -24.66 -21.75 -18.87
N LYS A 25 -25.97 -21.59 -18.93
CA LYS A 25 -26.82 -22.76 -18.76
C LYS A 25 -28.19 -22.51 -19.37
N LEU A 26 -28.97 -23.56 -19.44
CA LEU A 26 -30.37 -23.53 -19.88
C LEU A 26 -31.24 -23.72 -18.64
N PHE A 27 -32.27 -22.87 -18.51
CA PHE A 27 -33.15 -22.89 -17.34
C PHE A 27 -34.60 -22.83 -17.78
N THR A 28 -35.48 -23.53 -17.09
CA THR A 28 -36.91 -23.38 -17.39
C THR A 28 -37.67 -23.15 -16.09
N GLY A 29 -38.71 -22.31 -16.16
CA GLY A 29 -39.51 -22.01 -14.98
C GLY A 29 -40.85 -21.49 -15.45
N PRO A 30 -41.87 -21.55 -14.61
CA PRO A 30 -43.13 -20.90 -14.94
C PRO A 30 -42.95 -19.38 -14.94
N SER A 31 -43.79 -18.70 -15.74
CA SER A 31 -43.66 -17.25 -15.82
C SER A 31 -45.02 -16.55 -15.86
N SER A 32 -46.07 -17.20 -15.37
CA SER A 32 -47.37 -16.55 -15.35
C SER A 32 -47.45 -15.45 -14.29
N ALA A 33 -46.56 -15.45 -13.30
CA ALA A 33 -46.68 -14.46 -12.23
C ALA A 33 -46.22 -13.07 -12.63
N PHE A 34 -45.45 -12.94 -13.70
CA PHE A 34 -44.84 -11.67 -14.09
C PHE A 34 -44.88 -11.56 -15.62
N VAL A 35 -44.53 -10.38 -16.14
CA VAL A 35 -44.55 -10.10 -17.59
C VAL A 35 -43.15 -10.34 -18.14
N VAL A 36 -43.05 -11.17 -19.16
CA VAL A 36 -41.77 -11.41 -19.85
C VAL A 36 -41.79 -10.59 -21.13
N GLN A 37 -41.09 -9.43 -21.13
CA GLN A 37 -41.15 -8.54 -22.28
C GLN A 37 -39.78 -7.90 -22.52
N PRO A 38 -38.72 -8.69 -22.55
CA PRO A 38 -37.40 -8.09 -22.79
C PRO A 38 -37.37 -7.48 -24.19
N GLN A 39 -36.53 -6.45 -24.35
CA GLN A 39 -36.40 -5.71 -25.61
C GLN A 39 -35.09 -5.97 -26.35
N ASN A 40 -34.05 -6.42 -25.64
CA ASN A 40 -32.83 -6.94 -26.28
C ASN A 40 -32.97 -8.43 -26.46
N GLY A 41 -32.29 -8.97 -27.47
CA GLY A 41 -32.40 -10.41 -27.80
C GLY A 41 -33.75 -10.75 -28.42
N ARG A 42 -34.29 -9.85 -29.26
CA ARG A 42 -35.59 -10.08 -29.86
C ARG A 42 -35.43 -10.05 -31.37
N CYS A 43 -35.86 -11.14 -32.00
CA CYS A 43 -35.64 -11.33 -33.44
C CYS A 43 -36.56 -12.43 -33.93
N THR A 44 -37.18 -12.24 -35.11
CA THR A 44 -37.95 -13.35 -35.68
C THR A 44 -37.02 -14.42 -36.28
N THR A 45 -37.58 -15.60 -36.51
CA THR A 45 -36.73 -16.63 -37.12
C THR A 45 -36.36 -16.32 -38.57
N ASP A 46 -37.15 -15.49 -39.29
CA ASP A 46 -36.77 -15.02 -40.62
C ASP A 46 -35.99 -13.68 -40.60
N GLY A 47 -35.44 -13.29 -39.44
CA GLY A 47 -34.38 -12.30 -39.38
C GLY A 47 -34.83 -10.86 -39.22
N VAL A 48 -36.03 -10.62 -38.73
CA VAL A 48 -36.45 -9.25 -38.43
C VAL A 48 -36.14 -8.89 -36.97
N LEU A 49 -35.26 -7.91 -36.77
CA LEU A 49 -34.91 -7.47 -35.42
C LEU A 49 -36.08 -6.70 -34.78
N LEU A 50 -36.27 -6.91 -33.49
CA LEU A 50 -37.40 -6.29 -32.78
C LEU A 50 -36.92 -5.50 -31.56
N GLY A 51 -37.81 -4.68 -31.00
CA GLY A 51 -37.42 -4.03 -29.73
C GLY A 51 -36.25 -3.08 -29.90
N THR A 52 -35.30 -3.17 -28.96
CA THR A 52 -34.05 -2.43 -29.04
C THR A 52 -32.90 -3.30 -29.55
N THR A 53 -33.21 -4.38 -30.28
CA THR A 53 -32.15 -5.36 -30.57
C THR A 53 -31.27 -4.91 -31.72
N GLN A 54 -29.94 -5.03 -31.55
CA GLN A 54 -28.97 -4.73 -32.60
C GLN A 54 -28.00 -5.90 -32.64
N LEU A 55 -27.01 -5.81 -33.52
CA LEU A 55 -26.26 -7.04 -33.84
C LEU A 55 -25.02 -7.31 -32.98
N SER A 56 -24.30 -6.29 -32.49
CA SER A 56 -23.09 -6.88 -31.88
C SER A 56 -23.20 -6.91 -30.36
N PRO A 57 -22.78 -7.98 -29.73
CA PRO A 57 -22.98 -8.06 -28.28
C PRO A 57 -22.20 -7.03 -27.48
N VAL A 58 -21.12 -6.44 -28.01
CA VAL A 58 -20.34 -5.50 -27.20
C VAL A 58 -21.05 -4.16 -27.04
N ASN A 59 -22.09 -3.88 -27.83
CA ASN A 59 -22.85 -2.64 -27.68
C ASN A 59 -23.97 -2.74 -26.67
N ILE A 60 -24.28 -3.93 -26.17
CA ILE A 60 -25.40 -4.12 -25.25
C ILE A 60 -25.07 -3.47 -23.90
N CYS A 61 -25.97 -2.56 -23.46
CA CYS A 61 -25.83 -1.78 -22.23
C CYS A 61 -24.66 -0.80 -22.27
N THR A 62 -24.19 -0.41 -23.46
CA THR A 62 -23.23 0.67 -23.61
CA THR A 62 -23.22 0.67 -23.62
C THR A 62 -23.96 1.96 -24.00
N PHE A 63 -23.38 3.10 -23.60
CA PHE A 63 -23.87 4.42 -24.01
C PHE A 63 -22.72 5.27 -24.51
N ARG A 64 -23.03 6.16 -25.47
CA ARG A 64 -22.02 7.08 -25.99
C ARG A 64 -22.64 8.46 -26.11
N GLY A 65 -21.82 9.50 -25.94
CA GLY A 65 -22.33 10.87 -26.11
C GLY A 65 -21.35 11.90 -25.59
N ASP A 66 -21.90 13.05 -25.14
CA ASP A 66 -21.08 13.96 -24.35
C ASP A 66 -21.82 14.23 -23.02
N VAL A 67 -21.12 14.84 -22.04
CA VAL A 67 -21.69 14.94 -20.69
C VAL A 67 -21.67 16.36 -20.19
N THR A 68 -22.65 16.65 -19.35
CA THR A 68 -22.76 17.95 -18.69
C THR A 68 -22.88 17.70 -17.20
N HIS A 69 -22.09 18.41 -16.42
CA HIS A 69 -22.04 18.23 -14.98
C HIS A 69 -23.28 18.81 -14.34
N ILE A 70 -23.79 18.09 -13.36
CA ILE A 70 -24.89 18.57 -12.52
C ILE A 70 -24.30 19.24 -11.27
N THR A 71 -24.43 20.57 -11.21
CA THR A 71 -23.74 21.35 -10.19
C THR A 71 -24.11 20.88 -8.78
N GLY A 72 -23.12 20.86 -7.90
CA GLY A 72 -23.36 20.48 -6.52
C GLY A 72 -23.48 19.00 -6.32
N SER A 73 -23.13 18.20 -7.33
CA SER A 73 -23.19 16.73 -7.25
C SER A 73 -22.00 16.14 -7.99
N ARG A 74 -21.89 14.82 -7.88
CA ARG A 74 -20.97 14.00 -8.66
C ARG A 74 -21.68 13.36 -9.83
N ASN A 75 -22.84 13.89 -10.21
CA ASN A 75 -23.67 13.33 -11.29
C ASN A 75 -23.48 14.08 -12.61
N TYR A 76 -23.65 13.34 -13.72
CA TYR A 76 -23.51 13.90 -15.05
C TYR A 76 -24.68 13.45 -15.91
N THR A 77 -25.14 14.34 -16.75
CA THR A 77 -26.15 14.01 -17.76
C THR A 77 -25.45 13.76 -19.08
N MET A 78 -25.57 12.53 -19.59
CA MET A 78 -25.13 12.23 -20.96
C MET A 78 -26.19 12.61 -21.98
N ASN A 79 -25.78 13.37 -22.99
CA ASN A 79 -26.62 13.67 -24.14
C ASN A 79 -26.23 12.61 -25.17
N LEU A 80 -27.12 11.64 -25.42
CA LEU A 80 -26.69 10.44 -26.16
C LEU A 80 -26.48 10.71 -27.65
N ALA A 81 -25.49 10.03 -28.21
CA ALA A 81 -25.39 9.83 -29.64
C ALA A 81 -25.82 8.39 -29.96
N SER A 82 -25.97 8.11 -31.27
CA SER A 82 -26.17 6.72 -31.65
C SER A 82 -24.89 5.91 -31.36
N GLN A 83 -24.99 4.58 -31.49
CA GLN A 83 -23.85 3.70 -31.17
C GLN A 83 -22.64 3.92 -32.10
N ASN A 84 -22.82 4.54 -33.26
CA ASN A 84 -21.69 4.88 -34.11
C ASN A 84 -21.30 6.37 -34.05
N TRP A 85 -21.71 7.07 -32.99
CA TRP A 85 -21.50 8.50 -32.76
C TRP A 85 -22.33 9.41 -33.66
N ASN A 86 -23.21 8.86 -34.50
CA ASN A 86 -24.10 9.68 -35.31
C ASN A 86 -25.05 10.45 -34.39
N ASP A 87 -25.58 11.59 -34.88
CA ASP A 87 -26.62 12.26 -34.09
C ASP A 87 -27.77 11.28 -33.82
N TYR A 88 -28.35 11.36 -32.62
CA TYR A 88 -29.43 10.45 -32.26
C TYR A 88 -30.78 11.07 -32.63
N ASP A 89 -31.64 10.29 -33.28
CA ASP A 89 -32.96 10.77 -33.73
C ASP A 89 -34.10 10.20 -32.89
N PRO A 90 -34.72 10.97 -32.01
CA PRO A 90 -35.75 10.38 -31.14
C PRO A 90 -37.04 10.02 -31.89
N THR A 91 -37.20 10.39 -33.16
CA THR A 91 -38.42 10.02 -33.89
C THR A 91 -38.33 8.68 -34.59
N GLU A 92 -37.17 8.03 -34.57
CA GLU A 92 -37.09 6.68 -35.06
C GLU A 92 -38.07 5.78 -34.31
N GLU A 93 -38.69 4.85 -35.04
CA GLU A 93 -39.73 3.96 -34.49
C GLU A 93 -39.16 2.78 -33.71
N ILE A 94 -38.43 3.09 -32.64
CA ILE A 94 -37.82 2.13 -31.72
C ILE A 94 -38.12 2.62 -30.31
N PRO A 95 -38.06 1.73 -29.29
CA PRO A 95 -38.37 2.15 -27.91
C PRO A 95 -37.33 3.05 -27.29
N ALA A 96 -36.07 2.99 -27.77
CA ALA A 96 -34.91 3.66 -27.20
C ALA A 96 -33.74 3.31 -28.12
N PRO A 97 -32.58 3.96 -28.01
CA PRO A 97 -31.41 3.54 -28.82
C PRO A 97 -31.18 2.04 -28.71
N LEU A 98 -30.79 1.43 -29.83
CA LEU A 98 -30.55 -0.01 -29.82
C LEU A 98 -29.43 -0.36 -28.81
N GLY A 99 -29.67 -1.43 -28.03
CA GLY A 99 -28.77 -1.84 -26.97
C GLY A 99 -29.03 -1.20 -25.62
N THR A 100 -29.93 -0.23 -25.51
CA THR A 100 -30.27 0.32 -24.20
C THR A 100 -30.61 -0.82 -23.22
N PRO A 101 -30.26 -0.71 -21.93
CA PRO A 101 -30.71 -1.73 -20.97
C PRO A 101 -32.22 -1.90 -20.98
N ASP A 102 -32.69 -3.13 -20.80
CA ASP A 102 -34.14 -3.45 -20.82
C ASP A 102 -34.62 -3.99 -19.47
N PHE A 103 -33.97 -3.58 -18.40
CA PHE A 103 -34.41 -3.97 -17.04
C PHE A 103 -34.12 -2.84 -16.09
N VAL A 104 -34.85 -2.86 -14.94
CA VAL A 104 -34.68 -1.85 -13.90
C VAL A 104 -33.65 -2.35 -12.89
N GLY A 105 -32.60 -1.57 -12.73
CA GLY A 105 -31.56 -1.87 -11.75
C GLY A 105 -30.47 -0.84 -11.83
N LYS A 106 -29.35 -1.15 -11.17
CA LYS A 106 -28.20 -0.26 -11.07
C LYS A 106 -27.02 -0.97 -11.73
N ILE A 107 -26.62 -0.45 -12.89
CA ILE A 107 -25.55 -1.05 -13.71
C ILE A 107 -24.31 -0.21 -13.46
N GLN A 108 -23.23 -0.85 -12.97
CA GLN A 108 -21.99 -0.14 -12.69
C GLN A 108 -21.01 -0.42 -13.83
N GLY A 109 -20.23 0.61 -14.18
CA GLY A 109 -19.20 0.45 -15.20
C GLY A 109 -18.23 1.61 -15.12
N VAL A 110 -17.72 2.02 -16.27
CA VAL A 110 -16.70 3.07 -16.32
C VAL A 110 -17.07 4.05 -17.41
N LEU A 111 -17.07 5.35 -17.08
CA LEU A 111 -17.22 6.42 -18.05
C LEU A 111 -15.82 6.84 -18.48
N THR A 112 -15.50 6.70 -19.76
CA THR A 112 -14.21 7.16 -20.29
C THR A 112 -14.42 8.36 -21.22
N GLN A 113 -13.36 9.17 -21.37
CA GLN A 113 -13.48 10.38 -22.18
C GLN A 113 -12.12 10.68 -22.83
N THR A 114 -12.18 11.18 -24.06
CA THR A 114 -11.00 11.71 -24.75
C THR A 114 -11.23 13.18 -25.06
N THR A 115 -10.20 14.00 -24.85
CA THR A 115 -10.22 15.43 -25.25
C THR A 115 -9.65 15.52 -26.65
N ARG A 116 -10.43 16.01 -27.63
CA ARG A 116 -10.00 15.86 -29.02
C ARG A 116 -8.80 16.75 -29.36
N THR A 117 -8.60 17.89 -28.66
CA THR A 117 -7.50 18.76 -29.07
C THR A 117 -6.14 18.10 -28.87
N ASP A 118 -5.93 17.39 -27.74
CA ASP A 118 -4.61 16.86 -27.42
C ASP A 118 -4.58 15.35 -27.18
N GLY A 119 -5.70 14.64 -27.33
CA GLY A 119 -5.60 13.21 -27.07
C GLY A 119 -5.49 12.83 -25.60
N SER A 120 -5.72 13.75 -24.68
CA SER A 120 -5.71 13.41 -23.24
C SER A 120 -6.98 12.61 -22.90
N THR A 121 -6.86 11.69 -21.94
CA THR A 121 -7.95 10.76 -21.64
C THR A 121 -8.14 10.61 -20.11
N ARG A 122 -9.30 10.08 -19.74
CA ARG A 122 -9.67 9.97 -18.33
C ARG A 122 -10.77 8.92 -18.21
N GLY A 123 -10.85 8.32 -17.03
CA GLY A 123 -11.90 7.34 -16.77
C GLY A 123 -12.28 7.36 -15.31
N HIS A 124 -13.57 7.14 -15.06
CA HIS A 124 -14.11 7.15 -13.70
C HIS A 124 -15.21 6.12 -13.53
N LYS A 125 -15.28 5.57 -12.32
CA LYS A 125 -16.34 4.68 -11.90
C LYS A 125 -17.68 5.37 -12.05
N ALA A 126 -18.67 4.66 -12.61
CA ALA A 126 -19.95 5.33 -12.88
C ALA A 126 -21.06 4.29 -12.73
N THR A 127 -22.24 4.76 -12.29
CA THR A 127 -23.37 3.85 -12.17
C THR A 127 -24.56 4.52 -12.85
N VAL A 128 -25.32 3.75 -13.63
CA VAL A 128 -26.61 4.21 -14.15
C VAL A 128 -27.75 3.46 -13.43
N TYR A 129 -28.66 4.23 -12.83
CA TYR A 129 -29.87 3.67 -12.25
C TYR A 129 -30.99 3.76 -13.29
N THR A 130 -31.37 2.64 -13.87
CA THR A 130 -32.31 2.67 -15.01
C THR A 130 -33.76 2.78 -14.54
N GLY A 131 -33.99 2.76 -13.21
CA GLY A 131 -35.29 3.15 -12.70
C GLY A 131 -35.40 4.62 -12.38
N SER A 132 -34.32 5.40 -12.56
CA SER A 132 -34.33 6.82 -12.25
C SER A 132 -35.32 7.60 -13.08
N ALA A 133 -35.88 8.66 -12.48
CA ALA A 133 -36.64 9.60 -13.29
C ALA A 133 -35.79 10.23 -14.39
N ASP A 134 -34.47 10.27 -14.20
CA ASP A 134 -33.57 10.89 -15.15
C ASP A 134 -32.93 9.85 -16.09
N PHE A 135 -33.48 8.64 -16.14
CA PHE A 135 -33.11 7.66 -17.18
C PHE A 135 -34.09 7.89 -18.32
N ALA A 136 -33.68 8.62 -19.32
CA ALA A 136 -34.58 8.94 -20.44
C ALA A 136 -33.91 8.72 -21.79
N PRO A 137 -33.36 7.51 -22.04
CA PRO A 137 -32.63 7.30 -23.29
C PRO A 137 -33.44 7.52 -24.55
N LYS A 138 -34.76 7.26 -24.55
CA LYS A 138 -35.55 7.55 -25.74
C LYS A 138 -35.54 9.04 -26.08
N LEU A 139 -35.45 9.91 -25.07
CA LEU A 139 -35.29 11.34 -25.27
C LEU A 139 -33.82 11.77 -25.45
N GLY A 140 -32.89 10.80 -25.47
CA GLY A 140 -31.49 11.14 -25.62
C GLY A 140 -30.77 11.60 -24.36
N ARG A 141 -31.26 11.30 -23.16
CA ARG A 141 -30.61 11.77 -21.94
C ARG A 141 -30.56 10.67 -20.88
N VAL A 142 -29.36 10.41 -20.33
CA VAL A 142 -29.18 9.43 -19.27
C VAL A 142 -28.28 10.01 -18.20
N GLN A 143 -28.67 9.84 -16.95
CA GLN A 143 -27.88 10.37 -15.85
C GLN A 143 -26.98 9.28 -15.30
N PHE A 144 -25.74 9.66 -14.99
CA PHE A 144 -24.78 8.75 -14.36
C PHE A 144 -24.31 9.33 -13.03
N GLU A 145 -24.23 8.48 -12.01
CA GLU A 145 -23.52 8.86 -10.78
C GLU A 145 -22.07 8.49 -10.88
N THR A 146 -21.16 9.42 -10.55
CA THR A 146 -19.73 9.11 -10.69
C THR A 146 -18.97 9.37 -9.40
N ASP A 147 -17.65 9.17 -9.46
CA ASP A 147 -16.80 9.52 -8.31
C ASP A 147 -16.05 10.83 -8.48
N THR A 148 -16.53 11.74 -9.34
CA THR A 148 -15.91 13.04 -9.56
C THR A 148 -16.97 14.13 -9.70
N ASP A 149 -16.63 15.35 -9.23
CA ASP A 149 -17.43 16.56 -9.51
C ASP A 149 -16.71 17.55 -10.41
N ARG A 150 -15.63 17.15 -11.06
CA ARG A 150 -14.87 18.12 -11.84
C ARG A 150 -14.09 17.59 -13.04
N ASP A 151 -13.90 16.28 -13.17
CA ASP A 151 -12.84 15.88 -14.10
C ASP A 151 -13.33 15.82 -15.54
N PHE A 152 -14.60 15.56 -15.79
CA PHE A 152 -15.08 15.45 -17.16
C PHE A 152 -15.27 16.80 -17.81
N GLU A 153 -14.91 16.88 -19.09
CA GLU A 153 -15.08 18.10 -19.88
C GLU A 153 -16.35 18.03 -20.73
N ALA A 154 -16.89 19.22 -21.10
CA ALA A 154 -18.06 19.29 -21.97
C ALA A 154 -17.69 19.10 -23.45
N ASN A 155 -18.65 18.59 -24.22
CA ASN A 155 -18.58 18.55 -25.69
C ASN A 155 -17.51 17.58 -26.21
N GLN A 156 -16.99 16.71 -25.34
CA GLN A 156 -15.94 15.74 -25.70
C GLN A 156 -16.53 14.33 -25.73
N ASN A 157 -15.98 13.48 -26.61
CA ASN A 157 -16.51 12.11 -26.75
C ASN A 157 -16.36 11.34 -25.43
N THR A 158 -17.46 10.73 -24.96
CA THR A 158 -17.57 10.08 -23.66
C THR A 158 -18.32 8.77 -23.88
N LYS A 159 -17.84 7.68 -23.30
CA LYS A 159 -18.47 6.38 -23.41
C LYS A 159 -18.69 5.77 -22.05
N PHE A 160 -19.81 5.04 -21.88
CA PHE A 160 -20.01 4.17 -20.70
C PHE A 160 -19.86 2.70 -21.11
N THR A 161 -18.92 2.03 -20.45
CA THR A 161 -18.72 0.58 -20.66
C THR A 161 -19.32 -0.14 -19.45
N PRO A 162 -20.26 -1.04 -19.65
CA PRO A 162 -20.88 -1.73 -18.50
C PRO A 162 -19.98 -2.83 -17.99
N VAL A 163 -20.03 -3.05 -16.65
CA VAL A 163 -19.29 -4.14 -16.03
C VAL A 163 -20.22 -5.11 -15.30
N GLY A 164 -21.13 -4.59 -14.47
CA GLY A 164 -21.93 -5.48 -13.64
C GLY A 164 -23.06 -4.74 -12.95
N VAL A 165 -23.65 -5.37 -11.92
CA VAL A 165 -24.80 -4.76 -11.24
C VAL A 165 -24.52 -4.67 -9.74
N ILE A 166 -25.24 -3.79 -9.05
CA ILE A 166 -25.07 -3.60 -7.60
C ILE A 166 -26.43 -3.69 -6.91
N GLN A 167 -26.36 -3.73 -5.58
CA GLN A 167 -27.53 -3.84 -4.72
C GLN A 167 -27.15 -3.13 -3.42
N ASP A 168 -28.17 -2.56 -2.73
CA ASP A 168 -27.96 -1.95 -1.39
C ASP A 168 -27.91 -3.03 -0.30
N GLY A 169 -26.72 -3.35 0.22
CA GLY A 169 -26.60 -4.45 1.16
C GLY A 169 -27.35 -4.24 2.48
N GLY A 170 -27.83 -3.03 2.75
CA GLY A 170 -28.62 -2.86 3.96
C GLY A 170 -30.08 -3.25 3.84
N THR A 171 -30.49 -3.71 2.66
CA THR A 171 -31.84 -4.11 2.35
C THR A 171 -31.83 -5.57 1.92
N THR A 172 -33.03 -6.17 1.84
CA THR A 172 -33.22 -7.59 1.56
C THR A 172 -32.34 -8.06 0.40
N HIS A 173 -31.61 -9.16 0.61
CA HIS A 173 -30.64 -9.58 -0.41
C HIS A 173 -31.35 -10.00 -1.70
N ARG A 174 -30.67 -9.74 -2.83
CA ARG A 174 -31.16 -10.12 -4.16
CA ARG A 174 -31.13 -10.08 -4.18
C ARG A 174 -32.48 -9.44 -4.53
N ASN A 175 -32.81 -8.30 -3.90
CA ASN A 175 -34.04 -7.60 -4.24
C ASN A 175 -33.93 -6.76 -5.54
N GLU A 176 -32.74 -6.60 -6.09
CA GLU A 176 -32.51 -5.90 -7.35
C GLU A 176 -31.22 -6.47 -7.94
N PRO A 177 -31.02 -6.36 -9.28
CA PRO A 177 -31.98 -5.81 -10.26
C PRO A 177 -33.24 -6.63 -10.39
N GLN A 178 -34.20 -6.11 -11.18
CA GLN A 178 -35.45 -6.79 -11.46
C GLN A 178 -35.48 -7.01 -12.97
N GLN A 179 -35.02 -8.20 -13.40
CA GLN A 179 -34.74 -8.35 -14.83
C GLN A 179 -35.97 -8.36 -15.72
N TRP A 180 -37.18 -8.53 -15.17
CA TRP A 180 -38.39 -8.57 -15.99
C TRP A 180 -39.19 -7.28 -15.83
N VAL A 181 -38.67 -6.29 -15.15
CA VAL A 181 -39.32 -4.97 -15.06
C VAL A 181 -38.68 -4.04 -16.09
N LEU A 182 -39.43 -3.65 -17.13
CA LEU A 182 -38.90 -2.70 -18.13
C LEU A 182 -38.72 -1.32 -17.52
N PRO A 183 -37.68 -0.59 -17.91
CA PRO A 183 -37.59 0.84 -17.61
C PRO A 183 -38.65 1.63 -18.35
N SER A 184 -38.85 2.86 -17.85
CA SER A 184 -39.51 3.88 -18.65
C SER A 184 -38.45 4.56 -19.51
N TYR A 185 -38.48 4.29 -20.81
CA TYR A 185 -37.42 4.76 -21.68
C TYR A 185 -37.45 6.27 -21.88
N SER A 186 -38.59 6.93 -21.60
CA SER A 186 -38.64 8.39 -21.68
C SER A 186 -38.69 9.05 -20.30
N GLY A 187 -38.19 8.40 -19.26
CA GLY A 187 -38.18 8.94 -17.92
C GLY A 187 -39.55 9.40 -17.46
N ARG A 188 -40.58 8.67 -17.89
CA ARG A 188 -41.98 8.92 -17.54
C ARG A 188 -42.49 10.20 -18.15
N ASN A 189 -41.79 10.78 -19.13
CA ASN A 189 -42.43 11.88 -19.85
C ASN A 189 -43.61 11.40 -20.68
N THR A 190 -43.61 10.14 -21.09
CA THR A 190 -44.64 9.50 -21.87
C THR A 190 -44.46 7.98 -21.73
N HIS A 191 -45.37 7.22 -22.31
CA HIS A 191 -45.32 5.77 -22.19
C HIS A 191 -44.32 5.18 -23.18
N ASN A 192 -43.92 3.94 -22.92
CA ASN A 192 -43.02 3.26 -23.84
C ASN A 192 -43.71 3.01 -25.17
N VAL A 193 -42.92 3.05 -26.23
CA VAL A 193 -43.41 2.85 -27.59
C VAL A 193 -42.61 1.80 -28.35
N HIS A 194 -43.29 1.20 -29.34
CA HIS A 194 -42.66 0.34 -30.34
C HIS A 194 -42.04 -0.89 -29.71
N LEU A 195 -42.62 -1.39 -28.62
CA LEU A 195 -42.04 -2.52 -27.89
C LEU A 195 -42.21 -3.84 -28.64
N ALA A 196 -41.19 -4.71 -28.57
CA ALA A 196 -41.42 -6.11 -28.85
C ALA A 196 -42.45 -6.67 -27.86
N PRO A 197 -43.36 -7.56 -28.29
CA PRO A 197 -44.48 -7.93 -27.41
C PRO A 197 -44.05 -8.82 -26.25
N ALA A 198 -44.88 -8.82 -25.20
CA ALA A 198 -44.67 -9.79 -24.15
C ALA A 198 -44.85 -11.21 -24.67
N VAL A 199 -44.13 -12.16 -24.07
CA VAL A 199 -44.20 -13.55 -24.51
C VAL A 199 -44.73 -14.42 -23.37
N ALA A 200 -45.48 -15.44 -23.76
CA ALA A 200 -45.90 -16.40 -22.75
C ALA A 200 -46.18 -17.72 -23.43
N PRO A 201 -45.89 -18.86 -22.80
CA PRO A 201 -46.28 -20.13 -23.42
C PRO A 201 -47.81 -20.17 -23.51
N THR A 202 -48.33 -20.60 -24.65
CA THR A 202 -49.78 -20.72 -24.76
C THR A 202 -50.28 -22.17 -24.79
N PHE A 203 -49.40 -23.13 -25.05
CA PHE A 203 -49.70 -24.54 -25.22
C PHE A 203 -49.73 -25.26 -23.87
N PRO A 204 -50.69 -26.14 -23.64
CA PRO A 204 -50.81 -26.79 -22.33
C PRO A 204 -49.53 -27.51 -21.90
N GLY A 205 -49.12 -27.24 -20.67
CA GLY A 205 -47.98 -27.89 -20.07
C GLY A 205 -46.62 -27.36 -20.50
N GLU A 206 -46.59 -26.27 -21.26
CA GLU A 206 -45.30 -25.73 -21.71
C GLU A 206 -44.86 -24.57 -20.84
N GLN A 207 -43.53 -24.40 -20.79
CA GLN A 207 -42.84 -23.28 -20.17
C GLN A 207 -41.85 -22.70 -21.16
N LEU A 208 -41.54 -21.42 -21.00
CA LEU A 208 -40.38 -20.86 -21.68
C LEU A 208 -39.08 -21.62 -21.31
N LEU A 209 -38.16 -21.66 -22.28
CA LEU A 209 -36.78 -22.11 -22.08
C LEU A 209 -35.93 -20.86 -22.14
N PHE A 210 -35.20 -20.61 -21.07
CA PHE A 210 -34.36 -19.43 -20.90
C PHE A 210 -32.89 -19.77 -21.12
N PHE A 211 -32.19 -18.87 -21.81
CA PHE A 211 -30.74 -18.95 -21.96
C PHE A 211 -30.12 -18.05 -20.91
N ARG A 212 -29.46 -18.63 -19.94
CA ARG A 212 -29.16 -17.95 -18.68
C ARG A 212 -27.69 -17.66 -18.50
N SER A 213 -27.40 -16.48 -17.96
CA SER A 213 -26.05 -16.09 -17.52
C SER A 213 -26.09 -15.60 -16.09
N THR A 214 -24.92 -15.38 -15.52
CA THR A 214 -24.73 -14.77 -14.18
C THR A 214 -24.01 -13.44 -14.42
N MET A 215 -24.70 -12.32 -14.22
CA MET A 215 -24.02 -11.03 -14.39
C MET A 215 -22.97 -10.81 -13.30
N PRO A 216 -21.85 -10.17 -13.60
CA PRO A 216 -20.93 -9.77 -12.52
C PRO A 216 -21.64 -8.86 -11.55
N GLY A 217 -21.32 -9.02 -10.26
CA GLY A 217 -21.74 -8.09 -9.21
C GLY A 217 -20.58 -7.23 -8.76
N CYS A 218 -20.87 -5.92 -8.56
CA CYS A 218 -19.84 -4.97 -8.18
C CYS A 218 -19.95 -4.46 -6.75
N SER A 219 -21.06 -4.74 -6.06
CA SER A 219 -21.20 -4.28 -4.69
C SER A 219 -22.50 -4.84 -4.16
N GLY A 220 -22.56 -5.11 -2.87
CA GLY A 220 -23.84 -5.56 -2.30
C GLY A 220 -24.18 -7.00 -2.63
N TYR A 221 -25.48 -7.31 -2.59
CA TYR A 221 -25.98 -8.67 -2.75
C TYR A 221 -26.99 -8.70 -3.91
N PRO A 222 -26.55 -8.43 -5.13
CA PRO A 222 -27.48 -8.36 -6.27
C PRO A 222 -28.00 -9.73 -6.67
N ASN A 223 -29.19 -9.70 -7.28
CA ASN A 223 -29.70 -10.82 -8.05
C ASN A 223 -29.01 -10.82 -9.41
N MET A 224 -28.09 -11.77 -9.62
CA MET A 224 -27.26 -11.80 -10.82
C MET A 224 -27.83 -12.67 -11.93
N ASP A 225 -28.97 -13.31 -11.73
CA ASP A 225 -29.55 -14.10 -12.81
C ASP A 225 -29.95 -13.21 -13.96
N LEU A 226 -29.61 -13.63 -15.19
CA LEU A 226 -30.04 -12.90 -16.39
C LEU A 226 -30.44 -13.87 -17.48
N ASP A 227 -31.70 -13.85 -17.83
CA ASP A 227 -32.28 -14.76 -18.82
C ASP A 227 -32.61 -14.06 -20.13
N CYS A 228 -32.13 -14.61 -21.24
CA CYS A 228 -32.57 -14.09 -22.54
C CYS A 228 -33.36 -15.13 -23.32
N LEU A 229 -34.16 -14.63 -24.30
CA LEU A 229 -35.06 -15.52 -25.03
C LEU A 229 -34.36 -16.19 -26.21
N LEU A 230 -33.31 -15.55 -26.71
CA LEU A 230 -32.51 -16.05 -27.85
C LEU A 230 -31.04 -15.72 -27.57
N PRO A 231 -30.11 -16.64 -27.76
CA PRO A 231 -28.70 -16.24 -27.77
C PRO A 231 -28.41 -15.14 -28.79
N GLN A 232 -27.43 -14.28 -28.46
CA GLN A 232 -27.08 -13.23 -29.42
C GLN A 232 -26.67 -13.82 -30.78
N GLU A 233 -26.02 -14.99 -30.77
CA GLU A 233 -25.60 -15.58 -32.04
C GLU A 233 -26.78 -16.05 -32.87
N TRP A 234 -27.91 -16.37 -32.22
CA TRP A 234 -29.07 -16.76 -33.00
C TRP A 234 -29.66 -15.52 -33.66
N VAL A 235 -29.67 -14.38 -32.96
CA VAL A 235 -30.11 -13.12 -33.56
C VAL A 235 -29.24 -12.82 -34.76
N GLN A 236 -27.93 -12.93 -34.57
CA GLN A 236 -27.01 -12.62 -35.68
C GLN A 236 -27.22 -13.55 -36.87
N TYR A 237 -27.39 -14.85 -36.59
CA TYR A 237 -27.56 -15.86 -37.63
C TYR A 237 -28.88 -15.69 -38.36
N PHE A 238 -29.99 -15.49 -37.63
CA PHE A 238 -31.27 -15.33 -38.34
C PHE A 238 -31.28 -14.06 -39.19
N TYR A 239 -30.66 -13.00 -38.70
CA TYR A 239 -30.55 -11.77 -39.51
C TYR A 239 -29.80 -12.01 -40.81
N GLN A 240 -28.72 -12.82 -40.77
CA GLN A 240 -27.97 -13.13 -41.98
C GLN A 240 -28.73 -14.05 -42.92
N GLU A 241 -29.31 -15.14 -42.36
CA GLU A 241 -29.90 -16.17 -43.21
C GLU A 241 -31.21 -15.70 -43.82
N ALA A 242 -32.05 -15.03 -43.01
CA ALA A 242 -33.36 -14.56 -43.45
C ALA A 242 -34.14 -15.67 -44.15
N ALA A 243 -34.13 -16.86 -43.55
CA ALA A 243 -34.85 -17.99 -44.16
C ALA A 243 -36.33 -17.90 -43.83
N PRO A 244 -37.23 -18.07 -44.81
CA PRO A 244 -38.65 -17.92 -44.50
C PRO A 244 -39.19 -19.01 -43.57
N ALA A 245 -40.12 -18.61 -42.73
CA ALA A 245 -40.74 -19.54 -41.77
C ALA A 245 -41.85 -20.29 -42.50
N GLN A 246 -41.74 -21.61 -42.60
CA GLN A 246 -42.80 -22.36 -43.29
C GLN A 246 -44.03 -22.61 -42.42
N SER A 247 -43.90 -22.48 -41.10
CA SER A 247 -45.04 -22.48 -40.18
C SER A 247 -44.68 -21.54 -39.05
N ASP A 248 -45.51 -21.49 -38.02
CA ASP A 248 -45.18 -20.64 -36.88
C ASP A 248 -44.27 -21.31 -35.85
N VAL A 249 -43.90 -22.58 -36.01
CA VAL A 249 -43.18 -23.33 -34.97
C VAL A 249 -42.11 -24.19 -35.63
N ALA A 250 -40.85 -23.95 -35.27
CA ALA A 250 -39.73 -24.80 -35.68
C ALA A 250 -39.39 -25.80 -34.57
N LEU A 251 -39.31 -27.09 -34.93
CA LEU A 251 -39.00 -28.13 -33.97
C LEU A 251 -37.49 -28.28 -33.93
N LEU A 252 -36.88 -28.07 -32.75
CA LEU A 252 -35.45 -28.26 -32.51
C LEU A 252 -35.20 -29.46 -31.60
N ARG A 253 -34.15 -30.23 -31.91
CA ARG A 253 -33.65 -31.25 -31.00
C ARG A 253 -32.28 -30.85 -30.47
N PHE A 254 -32.06 -31.05 -29.20
CA PHE A 254 -30.76 -30.78 -28.59
C PHE A 254 -30.02 -32.10 -28.59
N VAL A 255 -28.85 -32.11 -29.25
CA VAL A 255 -28.18 -33.38 -29.63
C VAL A 255 -26.75 -33.44 -29.13
N ASN A 256 -26.30 -34.68 -28.79
CA ASN A 256 -24.90 -34.91 -28.43
C ASN A 256 -24.16 -35.36 -29.68
N PRO A 257 -23.20 -34.59 -30.19
CA PRO A 257 -22.67 -34.89 -31.51
C PRO A 257 -21.73 -36.09 -31.52
N ASP A 258 -21.31 -36.55 -30.35
CA ASP A 258 -20.50 -37.78 -30.26
C ASP A 258 -21.34 -39.01 -30.57
N THR A 259 -22.54 -39.04 -30.03
CA THR A 259 -23.36 -40.23 -30.05
C THR A 259 -24.59 -40.11 -30.94
N GLY A 260 -24.95 -38.90 -31.38
CA GLY A 260 -26.23 -38.66 -32.01
C GLY A 260 -27.42 -38.69 -31.07
N ARG A 261 -27.23 -38.91 -29.78
CA ARG A 261 -28.38 -39.04 -28.86
C ARG A 261 -29.06 -37.69 -28.70
N VAL A 262 -30.38 -37.69 -28.83
CA VAL A 262 -31.20 -36.51 -28.57
C VAL A 262 -31.46 -36.43 -27.07
N LEU A 263 -31.09 -35.28 -26.45
CA LEU A 263 -31.36 -35.08 -25.00
C LEU A 263 -32.80 -34.63 -24.76
N PHE A 264 -33.30 -33.69 -25.57
CA PHE A 264 -34.67 -33.17 -25.46
C PHE A 264 -35.04 -32.49 -26.76
N GLU A 265 -36.31 -32.15 -26.90
CA GLU A 265 -36.77 -31.35 -28.02
C GLU A 265 -37.53 -30.14 -27.50
N CYS A 266 -37.57 -29.11 -28.32
CA CYS A 266 -38.23 -27.85 -27.93
C CYS A 266 -38.78 -27.17 -29.17
N LYS A 267 -39.64 -26.17 -28.93
CA LYS A 267 -40.25 -25.38 -29.99
C LYS A 267 -39.57 -24.01 -30.07
N LEU A 268 -39.08 -23.64 -31.26
CA LEU A 268 -38.65 -22.26 -31.50
C LEU A 268 -39.74 -21.58 -32.28
N HIS A 269 -40.41 -20.64 -31.63
CA HIS A 269 -41.52 -19.92 -32.23
C HIS A 269 -41.03 -18.87 -33.23
N LYS A 270 -41.79 -18.69 -34.32
CA LYS A 270 -41.37 -17.80 -35.39
C LYS A 270 -41.09 -16.38 -34.89
N SER A 271 -41.84 -15.93 -33.88
CA SER A 271 -41.67 -14.59 -33.38
C SER A 271 -40.49 -14.47 -32.40
N GLY A 272 -39.79 -15.59 -32.10
CA GLY A 272 -38.46 -15.51 -31.51
C GLY A 272 -38.37 -15.84 -30.03
N TYR A 273 -38.80 -17.03 -29.65
CA TYR A 273 -38.62 -17.51 -28.28
C TYR A 273 -38.80 -19.02 -28.31
N VAL A 274 -38.46 -19.69 -27.20
CA VAL A 274 -38.39 -21.15 -27.17
C VAL A 274 -39.25 -21.65 -26.02
N THR A 275 -39.99 -22.75 -26.22
CA THR A 275 -40.73 -23.40 -25.13
C THR A 275 -40.35 -24.89 -25.04
N VAL A 276 -40.58 -25.46 -23.83
CA VAL A 276 -40.37 -26.89 -23.57
C VAL A 276 -41.60 -27.41 -22.83
N ALA A 277 -41.78 -28.72 -22.85
CA ALA A 277 -42.87 -29.33 -22.09
C ALA A 277 -42.34 -29.75 -20.73
N HIS A 278 -42.66 -28.97 -19.72
CA HIS A 278 -42.12 -29.17 -18.37
C HIS A 278 -42.89 -28.31 -17.41
N THR A 279 -43.06 -28.80 -16.18
CA THR A 279 -43.63 -28.03 -15.08
C THR A 279 -42.61 -27.95 -13.94
N GLY A 280 -42.20 -26.74 -13.57
CA GLY A 280 -41.31 -26.54 -12.44
C GLY A 280 -40.11 -25.69 -12.80
N GLN A 281 -39.39 -25.26 -11.75
CA GLN A 281 -38.19 -24.42 -11.87
C GLN A 281 -36.96 -25.33 -11.82
N HIS A 282 -36.33 -25.54 -12.97
CA HIS A 282 -35.20 -26.48 -13.00
C HIS A 282 -34.11 -25.98 -13.92
N ASP A 283 -32.87 -26.24 -13.52
CA ASP A 283 -31.73 -26.13 -14.42
C ASP A 283 -31.62 -27.39 -15.27
N LEU A 284 -31.38 -27.24 -16.56
CA LEU A 284 -31.07 -28.39 -17.40
C LEU A 284 -29.59 -28.74 -17.24
N VAL A 285 -29.30 -30.03 -17.08
CA VAL A 285 -27.92 -30.51 -17.03
C VAL A 285 -27.60 -31.12 -18.41
N ILE A 286 -26.57 -30.60 -19.10
CA ILE A 286 -26.39 -30.88 -20.52
C ILE A 286 -24.96 -31.38 -20.76
N PRO A 287 -24.72 -32.08 -21.87
CA PRO A 287 -23.34 -32.35 -22.28
C PRO A 287 -22.69 -31.08 -22.77
N PRO A 288 -21.43 -30.81 -22.41
CA PRO A 288 -20.83 -29.53 -22.82
C PRO A 288 -20.73 -29.39 -24.33
N ASN A 289 -20.67 -30.50 -25.07
CA ASN A 289 -20.64 -30.40 -26.52
C ASN A 289 -22.01 -30.45 -27.17
N GLY A 290 -23.10 -30.39 -26.41
CA GLY A 290 -24.42 -30.46 -27.03
C GLY A 290 -24.78 -29.18 -27.76
N TYR A 291 -25.62 -29.31 -28.78
CA TYR A 291 -26.03 -28.15 -29.58
C TYR A 291 -27.45 -28.36 -30.09
N PHE A 292 -28.10 -27.27 -30.49
CA PHE A 292 -29.46 -27.35 -31.06
C PHE A 292 -29.43 -27.60 -32.57
N ARG A 293 -30.38 -28.43 -33.04
CA ARG A 293 -30.51 -28.81 -34.46
C ARG A 293 -31.96 -28.67 -34.91
N PHE A 294 -32.19 -27.90 -36.00
CA PHE A 294 -33.54 -27.74 -36.53
C PHE A 294 -33.94 -28.99 -37.32
N ASP A 295 -35.06 -29.61 -36.98
CA ASP A 295 -35.46 -30.86 -37.65
C ASP A 295 -36.67 -30.72 -38.55
N SER A 296 -37.64 -29.89 -38.21
CA SER A 296 -38.87 -29.87 -38.96
C SER A 296 -39.69 -28.64 -38.58
N TRP A 297 -40.38 -28.05 -39.54
CA TRP A 297 -41.49 -27.15 -39.22
C TRP A 297 -42.68 -28.01 -38.79
N VAL A 298 -43.44 -27.54 -37.80
CA VAL A 298 -44.57 -28.32 -37.29
C VAL A 298 -45.75 -27.39 -37.13
N ASN A 299 -46.93 -27.96 -37.01
CA ASN A 299 -48.15 -27.14 -36.97
C ASN A 299 -48.45 -26.70 -35.54
N GLN A 300 -49.58 -26.00 -35.33
CA GLN A 300 -49.85 -25.43 -34.01
C GLN A 300 -50.23 -26.47 -32.95
N PHE A 301 -50.46 -27.73 -33.37
CA PHE A 301 -50.94 -28.77 -32.44
C PHE A 301 -49.85 -29.72 -31.93
N TYR A 302 -48.62 -29.56 -32.41
CA TYR A 302 -47.56 -30.51 -32.13
C TYR A 302 -47.23 -30.53 -30.64
N THR A 303 -47.23 -31.73 -30.05
CA THR A 303 -47.00 -31.94 -28.62
C THR A 303 -45.56 -32.39 -28.42
N LEU A 304 -44.80 -31.62 -27.63
CA LEU A 304 -43.41 -31.98 -27.39
C LEU A 304 -43.29 -33.18 -26.47
N ALA A 305 -42.22 -33.96 -26.67
CA ALA A 305 -41.85 -34.95 -25.67
C ALA A 305 -41.54 -34.29 -24.32
N PRO A 306 -42.15 -34.73 -23.23
CA PRO A 306 -41.93 -34.08 -21.93
C PRO A 306 -40.49 -34.23 -21.46
N MET A 307 -40.04 -33.21 -20.75
CA MET A 307 -38.75 -33.28 -20.08
C MET A 307 -38.94 -33.03 -18.58
N GLY A 308 -37.89 -33.37 -17.83
CA GLY A 308 -37.84 -33.16 -16.41
C GLY A 308 -38.55 -34.18 -15.54
N THR B 1 -24.55 -26.92 -48.45
CA THR B 1 -23.11 -26.71 -48.63
C THR B 1 -22.92 -25.59 -49.67
N LYS B 2 -23.23 -24.35 -49.24
CA LYS B 2 -23.20 -23.16 -50.07
C LYS B 2 -21.77 -22.83 -50.50
N PRO B 3 -21.62 -22.09 -51.64
CA PRO B 3 -20.32 -21.52 -51.97
C PRO B 3 -19.77 -20.68 -50.85
N PHE B 4 -18.47 -20.52 -50.81
CA PHE B 4 -17.84 -19.58 -49.86
C PHE B 4 -18.46 -18.19 -49.98
N SER B 5 -18.58 -17.48 -48.85
CA SER B 5 -19.13 -16.12 -48.83
C SER B 5 -18.58 -15.41 -47.59
N VAL B 6 -18.86 -14.11 -47.52
CA VAL B 6 -18.64 -13.31 -46.30
C VAL B 6 -20.00 -12.74 -45.91
N PRO B 7 -20.17 -12.35 -44.65
CA PRO B 7 -21.50 -11.91 -44.22
C PRO B 7 -21.85 -10.56 -44.83
N VAL B 8 -23.17 -10.36 -45.03
CA VAL B 8 -23.69 -9.05 -45.41
C VAL B 8 -23.81 -8.18 -44.14
N LEU B 9 -22.73 -7.48 -43.83
CA LEU B 9 -22.64 -6.59 -42.67
C LEU B 9 -21.85 -5.36 -43.08
N THR B 10 -22.31 -4.18 -42.68
CA THR B 10 -21.53 -2.98 -42.90
C THR B 10 -20.34 -2.92 -41.94
N VAL B 11 -19.42 -2.01 -42.21
CA VAL B 11 -18.28 -1.84 -41.30
C VAL B 11 -18.74 -1.53 -39.87
N GLU B 12 -19.70 -0.59 -39.71
CA GLU B 12 -20.11 -0.18 -38.37
C GLU B 12 -20.96 -1.22 -37.67
N GLU B 13 -21.55 -2.14 -38.41
CA GLU B 13 -22.26 -3.26 -37.79
C GLU B 13 -21.33 -4.34 -37.24
N MET B 14 -20.02 -4.22 -37.44
CA MET B 14 -19.12 -5.33 -37.10
C MET B 14 -18.24 -4.89 -35.90
N THR B 15 -17.45 -5.82 -35.39
CA THR B 15 -16.74 -5.72 -34.11
C THR B 15 -15.26 -5.97 -34.34
N ASN B 16 -14.40 -5.20 -33.67
CA ASN B 16 -12.97 -5.53 -33.69
C ASN B 16 -12.76 -6.91 -33.09
N SER B 17 -11.83 -7.68 -33.65
CA SER B 17 -11.52 -8.99 -33.09
C SER B 17 -10.36 -8.95 -32.11
N ARG B 18 -9.80 -7.77 -31.80
CA ARG B 18 -8.68 -7.67 -30.87
C ARG B 18 -8.99 -6.89 -29.59
N PHE B 19 -10.19 -6.26 -29.50
CA PHE B 19 -10.65 -5.60 -28.25
C PHE B 19 -12.17 -5.50 -28.41
N PRO B 20 -12.95 -5.65 -27.34
CA PRO B 20 -14.45 -5.72 -27.49
C PRO B 20 -15.09 -4.36 -27.73
N ILE B 21 -14.90 -3.85 -28.98
CA ILE B 21 -15.41 -2.54 -29.40
C ILE B 21 -15.78 -2.60 -30.88
N PRO B 22 -16.69 -1.75 -31.34
CA PRO B 22 -17.09 -1.79 -32.77
C PRO B 22 -15.97 -1.39 -33.69
N LEU B 23 -16.09 -1.84 -34.95
CA LEU B 23 -15.26 -1.29 -36.00
C LEU B 23 -15.70 0.13 -36.35
N GLU B 24 -14.75 0.92 -36.84
CA GLU B 24 -15.05 2.31 -37.21
C GLU B 24 -14.70 2.62 -38.65
N LYS B 25 -13.60 2.04 -39.19
CA LYS B 25 -13.16 2.44 -40.51
C LYS B 25 -12.23 1.38 -41.09
N LEU B 26 -11.99 1.52 -42.39
CA LEU B 26 -11.01 0.71 -43.11
C LEU B 26 -9.77 1.57 -43.39
N PHE B 27 -8.58 1.00 -43.15
CA PHE B 27 -7.32 1.72 -43.25
C PHE B 27 -6.30 0.86 -43.98
N THR B 28 -5.52 1.47 -44.88
CA THR B 28 -4.42 0.71 -45.49
C THR B 28 -3.12 1.49 -45.35
N GLY B 29 -2.01 0.78 -45.13
CA GLY B 29 -0.70 1.41 -45.08
C GLY B 29 0.36 0.35 -45.31
N PRO B 30 1.59 0.77 -45.58
CA PRO B 30 2.67 -0.23 -45.71
C PRO B 30 3.02 -0.80 -44.33
N SER B 31 3.53 -2.03 -44.33
CA SER B 31 3.88 -2.67 -43.06
C SER B 31 5.19 -3.42 -43.16
N SER B 32 5.99 -3.14 -44.19
CA SER B 32 7.25 -3.85 -44.38
C SER B 32 8.22 -3.58 -43.26
N ALA B 33 7.99 -2.55 -42.46
CA ALA B 33 8.97 -2.08 -41.51
C ALA B 33 8.83 -2.72 -40.15
N PHE B 34 7.68 -3.33 -39.84
CA PHE B 34 7.48 -3.98 -38.55
C PHE B 34 6.83 -5.33 -38.79
N VAL B 35 6.65 -6.09 -37.71
CA VAL B 35 6.09 -7.44 -37.79
C VAL B 35 4.60 -7.38 -37.49
N VAL B 36 3.76 -7.89 -38.38
CA VAL B 36 2.32 -7.88 -38.16
C VAL B 36 1.92 -9.32 -37.79
N GLN B 37 1.72 -9.57 -36.49
CA GLN B 37 1.48 -10.96 -36.09
C GLN B 37 0.46 -11.02 -34.96
N PRO B 38 -0.71 -10.41 -35.15
CA PRO B 38 -1.69 -10.46 -34.05
C PRO B 38 -2.19 -11.89 -33.84
N GLN B 39 -2.58 -12.19 -32.59
CA GLN B 39 -3.05 -13.52 -32.26
C GLN B 39 -4.56 -13.64 -32.07
N ASN B 40 -5.26 -12.54 -31.80
CA ASN B 40 -6.72 -12.52 -31.82
C ASN B 40 -7.17 -12.08 -33.21
N GLY B 41 -8.38 -12.49 -33.61
CA GLY B 41 -8.86 -12.26 -34.97
C GLY B 41 -8.13 -13.01 -36.05
N ARG B 42 -7.74 -14.25 -35.77
CA ARG B 42 -7.01 -15.11 -36.71
C ARG B 42 -7.81 -16.37 -36.99
N CYS B 43 -8.14 -16.59 -38.26
CA CYS B 43 -9.00 -17.68 -38.69
C CYS B 43 -8.83 -17.90 -40.18
N THR B 44 -8.71 -19.17 -40.60
CA THR B 44 -8.72 -19.37 -42.03
C THR B 44 -10.11 -19.19 -42.65
N THR B 45 -10.16 -19.02 -43.99
CA THR B 45 -11.44 -18.86 -44.63
C THR B 45 -12.31 -20.10 -44.47
N ASP B 46 -11.72 -21.30 -44.30
CA ASP B 46 -12.53 -22.48 -44.09
C ASP B 46 -12.81 -22.78 -42.60
N GLY B 47 -12.56 -21.83 -41.71
CA GLY B 47 -13.14 -21.93 -40.37
C GLY B 47 -12.22 -22.50 -39.31
N VAL B 48 -10.91 -22.52 -39.53
CA VAL B 48 -9.96 -22.98 -38.52
C VAL B 48 -9.48 -21.78 -37.71
N LEU B 49 -9.81 -21.74 -36.42
CA LEU B 49 -9.32 -20.68 -35.56
C LEU B 49 -7.84 -20.86 -35.28
N LEU B 50 -7.10 -19.74 -35.24
CA LEU B 50 -5.66 -19.73 -35.04
C LEU B 50 -5.26 -18.86 -33.86
N GLY B 51 -4.02 -19.02 -33.40
CA GLY B 51 -3.51 -18.15 -32.35
C GLY B 51 -4.26 -18.32 -31.03
N THR B 52 -4.68 -17.18 -30.45
CA THR B 52 -5.52 -17.18 -29.26
C THR B 52 -7.00 -16.85 -29.60
N THR B 53 -7.39 -17.01 -30.85
CA THR B 53 -8.74 -16.59 -31.24
C THR B 53 -9.83 -17.55 -30.74
N GLN B 54 -10.90 -16.97 -30.19
CA GLN B 54 -12.11 -17.72 -29.88
C GLN B 54 -13.31 -16.95 -30.43
N LEU B 55 -14.51 -17.45 -30.17
CA LEU B 55 -15.67 -16.99 -30.95
C LEU B 55 -16.39 -15.80 -30.34
N SER B 56 -16.33 -15.63 -29.02
CA SER B 56 -17.13 -14.61 -28.30
C SER B 56 -16.48 -13.24 -28.37
N PRO B 57 -17.15 -12.20 -28.90
CA PRO B 57 -16.53 -10.87 -28.87
C PRO B 57 -16.31 -10.37 -27.44
N VAL B 58 -17.20 -10.80 -26.54
CA VAL B 58 -17.15 -10.23 -25.19
C VAL B 58 -16.04 -10.85 -24.36
N ASN B 59 -15.42 -11.95 -24.81
CA ASN B 59 -14.32 -12.52 -24.04
C ASN B 59 -12.96 -12.01 -24.46
N ILE B 60 -12.89 -11.17 -25.50
CA ILE B 60 -11.60 -10.65 -25.92
C ILE B 60 -11.01 -9.74 -24.83
N CYS B 61 -9.79 -10.02 -24.39
CA CYS B 61 -9.09 -9.32 -23.31
C CYS B 61 -9.78 -9.42 -21.95
N THR B 62 -10.63 -10.43 -21.76
CA THR B 62 -11.14 -10.76 -20.43
CA THR B 62 -11.17 -10.77 -20.45
C THR B 62 -10.34 -11.89 -19.81
N PHE B 63 -10.27 -11.87 -18.47
CA PHE B 63 -9.62 -12.95 -17.72
C PHE B 63 -10.58 -13.40 -16.62
N ARG B 64 -10.51 -14.70 -16.30
CA ARG B 64 -11.30 -15.29 -15.21
C ARG B 64 -10.39 -16.18 -14.37
N GLY B 65 -10.62 -16.21 -13.06
CA GLY B 65 -9.81 -17.08 -12.22
C GLY B 65 -10.12 -16.85 -10.75
N ASP B 66 -9.14 -17.12 -9.90
CA ASP B 66 -9.22 -16.68 -8.50
C ASP B 66 -7.93 -15.92 -8.20
N VAL B 67 -7.88 -15.17 -7.09
CA VAL B 67 -6.78 -14.24 -6.88
C VAL B 67 -6.15 -14.43 -5.50
N THR B 68 -4.88 -14.07 -5.43
CA THR B 68 -4.17 -13.97 -4.14
C THR B 68 -3.31 -12.74 -4.19
N HIS B 69 -2.84 -12.32 -3.03
CA HIS B 69 -1.86 -11.23 -2.99
C HIS B 69 -0.93 -11.45 -1.81
N ILE B 70 0.22 -10.81 -1.90
CA ILE B 70 1.11 -10.63 -0.76
C ILE B 70 0.46 -9.67 0.23
N THR B 71 0.59 -9.97 1.54
CA THR B 71 -0.04 -9.13 2.54
C THR B 71 0.34 -7.67 2.33
N GLY B 72 -0.67 -6.78 2.39
CA GLY B 72 -0.49 -5.34 2.26
C GLY B 72 -0.32 -4.81 0.82
N SER B 73 -0.36 -5.69 -0.18
CA SER B 73 -0.11 -5.29 -1.58
C SER B 73 -1.40 -4.98 -2.35
N ARG B 74 -1.31 -3.96 -3.20
CA ARG B 74 -2.38 -3.62 -4.14
C ARG B 74 -2.34 -4.49 -5.39
N ASN B 75 -1.33 -5.30 -5.56
CA ASN B 75 -1.18 -6.16 -6.74
C ASN B 75 -1.73 -7.54 -6.42
N TYR B 76 -2.62 -8.04 -7.28
CA TYR B 76 -3.21 -9.36 -7.08
C TYR B 76 -2.79 -10.26 -8.23
N THR B 77 -2.34 -11.47 -7.91
CA THR B 77 -2.07 -12.48 -8.93
C THR B 77 -3.33 -13.28 -9.18
N MET B 78 -3.77 -13.36 -10.45
CA MET B 78 -4.89 -14.22 -10.78
C MET B 78 -4.38 -15.55 -11.32
N ASN B 79 -4.84 -16.64 -10.70
CA ASN B 79 -4.60 -18.00 -11.22
C ASN B 79 -5.69 -18.24 -12.25
N LEU B 80 -5.34 -18.29 -13.54
CA LEU B 80 -6.33 -18.27 -14.62
C LEU B 80 -7.10 -19.57 -14.73
N ALA B 81 -8.38 -19.43 -14.99
CA ALA B 81 -9.21 -20.50 -15.54
C ALA B 81 -9.40 -20.27 -17.03
N SER B 82 -9.99 -21.26 -17.68
CA SER B 82 -10.47 -21.06 -19.03
C SER B 82 -11.68 -20.11 -19.02
N GLN B 83 -12.13 -19.67 -20.21
CA GLN B 83 -13.19 -18.65 -20.29
C GLN B 83 -14.54 -19.16 -19.77
N ASN B 84 -14.71 -20.49 -19.67
CA ASN B 84 -15.93 -21.08 -19.14
C ASN B 84 -15.73 -21.58 -17.69
N TRP B 85 -14.69 -21.09 -17.02
CA TRP B 85 -14.32 -21.43 -15.63
C TRP B 85 -13.76 -22.84 -15.48
N ASN B 86 -13.53 -23.55 -16.58
CA ASN B 86 -12.88 -24.86 -16.50
C ASN B 86 -11.41 -24.70 -16.08
N ASP B 87 -10.82 -25.78 -15.59
CA ASP B 87 -9.40 -25.74 -15.24
C ASP B 87 -8.60 -25.41 -16.51
N TYR B 88 -7.55 -24.61 -16.35
CA TYR B 88 -6.74 -24.24 -17.50
C TYR B 88 -5.56 -25.20 -17.61
N ASP B 89 -5.32 -25.68 -18.81
CA ASP B 89 -4.29 -26.68 -19.10
C ASP B 89 -3.15 -26.04 -19.90
N PRO B 90 -1.99 -25.78 -19.29
CA PRO B 90 -0.88 -25.12 -20.01
C PRO B 90 -0.24 -26.00 -21.06
N THR B 91 -0.57 -27.29 -21.17
CA THR B 91 0.02 -28.12 -22.22
C THR B 91 -0.77 -28.09 -23.54
N GLU B 92 -1.93 -27.42 -23.56
CA GLU B 92 -2.67 -27.23 -24.81
C GLU B 92 -1.80 -26.47 -25.82
N GLU B 93 -1.98 -26.81 -27.10
CA GLU B 93 -1.12 -26.28 -28.16
C GLU B 93 -1.68 -24.94 -28.67
N ILE B 94 -1.68 -23.98 -27.76
CA ILE B 94 -2.08 -22.59 -28.01
C ILE B 94 -1.04 -21.68 -27.37
N PRO B 95 -0.96 -20.40 -27.81
CA PRO B 95 0.03 -19.47 -27.22
C PRO B 95 -0.25 -19.12 -25.77
N ALA B 96 -1.53 -19.09 -25.38
CA ALA B 96 -2.03 -18.57 -24.11
C ALA B 96 -3.52 -18.85 -24.10
N PRO B 97 -4.20 -18.65 -22.99
CA PRO B 97 -5.66 -18.87 -22.96
C PRO B 97 -6.35 -18.04 -24.03
N LEU B 98 -7.41 -18.59 -24.58
CA LEU B 98 -8.06 -17.91 -25.70
C LEU B 98 -8.63 -16.57 -25.22
N GLY B 99 -8.43 -15.54 -26.06
CA GLY B 99 -8.83 -14.16 -25.74
C GLY B 99 -7.79 -13.35 -24.98
N THR B 100 -6.65 -13.94 -24.58
CA THR B 100 -5.58 -13.18 -23.94
C THR B 100 -5.18 -11.98 -24.81
N PRO B 101 -4.91 -10.81 -24.23
CA PRO B 101 -4.43 -9.69 -25.07
C PRO B 101 -3.20 -10.07 -25.89
N ASP B 102 -3.11 -9.52 -27.10
CA ASP B 102 -2.04 -9.85 -28.07
C ASP B 102 -1.19 -8.61 -28.38
N PHE B 103 -1.10 -7.65 -27.45
CA PHE B 103 -0.20 -6.51 -27.61
C PHE B 103 0.35 -6.08 -26.26
N VAL B 104 1.50 -5.37 -26.30
CA VAL B 104 2.14 -4.88 -25.10
C VAL B 104 1.57 -3.51 -24.79
N GLY B 105 1.02 -3.39 -23.59
CA GLY B 105 0.44 -2.10 -23.19
C GLY B 105 -0.18 -2.27 -21.83
N LYS B 106 -0.87 -1.22 -21.39
CA LYS B 106 -1.44 -1.22 -20.04
C LYS B 106 -2.95 -1.14 -20.26
N ILE B 107 -3.66 -2.25 -20.03
CA ILE B 107 -5.12 -2.33 -20.20
C ILE B 107 -5.80 -2.12 -18.84
N GLN B 108 -6.68 -1.09 -18.76
CA GLN B 108 -7.40 -0.78 -17.52
C GLN B 108 -8.82 -1.29 -17.64
N GLY B 109 -9.32 -1.80 -16.52
CA GLY B 109 -10.71 -2.29 -16.46
C GLY B 109 -11.11 -2.47 -15.03
N VAL B 110 -11.92 -3.49 -14.76
CA VAL B 110 -12.48 -3.67 -13.41
C VAL B 110 -12.35 -5.14 -13.07
N LEU B 111 -11.86 -5.43 -11.86
CA LEU B 111 -11.81 -6.79 -11.32
C LEU B 111 -13.04 -6.93 -10.41
N THR B 112 -13.94 -7.85 -10.73
CA THR B 112 -15.15 -8.11 -9.93
C THR B 112 -15.04 -9.49 -9.27
N GLN B 113 -15.78 -9.68 -8.17
CA GLN B 113 -15.68 -10.93 -7.41
C GLN B 113 -16.98 -11.18 -6.65
N THR B 114 -17.37 -12.46 -6.59
CA THR B 114 -18.52 -12.89 -5.79
C THR B 114 -18.02 -13.87 -4.76
N THR B 115 -18.50 -13.71 -3.51
CA THR B 115 -18.26 -14.69 -2.44
C THR B 115 -19.36 -15.74 -2.48
N ARG B 116 -18.99 -17.01 -2.70
CA ARG B 116 -20.04 -17.99 -3.03
C ARG B 116 -20.93 -18.31 -1.82
N THR B 117 -20.45 -18.17 -0.59
CA THR B 117 -21.30 -18.57 0.55
C THR B 117 -22.51 -17.66 0.70
N ASP B 118 -22.35 -16.35 0.48
CA ASP B 118 -23.47 -15.45 0.74
C ASP B 118 -23.89 -14.57 -0.44
N GLY B 119 -23.23 -14.69 -1.59
CA GLY B 119 -23.57 -13.82 -2.70
C GLY B 119 -23.11 -12.38 -2.55
N SER B 120 -22.24 -12.07 -1.58
CA SER B 120 -21.69 -10.71 -1.50
C SER B 120 -20.74 -10.49 -2.70
N THR B 121 -20.65 -9.24 -3.12
CA THR B 121 -19.92 -8.87 -4.34
C THR B 121 -19.06 -7.61 -4.14
N ARG B 122 -18.09 -7.44 -5.05
CA ARG B 122 -17.17 -6.31 -4.95
C ARG B 122 -16.51 -6.08 -6.31
N GLY B 123 -16.08 -4.84 -6.53
CA GLY B 123 -15.49 -4.46 -7.79
C GLY B 123 -14.41 -3.41 -7.54
N HIS B 124 -13.28 -3.52 -8.23
CA HIS B 124 -12.18 -2.57 -8.05
C HIS B 124 -11.50 -2.25 -9.37
N LYS B 125 -11.15 -0.97 -9.52
CA LYS B 125 -10.26 -0.56 -10.63
C LYS B 125 -9.04 -1.46 -10.69
N ALA B 126 -8.64 -1.86 -11.91
CA ALA B 126 -7.52 -2.79 -12.06
C ALA B 126 -6.84 -2.52 -13.39
N THR B 127 -5.50 -2.65 -13.41
CA THR B 127 -4.77 -2.48 -14.68
C THR B 127 -3.87 -3.71 -14.87
N VAL B 128 -3.81 -4.25 -16.08
CA VAL B 128 -2.83 -5.31 -16.38
C VAL B 128 -1.79 -4.74 -17.34
N TYR B 129 -0.51 -4.86 -16.95
CA TYR B 129 0.59 -4.42 -17.81
CA TYR B 129 0.65 -4.44 -17.75
C TYR B 129 1.13 -5.66 -18.53
N THR B 130 0.78 -5.75 -19.83
CA THR B 130 1.08 -7.00 -20.56
C THR B 130 2.55 -7.12 -20.92
N GLY B 131 3.36 -6.08 -20.70
CA GLY B 131 4.81 -6.20 -20.85
C GLY B 131 5.51 -6.59 -19.57
N SER B 132 4.78 -6.81 -18.48
CA SER B 132 5.42 -7.07 -17.18
C SER B 132 6.04 -8.46 -17.16
N ALA B 133 7.11 -8.61 -16.37
CA ALA B 133 7.63 -9.96 -16.12
C ALA B 133 6.59 -10.86 -15.45
N ASP B 134 5.59 -10.28 -14.79
CA ASP B 134 4.60 -11.06 -14.09
C ASP B 134 3.39 -11.37 -14.99
N PHE B 135 3.41 -10.94 -16.24
CA PHE B 135 2.38 -11.32 -17.21
C PHE B 135 2.78 -12.66 -17.82
N ALA B 136 2.21 -13.73 -17.32
CA ALA B 136 2.60 -15.07 -17.78
C ALA B 136 1.35 -15.90 -18.02
N PRO B 137 0.40 -15.42 -18.84
CA PRO B 137 -0.87 -16.17 -19.00
C PRO B 137 -0.69 -17.59 -19.53
N LYS B 138 0.35 -17.86 -20.35
CA LYS B 138 0.56 -19.25 -20.78
C LYS B 138 0.88 -20.18 -19.60
N LEU B 139 1.59 -19.68 -18.59
CA LEU B 139 1.82 -20.46 -17.37
C LEU B 139 0.59 -20.54 -16.48
N GLY B 140 -0.41 -19.69 -16.72
CA GLY B 140 -1.63 -19.67 -15.92
C GLY B 140 -1.74 -18.52 -14.93
N ARG B 141 -0.83 -17.53 -14.98
CA ARG B 141 -0.90 -16.45 -13.99
C ARG B 141 -0.64 -15.09 -14.62
N VAL B 142 -1.42 -14.08 -14.17
CA VAL B 142 -1.18 -12.68 -14.52
C VAL B 142 -1.38 -11.83 -13.28
N GLN B 143 -0.70 -10.68 -13.24
CA GLN B 143 -0.88 -9.80 -12.09
C GLN B 143 -1.68 -8.58 -12.50
N PHE B 144 -2.56 -8.13 -11.60
CA PHE B 144 -3.32 -6.87 -11.75
C PHE B 144 -2.91 -5.87 -10.69
N GLU B 145 -2.70 -4.61 -11.12
CA GLU B 145 -2.52 -3.51 -10.16
C GLU B 145 -3.90 -2.98 -9.83
N THR B 146 -4.27 -2.94 -8.54
CA THR B 146 -5.65 -2.56 -8.20
C THR B 146 -5.65 -1.36 -7.25
N ASP B 147 -6.84 -0.87 -6.93
CA ASP B 147 -6.93 0.21 -5.97
C ASP B 147 -7.27 -0.28 -4.57
N THR B 148 -7.08 -1.59 -4.25
CA THR B 148 -7.32 -2.08 -2.88
C THR B 148 -6.13 -2.93 -2.42
N ASP B 149 -5.89 -2.94 -1.10
CA ASP B 149 -4.87 -3.83 -0.54
C ASP B 149 -5.50 -4.80 0.45
N ARG B 150 -6.82 -4.93 0.40
CA ARG B 150 -7.47 -5.80 1.36
C ARG B 150 -8.80 -6.38 0.92
N ASP B 151 -9.43 -5.84 -0.13
CA ASP B 151 -10.82 -6.17 -0.42
C ASP B 151 -10.98 -7.18 -1.55
N PHE B 152 -10.17 -8.20 -1.62
CA PHE B 152 -10.51 -9.39 -2.37
C PHE B 152 -10.27 -10.63 -1.49
N GLU B 153 -11.08 -11.65 -1.70
CA GLU B 153 -10.96 -12.91 -0.97
C GLU B 153 -10.32 -13.95 -1.86
N ALA B 154 -9.64 -14.91 -1.22
CA ALA B 154 -9.05 -16.03 -1.93
C ALA B 154 -10.06 -17.10 -2.32
N ASN B 155 -9.77 -17.81 -3.43
CA ASN B 155 -10.52 -18.98 -3.87
C ASN B 155 -11.96 -18.66 -4.28
N GLN B 156 -12.26 -17.39 -4.63
CA GLN B 156 -13.58 -16.95 -5.03
C GLN B 156 -13.55 -16.57 -6.50
N ASN B 157 -14.67 -16.80 -7.19
CA ASN B 157 -14.75 -16.47 -8.63
C ASN B 157 -14.47 -15.00 -8.86
N THR B 158 -13.50 -14.68 -9.75
CA THR B 158 -13.04 -13.31 -9.98
C THR B 158 -12.90 -13.14 -11.50
N LYS B 159 -13.30 -11.97 -12.01
CA LYS B 159 -13.29 -11.66 -13.45
C LYS B 159 -12.67 -10.29 -13.68
N PHE B 160 -11.90 -10.18 -14.76
CA PHE B 160 -11.42 -8.86 -15.24
C PHE B 160 -12.21 -8.52 -16.48
N THR B 161 -12.88 -7.35 -16.46
CA THR B 161 -13.57 -6.84 -17.61
C THR B 161 -12.74 -5.67 -18.17
N PRO B 162 -12.26 -5.75 -19.40
CA PRO B 162 -11.46 -4.64 -19.95
C PRO B 162 -12.34 -3.44 -20.30
N VAL B 163 -11.74 -2.26 -20.23
CA VAL B 163 -12.43 -1.02 -20.62
C VAL B 163 -11.61 -0.25 -21.65
N GLY B 164 -10.31 -0.04 -21.37
CA GLY B 164 -9.52 0.76 -22.28
C GLY B 164 -8.03 0.67 -21.98
N VAL B 165 -7.26 1.63 -22.53
CA VAL B 165 -5.80 1.62 -22.35
C VAL B 165 -5.33 2.93 -21.73
N ILE B 166 -4.13 2.91 -21.13
CA ILE B 166 -3.56 4.07 -20.49
C ILE B 166 -2.14 4.30 -21.00
N GLN B 167 -1.60 5.47 -20.67
CA GLN B 167 -0.26 5.89 -21.04
C GLN B 167 0.26 6.82 -19.93
N ASP B 168 1.59 6.90 -19.78
CA ASP B 168 2.22 7.78 -18.78
C ASP B 168 2.38 9.17 -19.38
N GLY B 169 1.53 10.13 -18.97
CA GLY B 169 1.55 11.44 -19.58
C GLY B 169 2.85 12.22 -19.36
N GLY B 170 3.69 11.78 -18.41
CA GLY B 170 5.03 12.31 -18.20
C GLY B 170 6.05 11.89 -19.24
N THR B 171 5.62 11.18 -20.28
CA THR B 171 6.53 10.68 -21.32
C THR B 171 5.88 10.96 -22.67
N THR B 172 6.69 10.82 -23.73
CA THR B 172 6.28 11.10 -25.11
C THR B 172 4.87 10.59 -25.41
N HIS B 173 4.02 11.48 -25.91
CA HIS B 173 2.62 11.12 -26.11
C HIS B 173 2.47 10.02 -27.17
N ARG B 174 1.52 9.12 -26.92
CA ARG B 174 1.16 8.04 -27.84
CA ARG B 174 1.14 8.02 -27.80
C ARG B 174 2.27 7.01 -28.04
N ASN B 175 3.19 6.92 -27.09
CA ASN B 175 4.27 5.93 -27.13
C ASN B 175 3.82 4.51 -26.72
N GLU B 176 2.61 4.37 -26.19
CA GLU B 176 2.04 3.09 -25.80
C GLU B 176 0.52 3.22 -25.87
N PRO B 177 -0.20 2.10 -26.02
CA PRO B 177 0.25 0.74 -26.33
C PRO B 177 1.02 0.62 -27.63
N GLN B 178 1.65 -0.55 -27.79
CA GLN B 178 2.33 -0.91 -29.02
C GLN B 178 1.58 -2.09 -29.63
N GLN B 179 0.63 -1.79 -30.51
CA GLN B 179 -0.32 -2.83 -30.91
C GLN B 179 0.31 -3.97 -31.74
N TRP B 180 1.49 -3.76 -32.35
CA TRP B 180 2.13 -4.81 -33.14
C TRP B 180 3.25 -5.52 -32.40
N VAL B 181 3.43 -5.25 -31.12
CA VAL B 181 4.43 -5.95 -30.32
C VAL B 181 3.71 -7.00 -29.47
N LEU B 182 4.01 -8.28 -29.72
CA LEU B 182 3.37 -9.34 -28.92
C LEU B 182 3.95 -9.40 -27.51
N PRO B 183 3.13 -9.70 -26.50
CA PRO B 183 3.66 -9.97 -25.16
C PRO B 183 4.48 -11.26 -25.19
N SER B 184 5.24 -11.46 -24.14
CA SER B 184 5.84 -12.78 -23.87
C SER B 184 4.86 -13.54 -22.98
N TYR B 185 4.09 -14.48 -23.58
CA TYR B 185 3.01 -15.14 -22.86
C TYR B 185 3.48 -15.99 -21.68
N SER B 186 4.74 -16.47 -21.65
CA SER B 186 5.23 -17.20 -20.50
C SER B 186 6.16 -16.35 -19.62
N GLY B 187 6.05 -15.00 -19.66
CA GLY B 187 6.92 -14.22 -18.81
C GLY B 187 8.33 -14.11 -19.37
N ARG B 188 9.27 -13.79 -18.49
CA ARG B 188 10.63 -13.70 -19.09
C ARG B 188 11.21 -15.03 -19.50
N ASN B 189 10.44 -16.12 -19.40
CA ASN B 189 10.95 -17.47 -19.14
C ASN B 189 11.33 -18.22 -20.40
N THR B 190 10.51 -18.11 -21.44
CA THR B 190 10.73 -18.86 -22.66
C THR B 190 9.96 -18.14 -23.76
N HIS B 191 10.25 -18.53 -25.00
CA HIS B 191 9.69 -17.91 -26.16
C HIS B 191 8.22 -18.32 -26.35
N ASN B 192 7.49 -17.50 -27.15
CA ASN B 192 6.08 -17.82 -27.41
C ASN B 192 5.95 -19.06 -28.28
N VAL B 193 4.82 -19.77 -28.14
CA VAL B 193 4.59 -21.02 -28.87
C VAL B 193 3.25 -21.00 -29.59
N HIS B 194 3.17 -21.82 -30.63
CA HIS B 194 1.91 -22.07 -31.36
C HIS B 194 1.26 -20.79 -31.92
N LEU B 195 2.10 -19.85 -32.35
CA LEU B 195 1.59 -18.56 -32.84
C LEU B 195 0.94 -18.68 -34.21
N ALA B 196 -0.08 -17.90 -34.43
CA ALA B 196 -0.54 -17.65 -35.78
C ALA B 196 0.60 -16.91 -36.49
N PRO B 197 0.85 -17.18 -37.76
CA PRO B 197 2.04 -16.61 -38.39
C PRO B 197 1.93 -15.10 -38.61
N ALA B 198 3.10 -14.49 -38.79
CA ALA B 198 3.17 -13.13 -39.27
C ALA B 198 2.65 -13.04 -40.69
N VAL B 199 2.08 -11.88 -41.04
CA VAL B 199 1.44 -11.71 -42.33
C VAL B 199 2.10 -10.54 -43.06
N ALA B 200 2.13 -10.62 -44.39
CA ALA B 200 2.67 -9.53 -45.18
C ALA B 200 2.16 -9.69 -46.60
N PRO B 201 1.95 -8.59 -47.32
CA PRO B 201 1.63 -8.73 -48.75
C PRO B 201 2.84 -9.29 -49.49
N THR B 202 2.55 -10.08 -50.49
CA THR B 202 3.60 -10.69 -51.29
C THR B 202 3.55 -10.28 -52.75
N PHE B 203 2.39 -9.90 -53.26
CA PHE B 203 2.18 -9.44 -54.60
C PHE B 203 2.68 -8.00 -54.73
N PRO B 204 3.40 -7.67 -55.80
CA PRO B 204 3.96 -6.33 -55.91
C PRO B 204 2.86 -5.26 -55.96
N GLY B 205 3.07 -4.18 -55.20
CA GLY B 205 2.14 -3.07 -55.13
C GLY B 205 0.96 -3.27 -54.19
N GLU B 206 0.95 -4.36 -53.44
CA GLU B 206 -0.16 -4.60 -52.52
C GLU B 206 0.25 -4.22 -51.09
N GLN B 207 -0.79 -3.85 -50.32
CA GLN B 207 -0.70 -3.57 -48.90
C GLN B 207 -1.81 -4.32 -48.17
N LEU B 208 -1.62 -4.51 -46.88
CA LEU B 208 -2.71 -5.06 -46.08
C LEU B 208 -3.84 -4.06 -45.96
N LEU B 209 -5.07 -4.57 -45.83
CA LEU B 209 -6.22 -3.76 -45.47
C LEU B 209 -6.55 -4.07 -44.02
N PHE B 210 -6.73 -3.02 -43.23
CA PHE B 210 -6.90 -3.17 -41.79
C PHE B 210 -8.30 -2.73 -41.42
N PHE B 211 -8.91 -3.49 -40.50
CA PHE B 211 -10.21 -3.15 -39.95
C PHE B 211 -9.94 -2.44 -38.61
N ARG B 212 -10.24 -1.13 -38.53
CA ARG B 212 -9.66 -0.27 -37.51
C ARG B 212 -10.73 0.27 -36.55
N SER B 213 -10.37 0.30 -35.27
CA SER B 213 -11.15 0.92 -34.21
C SER B 213 -10.27 1.86 -33.42
N THR B 214 -10.91 2.68 -32.56
CA THR B 214 -10.22 3.50 -31.59
C THR B 214 -10.55 2.98 -30.19
N MET B 215 -9.56 2.44 -29.49
CA MET B 215 -9.80 1.97 -28.10
C MET B 215 -10.11 3.14 -27.17
N PRO B 216 -11.00 2.94 -26.19
CA PRO B 216 -11.13 3.96 -25.13
C PRO B 216 -9.79 4.17 -24.43
N GLY B 217 -9.54 5.43 -24.03
CA GLY B 217 -8.41 5.79 -23.19
C GLY B 217 -8.91 6.09 -21.79
N CYS B 218 -8.19 5.61 -20.78
CA CYS B 218 -8.60 5.78 -19.39
C CYS B 218 -7.70 6.74 -18.59
N SER B 219 -6.54 7.14 -19.15
CA SER B 219 -5.61 8.01 -18.47
C SER B 219 -4.43 8.28 -19.38
N GLY B 220 -3.89 9.51 -19.32
CA GLY B 220 -2.71 9.83 -20.10
C GLY B 220 -3.05 10.13 -21.56
N TYR B 221 -2.07 9.87 -22.44
CA TYR B 221 -2.15 10.15 -23.88
C TYR B 221 -1.82 8.89 -24.65
N PRO B 222 -2.69 7.87 -24.59
CA PRO B 222 -2.37 6.60 -25.28
C PRO B 222 -2.53 6.69 -26.77
N ASN B 223 -1.83 5.76 -27.47
CA ASN B 223 -2.14 5.49 -28.86
C ASN B 223 -3.34 4.55 -28.91
N MET B 224 -4.49 5.05 -29.32
CA MET B 224 -5.73 4.28 -29.26
C MET B 224 -6.05 3.57 -30.58
N ASP B 225 -5.17 3.64 -31.61
CA ASP B 225 -5.46 2.92 -32.85
C ASP B 225 -5.37 1.41 -32.62
N LEU B 226 -6.34 0.69 -33.15
CA LEU B 226 -6.33 -0.76 -33.06
C LEU B 226 -6.81 -1.39 -34.36
N ASP B 227 -5.90 -2.13 -35.02
CA ASP B 227 -6.19 -2.71 -36.31
C ASP B 227 -6.30 -4.22 -36.20
N CYS B 228 -7.34 -4.80 -36.78
CA CYS B 228 -7.42 -6.26 -36.84
C CYS B 228 -7.44 -6.71 -38.30
N LEU B 229 -7.09 -7.98 -38.51
CA LEU B 229 -7.00 -8.46 -39.89
C LEU B 229 -8.33 -8.98 -40.43
N LEU B 230 -9.27 -9.37 -39.52
CA LEU B 230 -10.57 -9.90 -39.84
C LEU B 230 -11.54 -9.36 -38.79
N PRO B 231 -12.71 -8.87 -39.19
CA PRO B 231 -13.77 -8.57 -38.19
C PRO B 231 -14.07 -9.84 -37.39
N GLN B 232 -14.47 -9.63 -36.12
CA GLN B 232 -14.84 -10.78 -35.34
C GLN B 232 -16.00 -11.54 -36.01
N GLU B 233 -16.92 -10.81 -36.67
CA GLU B 233 -18.05 -11.50 -37.31
C GLU B 233 -17.59 -12.40 -38.47
N TRP B 234 -16.47 -12.05 -39.11
CA TRP B 234 -15.96 -12.92 -40.17
C TRP B 234 -15.35 -14.20 -39.57
N VAL B 235 -14.65 -14.09 -38.43
CA VAL B 235 -14.19 -15.30 -37.70
C VAL B 235 -15.38 -16.18 -37.38
N GLN B 236 -16.45 -15.58 -36.82
CA GLN B 236 -17.64 -16.37 -36.46
C GLN B 236 -18.28 -17.02 -37.65
N TYR B 237 -18.32 -16.30 -38.78
CA TYR B 237 -18.99 -16.74 -39.99
C TYR B 237 -18.22 -17.87 -40.65
N PHE B 238 -16.92 -17.69 -40.76
CA PHE B 238 -16.09 -18.76 -41.38
C PHE B 238 -16.13 -20.04 -40.54
N TYR B 239 -16.06 -19.90 -39.21
CA TYR B 239 -16.17 -21.07 -38.34
C TYR B 239 -17.48 -21.80 -38.62
N GLN B 240 -18.56 -21.04 -38.73
CA GLN B 240 -19.87 -21.65 -38.89
C GLN B 240 -20.06 -22.28 -40.28
N GLU B 241 -19.64 -21.58 -41.35
CA GLU B 241 -19.84 -22.04 -42.71
C GLU B 241 -18.85 -23.12 -43.08
N ALA B 242 -17.58 -22.94 -42.71
CA ALA B 242 -16.54 -23.95 -43.00
C ALA B 242 -16.52 -24.36 -44.47
N ALA B 243 -16.62 -23.39 -45.34
CA ALA B 243 -16.58 -23.69 -46.78
C ALA B 243 -15.14 -23.92 -47.22
N PRO B 244 -14.84 -25.02 -47.91
CA PRO B 244 -13.44 -25.27 -48.33
C PRO B 244 -12.93 -24.16 -49.25
N ALA B 245 -11.65 -23.85 -49.13
CA ALA B 245 -11.03 -22.86 -50.02
C ALA B 245 -10.67 -23.52 -51.37
N GLN B 246 -11.21 -22.99 -52.45
CA GLN B 246 -11.02 -23.58 -53.79
C GLN B 246 -9.77 -23.07 -54.50
N SER B 247 -9.22 -21.95 -54.06
CA SER B 247 -7.88 -21.51 -54.38
C SER B 247 -7.31 -20.80 -53.15
N ASP B 248 -6.11 -20.27 -53.27
CA ASP B 248 -5.52 -19.56 -52.13
C ASP B 248 -6.07 -18.16 -51.93
N VAL B 249 -6.88 -17.64 -52.83
CA VAL B 249 -7.31 -16.24 -52.72
C VAL B 249 -8.77 -16.11 -53.14
N ALA B 250 -9.59 -15.51 -52.28
CA ALA B 250 -10.96 -15.17 -52.66
C ALA B 250 -11.02 -13.69 -53.03
N LEU B 251 -11.54 -13.40 -54.23
CA LEU B 251 -11.70 -12.01 -54.63
C LEU B 251 -12.98 -11.47 -54.02
N LEU B 252 -12.88 -10.37 -53.26
CA LEU B 252 -14.07 -9.70 -52.77
C LEU B 252 -14.23 -8.33 -53.42
N ARG B 253 -15.47 -7.90 -53.51
CA ARG B 253 -15.87 -6.56 -53.95
C ARG B 253 -16.61 -5.84 -52.83
N PHE B 254 -16.28 -4.57 -52.65
CA PHE B 254 -16.99 -3.73 -51.69
C PHE B 254 -18.08 -2.98 -52.44
N VAL B 255 -19.35 -3.23 -52.08
CA VAL B 255 -20.51 -2.82 -52.85
C VAL B 255 -21.28 -1.76 -52.08
N ASN B 256 -21.74 -0.74 -52.80
CA ASN B 256 -22.63 0.25 -52.24
C ASN B 256 -24.05 -0.13 -52.58
N PRO B 257 -24.83 -0.65 -51.64
CA PRO B 257 -26.19 -1.08 -51.96
C PRO B 257 -27.13 0.08 -52.19
N ASP B 258 -26.67 1.32 -51.96
CA ASP B 258 -27.43 2.52 -52.33
C ASP B 258 -27.44 2.73 -53.84
N THR B 259 -26.42 2.23 -54.54
CA THR B 259 -26.28 2.50 -55.97
C THR B 259 -26.08 1.24 -56.80
N GLY B 260 -25.73 0.12 -56.18
CA GLY B 260 -25.32 -1.07 -56.91
C GLY B 260 -23.86 -1.09 -57.32
N ARG B 261 -23.15 0.03 -57.21
CA ARG B 261 -21.79 0.13 -57.72
C ARG B 261 -20.76 -0.49 -56.82
N VAL B 262 -19.75 -1.08 -57.44
CA VAL B 262 -18.58 -1.59 -56.74
C VAL B 262 -17.60 -0.44 -56.52
N LEU B 263 -17.26 -0.19 -55.26
CA LEU B 263 -16.30 0.84 -54.90
C LEU B 263 -14.85 0.39 -55.05
N PHE B 264 -14.51 -0.85 -54.61
CA PHE B 264 -13.17 -1.36 -54.81
C PHE B 264 -13.24 -2.87 -54.74
N GLU B 265 -12.10 -3.52 -55.07
CA GLU B 265 -11.91 -4.95 -54.87
C GLU B 265 -10.65 -5.24 -54.05
N CYS B 266 -10.64 -6.41 -53.41
CA CYS B 266 -9.53 -6.82 -52.55
C CYS B 266 -9.40 -8.33 -52.57
N LYS B 267 -8.25 -8.80 -52.10
CA LYS B 267 -7.96 -10.24 -51.98
C LYS B 267 -8.16 -10.68 -50.53
N LEU B 268 -9.06 -11.65 -50.29
CA LEU B 268 -9.11 -12.34 -48.98
C LEU B 268 -8.30 -13.62 -49.09
N HIS B 269 -7.12 -13.63 -48.47
CA HIS B 269 -6.23 -14.78 -48.49
C HIS B 269 -6.78 -15.90 -47.63
N LYS B 270 -6.63 -17.16 -48.09
CA LYS B 270 -7.27 -18.26 -47.39
C LYS B 270 -6.78 -18.39 -45.94
N SER B 271 -5.54 -17.96 -45.61
CA SER B 271 -5.06 -18.03 -44.23
C SER B 271 -5.63 -16.90 -43.35
N GLY B 272 -6.45 -16.03 -43.92
CA GLY B 272 -7.18 -15.06 -43.07
C GLY B 272 -6.62 -13.66 -42.97
N TYR B 273 -6.37 -12.98 -44.09
CA TYR B 273 -6.08 -11.53 -44.07
C TYR B 273 -6.43 -10.98 -45.45
N VAL B 274 -6.49 -9.64 -45.56
CA VAL B 274 -6.96 -8.99 -46.78
C VAL B 274 -5.89 -8.07 -47.33
N THR B 275 -5.73 -8.06 -48.68
CA THR B 275 -4.82 -7.08 -49.29
C THR B 275 -5.52 -6.27 -50.37
N VAL B 276 -4.97 -5.08 -50.63
CA VAL B 276 -5.46 -4.15 -51.65
C VAL B 276 -4.28 -3.68 -52.49
N ALA B 277 -4.58 -3.22 -53.70
CA ALA B 277 -3.55 -2.65 -54.57
C ALA B 277 -3.47 -1.15 -54.31
N HIS B 278 -2.50 -0.75 -53.48
CA HIS B 278 -2.37 0.66 -53.11
C HIS B 278 -1.01 0.91 -52.48
N THR B 279 -0.49 2.12 -52.69
CA THR B 279 0.73 2.59 -52.02
C THR B 279 0.39 3.86 -51.26
N GLY B 280 0.56 3.83 -49.95
CA GLY B 280 0.35 5.02 -49.14
C GLY B 280 -0.42 4.65 -47.88
N GLN B 281 -0.39 5.56 -46.91
CA GLN B 281 -1.13 5.45 -45.67
C GLN B 281 -2.40 6.28 -45.84
N HIS B 282 -3.53 5.61 -46.00
CA HIS B 282 -4.78 6.29 -46.30
C HIS B 282 -5.97 5.63 -45.61
N ASP B 283 -6.86 6.47 -45.07
CA ASP B 283 -8.19 6.01 -44.68
C ASP B 283 -9.06 5.83 -45.92
N LEU B 284 -9.82 4.75 -45.95
CA LEU B 284 -10.82 4.57 -46.99
C LEU B 284 -12.05 5.36 -46.58
N VAL B 285 -12.60 6.14 -47.49
CA VAL B 285 -13.86 6.83 -47.24
C VAL B 285 -14.98 6.06 -47.92
N ILE B 286 -15.98 5.60 -47.15
CA ILE B 286 -16.95 4.61 -47.61
C ILE B 286 -18.39 5.09 -47.41
N PRO B 287 -19.33 4.55 -48.18
CA PRO B 287 -20.74 4.74 -47.85
C PRO B 287 -21.08 3.98 -46.58
N PRO B 288 -21.87 4.57 -45.68
CA PRO B 288 -22.20 3.83 -44.44
C PRO B 288 -22.84 2.47 -44.68
N ASN B 289 -23.59 2.30 -45.79
CA ASN B 289 -24.25 1.02 -46.02
C ASN B 289 -23.39 0.02 -46.80
N GLY B 290 -22.15 0.41 -47.19
CA GLY B 290 -21.29 -0.49 -47.97
C GLY B 290 -21.01 -1.80 -47.27
N TYR B 291 -20.89 -2.87 -48.04
CA TYR B 291 -20.50 -4.18 -47.47
C TYR B 291 -19.64 -4.96 -48.44
N PHE B 292 -18.95 -5.99 -47.93
CA PHE B 292 -18.11 -6.86 -48.75
C PHE B 292 -18.92 -8.03 -49.30
N ARG B 293 -18.58 -8.46 -50.53
CA ARG B 293 -19.27 -9.54 -51.22
C ARG B 293 -18.26 -10.40 -51.98
N PHE B 294 -18.34 -11.72 -51.79
CA PHE B 294 -17.52 -12.66 -52.54
C PHE B 294 -17.86 -12.61 -54.01
N ASP B 295 -16.84 -12.52 -54.86
CA ASP B 295 -17.04 -12.58 -56.31
C ASP B 295 -16.54 -13.87 -56.93
N SER B 296 -15.35 -14.33 -56.59
CA SER B 296 -14.85 -15.56 -57.22
C SER B 296 -13.55 -16.00 -56.57
N TRP B 297 -13.20 -17.27 -56.78
CA TRP B 297 -11.88 -17.74 -56.39
C TRP B 297 -10.89 -17.41 -57.50
N VAL B 298 -9.73 -16.87 -57.16
CA VAL B 298 -8.77 -16.45 -58.18
C VAL B 298 -7.43 -17.12 -57.94
N ASN B 299 -6.61 -17.13 -59.00
CA ASN B 299 -5.29 -17.74 -58.99
C ASN B 299 -4.30 -16.86 -58.24
N GLN B 300 -3.04 -17.30 -58.22
CA GLN B 300 -2.08 -16.75 -57.24
C GLN B 300 -1.53 -15.39 -57.65
N PHE B 301 -1.57 -15.09 -58.95
CA PHE B 301 -1.00 -13.86 -59.48
C PHE B 301 -2.08 -13.00 -60.14
N TYR B 302 -3.28 -12.99 -59.56
CA TYR B 302 -4.30 -12.06 -60.02
C TYR B 302 -3.91 -10.65 -59.60
N THR B 303 -4.15 -9.68 -60.49
CA THR B 303 -3.84 -8.28 -60.24
C THR B 303 -5.13 -7.51 -59.95
N LEU B 304 -5.20 -6.93 -58.74
CA LEU B 304 -6.35 -6.13 -58.37
C LEU B 304 -6.40 -4.82 -59.13
N ALA B 305 -7.61 -4.33 -59.34
CA ALA B 305 -7.80 -2.95 -59.77
C ALA B 305 -7.22 -2.04 -58.71
N PRO B 306 -6.36 -1.09 -59.09
CA PRO B 306 -5.75 -0.20 -58.10
C PRO B 306 -6.74 0.75 -57.46
N MET B 307 -6.41 1.17 -56.24
CA MET B 307 -7.23 2.04 -55.46
C MET B 307 -6.35 3.15 -54.90
N GLY B 308 -6.99 4.24 -54.51
CA GLY B 308 -6.30 5.42 -54.00
C GLY B 308 -5.47 6.28 -54.93
N GLN C 1 -34.14 -23.32 -9.09
CA GLN C 1 -33.75 -23.27 -7.67
C GLN C 1 -33.06 -24.58 -7.23
N VAL C 2 -31.77 -24.66 -7.55
CA VAL C 2 -30.92 -25.81 -7.20
C VAL C 2 -30.56 -25.75 -5.72
N GLN C 3 -30.53 -26.93 -5.09
CA GLN C 3 -30.08 -27.08 -3.72
C GLN C 3 -29.21 -28.33 -3.64
N LEU C 4 -28.08 -28.20 -2.93
CA LEU C 4 -27.24 -29.31 -2.54
C LEU C 4 -27.21 -29.29 -1.02
N GLN C 5 -27.25 -30.47 -0.38
CA GLN C 5 -27.15 -30.56 1.08
C GLN C 5 -26.30 -31.76 1.45
N GLU C 6 -25.22 -31.52 2.20
CA GLU C 6 -24.35 -32.57 2.70
C GLU C 6 -24.81 -33.04 4.06
N SER C 7 -24.64 -34.33 4.31
CA SER C 7 -24.85 -34.86 5.66
C SER C 7 -23.92 -36.04 5.87
N GLY C 8 -23.78 -36.47 7.13
CA GLY C 8 -22.99 -37.67 7.42
C GLY C 8 -21.75 -37.44 8.26
N GLY C 9 -21.42 -36.19 8.59
CA GLY C 9 -20.24 -35.91 9.38
C GLY C 9 -20.46 -36.21 10.85
N GLY C 10 -19.45 -35.84 11.63
CA GLY C 10 -19.49 -35.92 13.09
C GLY C 10 -18.10 -36.05 13.65
N LEU C 11 -18.05 -36.28 14.96
CA LEU C 11 -16.86 -36.68 15.69
C LEU C 11 -16.76 -38.20 15.61
N VAL C 12 -15.77 -38.70 14.88
CA VAL C 12 -15.70 -40.12 14.53
C VAL C 12 -14.36 -40.70 14.97
N GLN C 13 -14.31 -42.02 15.03
CA GLN C 13 -13.19 -42.70 15.64
C GLN C 13 -12.19 -43.15 14.57
N PRO C 14 -10.90 -42.94 14.80
CA PRO C 14 -9.90 -43.51 13.88
C PRO C 14 -10.16 -45.00 13.63
N GLY C 15 -10.00 -45.40 12.37
CA GLY C 15 -10.17 -46.78 11.95
C GLY C 15 -11.60 -47.21 11.70
N ASP C 16 -12.59 -46.44 12.13
CA ASP C 16 -14.00 -46.66 11.78
C ASP C 16 -14.19 -46.33 10.29
N SER C 17 -15.44 -46.38 9.81
CA SER C 17 -15.75 -45.89 8.46
C SER C 17 -16.94 -44.94 8.57
N LEU C 18 -17.17 -44.17 7.51
CA LEU C 18 -18.32 -43.28 7.52
C LEU C 18 -18.83 -43.14 6.08
N ARG C 19 -20.01 -42.54 5.95
CA ARG C 19 -20.58 -42.27 4.63
C ARG C 19 -21.20 -40.89 4.64
N LEU C 20 -20.67 -39.99 3.79
CA LEU C 20 -21.27 -38.69 3.54
C LEU C 20 -22.24 -38.80 2.36
N SER C 21 -23.30 -38.00 2.41
CA SER C 21 -24.24 -37.93 1.29
C SER C 21 -24.40 -36.48 0.88
N CYS C 22 -24.56 -36.30 -0.42
CA CYS C 22 -24.78 -35.02 -1.08
C CYS C 22 -26.11 -35.21 -1.80
N ALA C 23 -27.18 -34.69 -1.21
CA ALA C 23 -28.52 -34.76 -1.80
C ALA C 23 -28.76 -33.52 -2.64
N THR C 24 -29.29 -33.72 -3.86
CA THR C 24 -29.49 -32.62 -4.78
C THR C 24 -30.95 -32.52 -5.18
N SER C 25 -31.36 -31.29 -5.49
CA SER C 25 -32.64 -31.06 -6.14
C SER C 25 -32.51 -29.90 -7.10
N GLY C 26 -33.44 -29.83 -8.04
CA GLY C 26 -33.49 -28.65 -8.87
C GLY C 26 -32.89 -28.83 -10.25
N PHE C 27 -32.44 -30.05 -10.59
CA PHE C 27 -31.83 -30.40 -11.89
C PHE C 27 -32.79 -31.30 -12.67
N ILE C 28 -32.75 -31.18 -14.01
CA ILE C 28 -33.41 -32.12 -14.92
C ILE C 28 -32.47 -32.50 -16.06
N LEU C 29 -32.85 -33.60 -16.73
CA LEU C 29 -32.20 -34.18 -17.91
C LEU C 29 -30.92 -34.93 -17.52
N GLY C 30 -29.74 -34.36 -17.75
CA GLY C 30 -28.52 -35.09 -17.51
C GLY C 30 -28.19 -35.24 -16.01
N ARG C 31 -27.29 -36.16 -15.71
CA ARG C 31 -26.82 -36.32 -14.35
C ARG C 31 -25.61 -35.41 -14.16
N PRO C 32 -25.62 -34.52 -13.17
CA PRO C 32 -24.55 -33.52 -13.05
C PRO C 32 -23.24 -34.08 -12.50
N VAL C 33 -22.15 -33.50 -12.99
CA VAL C 33 -20.84 -33.69 -12.35
C VAL C 33 -20.94 -33.24 -10.90
N ILE C 34 -20.48 -34.08 -9.97
CA ILE C 34 -20.46 -33.75 -8.54
C ILE C 34 -19.08 -34.04 -8.01
N THR C 35 -18.53 -33.10 -7.25
CA THR C 35 -17.20 -33.19 -6.67
C THR C 35 -17.25 -32.94 -5.17
N TRP C 36 -16.50 -33.74 -4.41
CA TRP C 36 -16.36 -33.46 -2.99
C TRP C 36 -15.11 -32.62 -2.78
N PHE C 37 -15.26 -31.53 -2.05
CA PHE C 37 -14.18 -30.65 -1.60
C PHE C 37 -14.03 -30.79 -0.10
N ARG C 38 -12.87 -30.39 0.42
CA ARG C 38 -12.76 -30.29 1.88
C ARG C 38 -11.91 -29.11 2.27
N GLN C 39 -12.18 -28.57 3.47
CA GLN C 39 -11.45 -27.42 3.99
C GLN C 39 -10.91 -27.79 5.35
N ALA C 40 -9.61 -28.08 5.40
CA ALA C 40 -8.97 -28.40 6.67
C ALA C 40 -8.61 -27.10 7.39
N PRO C 41 -8.33 -27.16 8.69
CA PRO C 41 -8.09 -25.92 9.43
C PRO C 41 -6.96 -25.09 8.82
N GLY C 42 -7.22 -23.78 8.71
CA GLY C 42 -6.26 -22.88 8.09
C GLY C 42 -6.13 -22.93 6.58
N LYS C 43 -6.84 -23.80 5.87
CA LYS C 43 -6.67 -23.96 4.42
C LYS C 43 -7.89 -23.42 3.67
N GLU C 44 -7.79 -23.41 2.33
CA GLU C 44 -8.94 -23.18 1.46
C GLU C 44 -9.65 -24.50 1.15
N ARG C 45 -10.88 -24.40 0.60
CA ARG C 45 -11.55 -25.57 0.05
C ARG C 45 -10.69 -26.14 -1.06
N GLU C 46 -10.40 -27.45 -0.99
CA GLU C 46 -9.56 -28.15 -1.94
C GLU C 46 -10.35 -29.33 -2.52
N GLY C 47 -10.22 -29.54 -3.82
CA GLY C 47 -10.95 -30.63 -4.44
C GLY C 47 -10.36 -31.99 -4.10
N VAL C 48 -11.23 -32.95 -3.82
CA VAL C 48 -10.81 -34.30 -3.38
C VAL C 48 -11.00 -35.32 -4.49
N LEU C 49 -12.24 -35.57 -4.90
CA LEU C 49 -12.51 -36.47 -6.02
C LEU C 49 -13.91 -36.15 -6.60
N CYS C 50 -14.13 -36.61 -7.83
CA CYS C 50 -15.24 -36.15 -8.67
C CYS C 50 -15.82 -37.35 -9.43
N ILE C 51 -17.13 -37.31 -9.68
CA ILE C 51 -17.82 -38.35 -10.44
C ILE C 51 -18.60 -37.67 -11.55
N SER C 52 -18.37 -38.06 -12.78
CA SER C 52 -19.06 -37.46 -13.91
C SER C 52 -20.47 -38.05 -14.06
N GLY C 53 -21.25 -37.44 -14.96
CA GLY C 53 -22.60 -37.92 -15.24
C GLY C 53 -22.64 -39.37 -15.74
N SER C 54 -21.54 -39.85 -16.33
CA SER C 54 -21.38 -41.24 -16.77
C SER C 54 -20.72 -42.10 -15.73
N ASP C 55 -20.52 -41.56 -14.53
CA ASP C 55 -19.87 -42.22 -13.38
C ASP C 55 -18.39 -42.49 -13.61
N GLU C 56 -17.74 -41.72 -14.49
CA GLU C 56 -16.28 -41.72 -14.53
C GLU C 56 -15.73 -40.97 -13.34
N ILE C 57 -14.74 -41.55 -12.66
CA ILE C 57 -14.24 -41.02 -11.41
C ILE C 57 -12.84 -40.45 -11.61
N THR C 58 -12.63 -39.25 -11.08
CA THR C 58 -11.31 -38.62 -11.08
C THR C 58 -10.91 -38.30 -9.66
N TYR C 59 -9.70 -38.74 -9.27
CA TYR C 59 -9.10 -38.33 -8.00
C TYR C 59 -8.23 -37.10 -8.18
N PHE C 60 -8.34 -36.14 -7.26
CA PHE C 60 -7.43 -35.01 -7.26
C PHE C 60 -6.36 -35.08 -6.17
N ILE C 61 -6.55 -35.90 -5.14
CA ILE C 61 -5.58 -36.11 -4.07
C ILE C 61 -5.21 -37.58 -4.09
N ASP C 62 -3.93 -37.88 -4.34
CA ASP C 62 -3.56 -39.29 -4.53
C ASP C 62 -3.59 -40.07 -3.22
N SER C 63 -3.32 -39.42 -2.09
CA SER C 63 -3.29 -40.16 -0.84
C SER C 63 -4.65 -40.75 -0.43
N VAL C 64 -5.77 -40.22 -0.95
CA VAL C 64 -7.07 -40.74 -0.52
C VAL C 64 -7.53 -41.94 -1.34
N LYS C 65 -6.78 -42.31 -2.38
CA LYS C 65 -7.34 -43.27 -3.34
C LYS C 65 -7.46 -44.67 -2.76
N GLY C 66 -6.74 -44.98 -1.68
CA GLY C 66 -6.96 -46.29 -1.09
C GLY C 66 -8.22 -46.43 -0.26
N ARG C 67 -8.78 -45.32 0.22
CA ARG C 67 -9.75 -45.36 1.31
C ARG C 67 -11.03 -44.55 1.04
N PHE C 68 -11.03 -43.65 0.05
CA PHE C 68 -12.19 -42.82 -0.28
C PHE C 68 -12.84 -43.35 -1.55
N THR C 69 -14.17 -43.52 -1.52
CA THR C 69 -14.91 -44.07 -2.65
C THR C 69 -16.10 -43.15 -2.95
N ILE C 70 -16.20 -42.66 -4.17
CA ILE C 70 -17.34 -41.83 -4.53
C ILE C 70 -18.30 -42.67 -5.38
N SER C 71 -19.60 -42.43 -5.22
CA SER C 71 -20.58 -43.17 -6.00
C SER C 71 -21.84 -42.35 -6.17
N ARG C 72 -22.68 -42.74 -7.13
CA ARG C 72 -23.91 -42.00 -7.39
C ARG C 72 -25.13 -42.90 -7.27
N ASP C 73 -26.19 -42.38 -6.65
CA ASP C 73 -27.47 -43.08 -6.57
C ASP C 73 -28.47 -42.20 -7.32
N ASN C 74 -28.55 -42.37 -8.65
CA ASN C 74 -29.49 -41.61 -9.49
C ASN C 74 -30.91 -41.58 -8.93
N ALA C 75 -31.43 -42.74 -8.52
CA ALA C 75 -32.83 -42.81 -8.13
C ALA C 75 -33.11 -41.99 -6.87
N LYS C 76 -32.11 -41.71 -6.02
CA LYS C 76 -32.33 -40.81 -4.90
C LYS C 76 -31.62 -39.48 -5.05
N ASN C 77 -31.33 -39.05 -6.29
CA ASN C 77 -30.54 -37.85 -6.55
C ASN C 77 -29.50 -37.54 -5.49
N THR C 78 -28.68 -38.54 -5.17
CA THR C 78 -27.65 -38.40 -4.15
C THR C 78 -26.31 -38.94 -4.67
N VAL C 79 -25.22 -38.31 -4.24
CA VAL C 79 -23.87 -38.83 -4.43
C VAL C 79 -23.26 -39.04 -3.04
N TYR C 80 -22.53 -40.15 -2.86
CA TYR C 80 -21.91 -40.47 -1.58
C TYR C 80 -20.40 -40.37 -1.63
N LEU C 81 -19.82 -40.20 -0.45
CA LEU C 81 -18.39 -40.33 -0.24
C LEU C 81 -18.25 -41.28 0.95
N GLN C 82 -17.75 -42.47 0.68
CA GLN C 82 -17.49 -43.44 1.72
C GLN C 82 -16.02 -43.35 2.09
N ILE C 83 -15.73 -43.27 3.39
CA ILE C 83 -14.34 -43.26 3.87
C ILE C 83 -14.16 -44.47 4.76
N ASN C 84 -13.20 -45.31 4.41
CA ASN C 84 -12.78 -46.49 5.15
C ASN C 84 -11.56 -46.15 6.00
N SER C 85 -11.45 -46.84 7.15
CA SER C 85 -10.27 -46.74 8.02
C SER C 85 -9.89 -45.29 8.27
N LEU C 86 -10.80 -44.56 8.92
CA LEU C 86 -10.60 -43.14 9.15
C LEU C 86 -9.25 -42.85 9.82
N LYS C 87 -8.60 -41.78 9.36
CA LYS C 87 -7.34 -41.31 9.94
C LYS C 87 -7.42 -39.84 10.30
N PRO C 88 -6.62 -39.40 11.28
CA PRO C 88 -6.70 -37.98 11.69
C PRO C 88 -6.53 -37.01 10.54
N GLU C 89 -5.69 -37.32 9.56
CA GLU C 89 -5.51 -36.43 8.41
C GLU C 89 -6.80 -36.22 7.62
N ASP C 90 -7.85 -37.00 7.89
CA ASP C 90 -9.10 -36.91 7.15
C ASP C 90 -9.93 -35.73 7.66
N THR C 91 -9.54 -35.14 8.79
CA THR C 91 -10.34 -34.13 9.48
C THR C 91 -10.48 -32.86 8.64
N ALA C 92 -11.72 -32.41 8.39
CA ALA C 92 -11.99 -31.22 7.59
C ALA C 92 -13.50 -30.99 7.54
N ASN C 93 -13.90 -29.77 7.11
CA ASN C 93 -15.28 -29.52 6.69
C ASN C 93 -15.44 -29.96 5.22
N TYR C 94 -16.38 -30.86 4.95
CA TYR C 94 -16.55 -31.48 3.64
C TYR C 94 -17.74 -30.85 2.92
N TYR C 95 -17.52 -30.46 1.66
CA TYR C 95 -18.53 -29.83 0.83
C TYR C 95 -18.75 -30.62 -0.44
N CYS C 96 -19.99 -30.69 -0.90
CA CYS C 96 -20.19 -31.12 -2.28
C CYS C 96 -20.53 -29.94 -3.19
N ALA C 97 -20.14 -30.09 -4.44
CA ALA C 97 -20.31 -29.03 -5.43
C ALA C 97 -20.74 -29.67 -6.75
N ALA C 98 -21.56 -28.93 -7.51
CA ALA C 98 -22.14 -29.44 -8.73
C ALA C 98 -21.95 -28.47 -9.90
N ARG C 99 -21.92 -29.04 -11.11
CA ARG C 99 -21.92 -28.32 -12.37
C ARG C 99 -23.18 -28.69 -13.14
N THR C 100 -23.70 -27.78 -13.99
CA THR C 100 -24.86 -28.08 -14.86
C THR C 100 -24.43 -28.75 -16.14
N PHE C 101 -23.41 -29.60 -16.06
CA PHE C 101 -22.90 -30.35 -17.20
C PHE C 101 -22.72 -31.80 -16.80
N THR C 102 -22.84 -32.71 -17.77
CA THR C 102 -22.64 -34.13 -17.51
C THR C 102 -21.19 -34.56 -17.57
N ALA C 103 -20.29 -33.68 -18.00
CA ALA C 103 -18.89 -34.06 -18.18
C ALA C 103 -18.02 -32.87 -17.81
N GLY C 104 -16.80 -33.16 -17.38
CA GLY C 104 -15.86 -32.11 -16.97
C GLY C 104 -15.58 -32.16 -15.49
N CYS C 105 -14.67 -33.02 -15.05
CA CYS C 105 -14.34 -33.13 -13.61
C CYS C 105 -13.15 -32.25 -13.30
N TYR C 106 -13.39 -31.09 -12.70
CA TYR C 106 -12.36 -30.09 -12.47
C TYR C 106 -11.99 -29.97 -11.01
N SER C 107 -10.72 -29.65 -10.75
CA SER C 107 -10.24 -29.63 -9.38
C SER C 107 -10.44 -28.30 -8.66
N ARG C 108 -10.75 -27.20 -9.37
CA ARG C 108 -10.75 -25.91 -8.70
C ARG C 108 -12.18 -25.46 -8.35
N SER C 109 -12.29 -24.82 -7.18
CA SER C 109 -13.61 -24.40 -6.64
C SER C 109 -14.36 -23.51 -7.62
N ILE C 110 -13.64 -22.61 -8.33
CA ILE C 110 -14.34 -21.68 -9.22
C ILE C 110 -15.05 -22.34 -10.39
N ALA C 111 -14.77 -23.63 -10.68
CA ALA C 111 -15.45 -24.31 -11.78
C ALA C 111 -16.86 -24.75 -11.41
N TYR C 112 -17.25 -24.58 -10.16
CA TYR C 112 -18.54 -25.10 -9.66
C TYR C 112 -19.46 -23.96 -9.24
N PRO C 113 -20.61 -23.79 -9.89
CA PRO C 113 -21.56 -22.75 -9.44
C PRO C 113 -22.36 -23.08 -8.19
N TYR C 114 -22.56 -24.38 -7.88
CA TYR C 114 -23.48 -24.78 -6.83
C TYR C 114 -22.78 -25.54 -5.74
N TRP C 115 -23.13 -25.21 -4.48
CA TRP C 115 -22.46 -25.72 -3.29
C TRP C 115 -23.47 -26.01 -2.19
N GLY C 116 -23.17 -27.04 -1.39
CA GLY C 116 -23.83 -27.20 -0.12
C GLY C 116 -23.17 -26.36 0.95
N GLN C 117 -23.74 -26.43 2.17
CA GLN C 117 -23.25 -25.64 3.28
C GLN C 117 -22.17 -26.34 4.11
N GLY C 118 -21.93 -27.63 3.86
CA GLY C 118 -20.83 -28.39 4.42
C GLY C 118 -21.28 -29.30 5.55
N THR C 119 -20.48 -30.37 5.79
CA THR C 119 -20.65 -31.22 6.97
C THR C 119 -19.26 -31.48 7.56
N GLN C 120 -19.11 -31.36 8.88
CA GLN C 120 -17.79 -31.39 9.50
C GLN C 120 -17.39 -32.81 9.87
N VAL C 121 -16.17 -33.21 9.51
CA VAL C 121 -15.65 -34.52 9.89
C VAL C 121 -14.45 -34.29 10.81
N THR C 122 -14.54 -34.78 12.04
CA THR C 122 -13.46 -34.63 13.02
C THR C 122 -13.08 -36.01 13.52
N VAL C 123 -11.87 -36.46 13.19
CA VAL C 123 -11.38 -37.76 13.62
C VAL C 123 -10.75 -37.56 15.00
N SER C 124 -11.40 -38.08 16.04
CA SER C 124 -11.22 -37.62 17.41
C SER C 124 -9.94 -38.14 18.05
N SER C 125 -9.36 -37.31 18.93
CA SER C 125 -8.18 -37.71 19.70
C SER C 125 -8.50 -38.62 20.89
N HIS C 126 -9.74 -38.64 21.37
CA HIS C 126 -10.14 -39.53 22.45
C HIS C 126 -11.42 -40.25 22.07
N GLN D 1 -5.55 8.13 -43.41
CA GLN D 1 -4.80 8.96 -42.52
C GLN D 1 -5.26 10.44 -42.64
N VAL D 2 -6.56 10.72 -42.43
CA VAL D 2 -7.11 12.05 -42.72
C VAL D 2 -6.30 13.16 -42.03
N GLN D 3 -5.99 14.24 -42.79
CA GLN D 3 -5.49 15.51 -42.26
C GLN D 3 -6.25 16.67 -42.87
N LEU D 4 -6.52 17.68 -42.02
CA LEU D 4 -7.35 18.84 -42.39
C LEU D 4 -6.61 20.12 -42.01
N GLN D 5 -6.53 21.10 -42.93
CA GLN D 5 -5.87 22.38 -42.63
C GLN D 5 -6.76 23.55 -43.05
N GLU D 6 -7.12 24.38 -42.09
CA GLU D 6 -7.90 25.59 -42.39
C GLU D 6 -7.00 26.77 -42.68
N SER D 7 -7.47 27.65 -43.56
CA SER D 7 -6.80 28.92 -43.78
C SER D 7 -7.82 29.98 -44.16
N GLY D 8 -7.39 31.25 -44.13
CA GLY D 8 -8.22 32.31 -44.67
C GLY D 8 -8.73 33.30 -43.66
N GLY D 9 -8.58 33.02 -42.38
CA GLY D 9 -9.05 33.92 -41.33
C GLY D 9 -8.18 35.16 -41.17
N GLY D 10 -8.61 36.03 -40.25
CA GLY D 10 -7.85 37.19 -39.83
C GLY D 10 -8.79 38.25 -39.28
N LEU D 11 -8.25 39.47 -39.17
CA LEU D 11 -9.02 40.62 -38.70
C LEU D 11 -9.68 41.27 -39.91
N VAL D 12 -11.01 41.29 -39.93
CA VAL D 12 -11.77 41.67 -41.11
C VAL D 12 -12.82 42.70 -40.70
N GLN D 13 -13.36 43.39 -41.71
CA GLN D 13 -14.25 44.51 -41.40
C GLN D 13 -15.70 44.10 -41.53
N PRO D 14 -16.56 44.62 -40.63
CA PRO D 14 -18.00 44.38 -40.80
C PRO D 14 -18.42 44.78 -42.20
N GLY D 15 -19.28 43.96 -42.81
CA GLY D 15 -19.83 44.24 -44.11
C GLY D 15 -19.04 43.70 -45.29
N ASP D 16 -17.79 43.35 -45.07
CA ASP D 16 -16.98 42.72 -46.09
C ASP D 16 -17.31 41.23 -46.20
N SER D 17 -16.71 40.61 -47.20
CA SER D 17 -16.85 39.20 -47.48
C SER D 17 -15.54 38.48 -47.17
N LEU D 18 -15.63 37.14 -47.00
CA LEU D 18 -14.48 36.38 -46.57
C LEU D 18 -14.66 34.95 -47.03
N ARG D 19 -13.60 34.34 -47.57
CA ARG D 19 -13.61 32.93 -47.95
C ARG D 19 -12.60 32.15 -47.10
N LEU D 20 -13.07 31.12 -46.41
CA LEU D 20 -12.19 30.21 -45.68
C LEU D 20 -12.02 28.93 -46.48
N SER D 21 -10.83 28.33 -46.36
CA SER D 21 -10.51 27.06 -47.01
C SER D 21 -10.21 25.95 -46.01
N CYS D 22 -10.67 24.74 -46.33
CA CYS D 22 -10.34 23.51 -45.60
C CYS D 22 -9.65 22.58 -46.60
N ALA D 23 -8.33 22.48 -46.53
CA ALA D 23 -7.58 21.60 -47.43
C ALA D 23 -7.44 20.25 -46.76
N THR D 24 -7.72 19.18 -47.50
CA THR D 24 -7.75 17.84 -46.92
C THR D 24 -6.74 16.93 -47.62
N SER D 25 -6.37 15.87 -46.91
CA SER D 25 -5.43 14.87 -47.40
C SER D 25 -5.61 13.58 -46.61
N GLY D 26 -5.07 12.50 -47.14
CA GLY D 26 -4.96 11.30 -46.33
C GLY D 26 -6.08 10.31 -46.52
N PHE D 27 -6.93 10.51 -47.52
CA PHE D 27 -8.05 9.62 -47.72
C PHE D 27 -8.10 9.21 -49.18
N ILE D 28 -8.76 8.05 -49.41
CA ILE D 28 -8.98 7.53 -50.76
C ILE D 28 -10.43 7.05 -50.89
N LEU D 29 -10.84 6.80 -52.15
CA LEU D 29 -12.14 6.27 -52.57
C LEU D 29 -13.23 7.31 -52.48
N GLY D 30 -14.05 7.32 -51.44
CA GLY D 30 -15.14 8.27 -51.45
C GLY D 30 -14.73 9.71 -51.04
N ARG D 31 -15.65 10.65 -51.26
CA ARG D 31 -15.47 12.04 -50.82
C ARG D 31 -16.04 12.19 -49.39
N PRO D 32 -15.25 12.62 -48.41
CA PRO D 32 -15.74 12.60 -47.03
C PRO D 32 -16.73 13.71 -46.74
N VAL D 33 -17.65 13.43 -45.83
CA VAL D 33 -18.45 14.50 -45.23
C VAL D 33 -17.50 15.51 -44.60
N ILE D 34 -17.77 16.83 -44.83
CA ILE D 34 -16.93 17.90 -44.28
C ILE D 34 -17.88 18.93 -43.70
N THR D 35 -17.64 19.32 -42.45
CA THR D 35 -18.47 20.27 -41.73
C THR D 35 -17.65 21.40 -41.14
N TRP D 36 -18.16 22.64 -41.27
CA TRP D 36 -17.56 23.78 -40.58
C TRP D 36 -18.20 23.96 -39.21
N PHE D 37 -17.35 24.05 -38.18
CA PHE D 37 -17.67 24.36 -36.79
C PHE D 37 -17.10 25.73 -36.41
N ARG D 38 -17.62 26.33 -35.35
CA ARG D 38 -17.00 27.56 -34.86
C ARG D 38 -17.09 27.62 -33.34
N GLN D 39 -16.11 28.27 -32.73
CA GLN D 39 -16.00 28.36 -31.27
C GLN D 39 -15.74 29.80 -30.83
N ALA D 40 -16.57 30.30 -29.93
CA ALA D 40 -16.24 31.56 -29.26
C ALA D 40 -15.46 31.29 -27.97
N PRO D 41 -14.64 32.24 -27.50
CA PRO D 41 -13.72 31.95 -26.39
C PRO D 41 -14.40 31.49 -25.11
N GLY D 42 -15.68 31.82 -24.92
CA GLY D 42 -16.47 31.28 -23.82
C GLY D 42 -17.55 30.27 -24.20
N LYS D 43 -17.46 29.68 -25.39
CA LYS D 43 -18.39 28.62 -25.77
C LYS D 43 -17.63 27.40 -26.28
N GLU D 44 -18.39 26.37 -26.62
CA GLU D 44 -17.87 25.14 -27.17
C GLU D 44 -17.92 25.21 -28.71
N ARG D 45 -17.19 24.31 -29.37
CA ARG D 45 -17.34 24.22 -30.83
C ARG D 45 -18.77 23.89 -31.21
N GLU D 46 -19.35 24.71 -32.10
CA GLU D 46 -20.71 24.50 -32.56
C GLU D 46 -20.78 24.28 -34.06
N GLY D 47 -21.63 23.35 -34.48
CA GLY D 47 -21.73 23.04 -35.90
C GLY D 47 -22.46 24.14 -36.65
N VAL D 48 -21.93 24.49 -37.83
CA VAL D 48 -22.48 25.59 -38.63
C VAL D 48 -23.18 25.07 -39.87
N LEU D 49 -22.44 24.39 -40.76
CA LEU D 49 -23.06 23.76 -41.91
C LEU D 49 -22.12 22.70 -42.47
N CYS D 50 -22.71 21.82 -43.32
CA CYS D 50 -22.11 20.55 -43.70
C CYS D 50 -22.34 20.31 -45.18
N ILE D 51 -21.40 19.62 -45.83
CA ILE D 51 -21.61 19.16 -47.19
C ILE D 51 -21.18 17.68 -47.28
N SER D 52 -22.09 16.85 -47.82
CA SER D 52 -21.85 15.42 -47.99
C SER D 52 -20.94 15.13 -49.19
N GLY D 53 -20.51 13.87 -49.30
CA GLY D 53 -19.72 13.49 -50.45
C GLY D 53 -20.47 13.56 -51.76
N SER D 54 -21.80 13.63 -51.71
CA SER D 54 -22.66 13.85 -52.87
C SER D 54 -23.04 15.31 -53.05
N ASP D 55 -22.44 16.20 -52.27
CA ASP D 55 -22.67 17.66 -52.35
C ASP D 55 -24.04 18.07 -51.81
N GLU D 56 -24.67 17.25 -50.97
CA GLU D 56 -25.89 17.67 -50.31
C GLU D 56 -25.53 18.52 -49.09
N ILE D 57 -26.23 19.64 -48.91
CA ILE D 57 -25.82 20.68 -47.98
C ILE D 57 -26.87 20.74 -46.87
N THR D 58 -26.41 20.75 -45.62
CA THR D 58 -27.29 20.88 -44.46
C THR D 58 -26.83 22.04 -43.59
N TYR D 59 -27.74 22.96 -43.27
CA TYR D 59 -27.44 24.04 -42.32
C TYR D 59 -27.83 23.62 -40.92
N PHE D 60 -27.03 24.03 -39.92
CA PHE D 60 -27.30 23.76 -38.52
C PHE D 60 -27.67 25.02 -37.75
N ILE D 61 -27.40 26.21 -38.29
CA ILE D 61 -27.74 27.48 -37.68
C ILE D 61 -28.57 28.27 -38.70
N ASP D 62 -29.88 28.47 -38.42
CA ASP D 62 -30.74 29.21 -39.36
C ASP D 62 -30.21 30.60 -39.66
N SER D 63 -29.64 31.28 -38.67
CA SER D 63 -29.32 32.69 -38.88
C SER D 63 -28.26 32.89 -39.96
N VAL D 64 -27.39 31.89 -40.22
CA VAL D 64 -26.34 32.08 -41.22
C VAL D 64 -26.81 31.75 -42.64
N LYS D 65 -28.04 31.26 -42.80
CA LYS D 65 -28.55 30.88 -44.11
C LYS D 65 -28.58 32.12 -45.02
N GLY D 66 -28.12 31.99 -46.25
CA GLY D 66 -28.13 33.17 -47.11
C GLY D 66 -27.05 34.22 -46.86
N ARG D 67 -26.22 34.09 -45.82
CA ARG D 67 -24.91 34.76 -45.80
C ARG D 67 -23.73 33.79 -45.88
N PHE D 68 -23.91 32.55 -45.44
CA PHE D 68 -22.84 31.54 -45.43
C PHE D 68 -23.10 30.52 -46.54
N THR D 69 -22.08 30.22 -47.33
CA THR D 69 -22.18 29.22 -48.39
C THR D 69 -21.05 28.22 -48.33
N ILE D 70 -21.37 26.94 -48.42
CA ILE D 70 -20.34 25.90 -48.39
C ILE D 70 -20.26 25.29 -49.78
N SER D 71 -19.04 24.96 -50.21
CA SER D 71 -18.85 24.35 -51.52
C SER D 71 -17.60 23.47 -51.51
N ARG D 72 -17.49 22.61 -52.52
CA ARG D 72 -16.40 21.63 -52.60
C ARG D 72 -15.66 21.82 -53.93
N ASP D 73 -14.32 21.84 -53.87
CA ASP D 73 -13.43 21.83 -55.06
C ASP D 73 -12.73 20.48 -55.05
N ASN D 74 -13.37 19.47 -55.66
CA ASN D 74 -12.86 18.11 -55.64
C ASN D 74 -11.45 18.02 -56.21
N ALA D 75 -11.16 18.82 -57.23
CA ALA D 75 -9.87 18.75 -57.89
C ALA D 75 -8.74 19.15 -56.96
N LYS D 76 -9.00 20.04 -56.02
CA LYS D 76 -8.01 20.48 -55.06
C LYS D 76 -8.18 19.82 -53.70
N ASN D 77 -9.12 18.89 -53.57
CA ASN D 77 -9.46 18.27 -52.28
C ASN D 77 -9.67 19.33 -51.20
N THR D 78 -10.45 20.37 -51.53
CA THR D 78 -10.62 21.52 -50.64
C THR D 78 -12.09 21.86 -50.53
N VAL D 79 -12.55 22.18 -49.31
CA VAL D 79 -13.92 22.67 -49.07
C VAL D 79 -13.86 24.13 -48.60
N TYR D 80 -14.77 24.96 -49.11
CA TYR D 80 -14.74 26.39 -48.80
C TYR D 80 -15.96 26.77 -47.97
N LEU D 81 -15.76 27.80 -47.15
CA LEU D 81 -16.85 28.53 -46.52
C LEU D 81 -16.75 29.98 -46.98
N GLN D 82 -17.81 30.45 -47.64
CA GLN D 82 -17.92 31.82 -48.12
C GLN D 82 -18.86 32.57 -47.19
N ILE D 83 -18.37 33.63 -46.56
CA ILE D 83 -19.20 34.50 -45.73
C ILE D 83 -19.32 35.83 -46.42
N ASN D 84 -20.54 36.20 -46.77
CA ASN D 84 -20.85 37.53 -47.24
C ASN D 84 -21.35 38.40 -46.11
N SER D 85 -21.00 39.67 -46.18
CA SER D 85 -21.51 40.69 -45.27
C SER D 85 -21.26 40.29 -43.83
N LEU D 86 -19.98 40.19 -43.49
CA LEU D 86 -19.57 39.84 -42.12
C LEU D 86 -20.32 40.68 -41.08
N LYS D 87 -20.71 40.04 -40.00
CA LYS D 87 -21.29 40.67 -38.82
C LYS D 87 -20.46 40.36 -37.58
N PRO D 88 -20.50 41.21 -36.55
CA PRO D 88 -19.68 40.93 -35.36
C PRO D 88 -20.02 39.59 -34.73
N GLU D 89 -21.27 39.14 -34.87
CA GLU D 89 -21.62 37.86 -34.25
C GLU D 89 -20.96 36.69 -34.97
N ASP D 90 -20.31 36.93 -36.11
CA ASP D 90 -19.54 35.88 -36.79
C ASP D 90 -18.17 35.66 -36.20
N THR D 91 -17.71 36.49 -35.27
CA THR D 91 -16.35 36.34 -34.75
C THR D 91 -16.22 35.03 -34.00
N ALA D 92 -15.20 34.24 -34.33
CA ALA D 92 -14.99 32.92 -33.71
C ALA D 92 -13.74 32.30 -34.31
N ASN D 93 -13.27 31.22 -33.69
CA ASN D 93 -12.29 30.32 -34.31
C ASN D 93 -13.06 29.29 -35.11
N TYR D 94 -12.79 29.19 -36.41
CA TYR D 94 -13.52 28.31 -37.32
C TYR D 94 -12.71 27.05 -37.55
N TYR D 95 -13.37 25.92 -37.44
CA TYR D 95 -12.73 24.60 -37.65
C TYR D 95 -13.41 23.87 -38.79
N CYS D 96 -12.64 23.11 -39.58
CA CYS D 96 -13.35 22.09 -40.33
C CYS D 96 -13.10 20.70 -39.72
N ALA D 97 -14.08 19.83 -39.94
CA ALA D 97 -14.10 18.49 -39.37
C ALA D 97 -14.57 17.53 -40.44
N ALA D 98 -14.11 16.27 -40.34
CA ALA D 98 -14.44 15.28 -41.35
C ALA D 98 -14.77 13.92 -40.73
N ARG D 99 -15.53 13.15 -41.50
CA ARG D 99 -15.87 11.75 -41.23
C ARG D 99 -15.38 10.88 -42.37
N THR D 100 -15.01 9.61 -42.06
CA THR D 100 -14.55 8.71 -43.12
C THR D 100 -15.69 8.00 -43.85
N PHE D 101 -16.78 8.73 -44.10
CA PHE D 101 -18.02 8.27 -44.71
C PHE D 101 -18.45 9.32 -45.71
N THR D 102 -19.19 8.87 -46.73
CA THR D 102 -19.68 9.76 -47.79
C THR D 102 -21.02 10.42 -47.46
N ALA D 103 -21.74 9.91 -46.46
CA ALA D 103 -23.04 10.42 -46.09
C ALA D 103 -23.12 10.53 -44.57
N GLY D 104 -24.00 11.42 -44.14
CA GLY D 104 -24.22 11.63 -42.71
C GLY D 104 -23.72 12.98 -42.28
N CYS D 105 -24.56 14.01 -42.47
CA CYS D 105 -24.25 15.37 -42.05
C CYS D 105 -24.81 15.60 -40.67
N TYR D 106 -23.93 15.57 -39.67
CA TYR D 106 -24.30 15.66 -38.25
C TYR D 106 -23.86 16.98 -37.61
N SER D 107 -24.69 17.46 -36.67
CA SER D 107 -24.42 18.76 -36.08
C SER D 107 -23.48 18.73 -34.87
N ARG D 108 -23.20 17.56 -34.29
CA ARG D 108 -22.49 17.55 -33.00
C ARG D 108 -21.03 17.18 -33.18
N SER D 109 -20.15 17.84 -32.41
CA SER D 109 -18.70 17.61 -32.57
C SER D 109 -18.31 16.16 -32.36
N ILE D 110 -18.99 15.45 -31.46
CA ILE D 110 -18.61 14.07 -31.18
C ILE D 110 -18.80 13.15 -32.38
N ALA D 111 -19.55 13.57 -33.40
CA ALA D 111 -19.75 12.76 -34.58
C ALA D 111 -18.53 12.75 -35.52
N TYR D 112 -17.53 13.59 -35.26
CA TYR D 112 -16.39 13.81 -36.18
C TYR D 112 -15.07 13.38 -35.55
N PRO D 113 -14.37 12.39 -36.10
CA PRO D 113 -13.08 12.02 -35.53
C PRO D 113 -11.93 12.93 -35.95
N TYR D 114 -12.03 13.66 -37.04
CA TYR D 114 -10.91 14.41 -37.55
C TYR D 114 -11.23 15.90 -37.58
N TRP D 115 -10.22 16.69 -37.22
CA TRP D 115 -10.37 18.14 -37.04
C TRP D 115 -9.12 18.84 -37.51
N GLY D 116 -9.28 20.07 -38.05
CA GLY D 116 -8.14 20.91 -38.29
C GLY D 116 -7.73 21.63 -37.02
N GLN D 117 -6.82 22.58 -37.19
CA GLN D 117 -6.35 23.33 -36.04
C GLN D 117 -7.07 24.66 -35.84
N GLY D 118 -7.88 25.07 -36.79
CA GLY D 118 -8.71 26.26 -36.65
C GLY D 118 -8.11 27.45 -37.36
N THR D 119 -8.97 28.40 -37.75
CA THR D 119 -8.52 29.67 -38.33
C THR D 119 -9.42 30.73 -37.73
N GLN D 120 -8.79 31.74 -37.11
CA GLN D 120 -9.51 32.77 -36.36
C GLN D 120 -10.12 33.82 -37.28
N VAL D 121 -11.42 34.10 -37.11
CA VAL D 121 -12.07 35.23 -37.77
C VAL D 121 -12.48 36.26 -36.73
N THR D 122 -11.95 37.47 -36.83
CA THR D 122 -12.30 38.54 -35.88
C THR D 122 -12.87 39.70 -36.67
N VAL D 123 -14.14 40.01 -36.43
CA VAL D 123 -14.82 41.11 -37.12
C VAL D 123 -14.66 42.34 -36.23
N SER D 124 -13.89 43.31 -36.71
CA SER D 124 -13.33 44.36 -35.85
C SER D 124 -14.43 45.26 -35.30
N SER D 125 -14.22 45.79 -34.09
CA SER D 125 -15.20 46.71 -33.50
C SER D 125 -14.68 48.15 -33.42
N THR E 1 24.42 29.11 -0.60
CA THR E 1 23.50 28.02 -0.24
C THR E 1 24.28 26.79 0.22
N LYS E 2 24.31 26.60 1.53
CA LYS E 2 24.96 25.42 2.09
C LYS E 2 24.38 24.15 1.46
N PRO E 3 25.22 23.18 1.06
CA PRO E 3 24.70 21.94 0.48
C PRO E 3 24.00 21.07 1.50
N PHE E 4 22.89 20.48 1.08
CA PHE E 4 22.15 19.53 1.90
C PHE E 4 22.86 18.17 1.92
N SER E 5 22.59 17.37 2.95
CA SER E 5 23.20 16.05 3.14
C SER E 5 22.45 15.37 4.28
N VAL E 6 22.64 14.05 4.40
CA VAL E 6 22.18 13.30 5.58
C VAL E 6 23.40 12.68 6.26
N PRO E 7 23.31 12.36 7.55
CA PRO E 7 24.48 11.83 8.24
C PRO E 7 24.88 10.47 7.74
N VAL E 8 26.20 10.23 7.77
CA VAL E 8 26.76 8.92 7.44
C VAL E 8 26.63 8.06 8.70
N LEU E 9 25.52 7.36 8.80
CA LEU E 9 25.23 6.52 9.99
C LEU E 9 24.49 5.29 9.49
N THR E 10 24.89 4.10 9.94
CA THR E 10 24.14 2.90 9.61
C THR E 10 22.83 2.88 10.41
N VAL E 11 21.91 2.00 10.03
CA VAL E 11 20.64 1.93 10.77
C VAL E 11 20.90 1.64 12.25
N GLU E 12 21.75 0.64 12.51
CA GLU E 12 22.05 0.26 13.90
C GLU E 12 22.74 1.34 14.70
N GLU E 13 23.45 2.26 14.04
CA GLU E 13 24.03 3.40 14.75
C GLU E 13 23.02 4.47 15.15
N MET E 14 21.78 4.42 14.66
CA MET E 14 20.84 5.49 14.92
C MET E 14 19.80 5.10 15.97
N THR E 15 18.96 6.08 16.32
CA THR E 15 18.06 6.03 17.44
C THR E 15 16.64 6.35 16.96
N ASN E 16 15.67 5.62 17.47
CA ASN E 16 14.27 5.98 17.24
C ASN E 16 13.97 7.36 17.82
N SER E 17 13.15 8.16 17.09
CA SER E 17 12.78 9.47 17.57
C SER E 17 11.49 9.48 18.35
N ARG E 18 10.87 8.31 18.57
CA ARG E 18 9.61 8.27 19.30
C ARG E 18 9.70 7.53 20.65
N PHE E 19 10.86 6.93 20.96
CA PHE E 19 11.09 6.24 22.24
C PHE E 19 12.59 6.12 22.33
N PRO E 20 13.20 6.24 23.53
CA PRO E 20 14.68 6.30 23.62
C PRO E 20 15.36 4.92 23.47
N ILE E 21 15.37 4.40 22.25
CA ILE E 21 15.90 3.07 21.96
C ILE E 21 16.55 3.07 20.57
N PRO E 22 17.45 2.16 20.28
CA PRO E 22 18.09 2.11 18.95
C PRO E 22 17.10 1.74 17.86
N LEU E 23 17.38 2.20 16.65
CA LEU E 23 16.76 1.59 15.48
C LEU E 23 17.25 0.16 15.26
N GLU E 24 16.39 -0.67 14.67
CA GLU E 24 16.70 -2.06 14.33
C GLU E 24 16.55 -2.36 12.86
N LYS E 25 15.58 -1.76 12.17
CA LYS E 25 15.35 -2.16 10.80
C LYS E 25 14.53 -1.11 10.07
N LEU E 26 14.52 -1.24 8.74
CA LEU E 26 13.68 -0.45 7.84
C LEU E 26 12.46 -1.29 7.43
N PHE E 27 11.29 -0.66 7.46
CA PHE E 27 10.02 -1.35 7.25
C PHE E 27 9.16 -0.49 6.33
N THR E 28 8.44 -1.14 5.41
CA THR E 28 7.46 -0.41 4.61
C THR E 28 6.14 -1.17 4.58
N GLY E 29 5.05 -0.43 4.59
CA GLY E 29 3.77 -1.05 4.37
C GLY E 29 2.75 0.02 4.01
N PRO E 30 1.53 -0.41 3.67
CA PRO E 30 0.47 0.55 3.35
C PRO E 30 -0.02 1.26 4.61
N SER E 31 -0.48 2.51 4.43
CA SER E 31 -1.01 3.27 5.55
C SER E 31 -2.29 4.03 5.23
N SER E 32 -2.89 3.79 4.07
CA SER E 32 -4.06 4.60 3.73
C SER E 32 -5.26 4.30 4.61
N ALA E 33 -5.21 3.23 5.41
CA ALA E 33 -6.30 2.87 6.30
C ALA E 33 -6.37 3.76 7.55
N PHE E 34 -5.22 4.18 8.10
CA PHE E 34 -5.16 4.89 9.36
C PHE E 34 -4.40 6.21 9.19
N VAL E 35 -4.39 7.02 10.25
CA VAL E 35 -3.81 8.35 10.16
C VAL E 35 -2.41 8.28 10.75
N VAL E 36 -1.43 8.69 9.95
CA VAL E 36 -0.03 8.71 10.38
C VAL E 36 0.30 10.14 10.77
N GLN E 37 0.31 10.42 12.08
CA GLN E 37 0.50 11.79 12.50
C GLN E 37 1.32 11.83 13.81
N PRO E 38 2.47 11.18 13.84
CA PRO E 38 3.30 11.27 15.06
C PRO E 38 3.76 12.70 15.30
N GLN E 39 4.02 13.03 16.59
CA GLN E 39 4.43 14.38 16.96
C GLN E 39 5.89 14.48 17.38
N ASN E 40 6.51 13.32 17.70
CA ASN E 40 7.94 13.23 17.93
C ASN E 40 8.60 12.73 16.67
N GLY E 41 9.84 13.13 16.46
CA GLY E 41 10.54 12.77 15.23
C GLY E 41 10.04 13.53 14.01
N ARG E 42 9.65 14.78 14.19
CA ARG E 42 9.15 15.61 13.09
C ARG E 42 10.05 16.84 12.94
N CYS E 43 10.59 17.04 11.74
CA CYS E 43 11.55 18.10 11.45
C CYS E 43 11.63 18.26 9.94
N THR E 44 11.69 19.51 9.44
CA THR E 44 11.91 19.72 8.02
C THR E 44 13.37 19.51 7.64
N THR E 45 13.62 19.29 6.36
CA THR E 45 14.98 19.04 5.93
C THR E 45 15.87 20.26 6.13
N ASP E 46 15.27 21.46 6.20
CA ASP E 46 16.05 22.66 6.47
C ASP E 46 16.09 23.03 7.95
N GLY E 47 15.66 22.12 8.82
CA GLY E 47 15.97 22.22 10.25
C GLY E 47 14.95 22.85 11.16
N VAL E 48 13.66 22.84 10.78
CA VAL E 48 12.58 23.35 11.61
C VAL E 48 11.96 22.18 12.38
N LEU E 49 12.12 22.17 13.70
CA LEU E 49 11.42 21.17 14.49
C LEU E 49 9.91 21.40 14.49
N LEU E 50 9.16 20.30 14.49
CA LEU E 50 7.70 20.33 14.45
C LEU E 50 7.08 19.53 15.60
N GLY E 51 5.79 19.75 15.81
CA GLY E 51 5.08 18.88 16.76
C GLY E 51 5.62 19.08 18.17
N THR E 52 5.88 17.97 18.86
CA THR E 52 6.50 17.96 20.18
C THR E 52 7.99 17.60 20.11
N THR E 53 8.61 17.81 18.95
CA THR E 53 9.94 17.28 18.73
C THR E 53 10.99 18.20 19.36
N GLN E 54 11.94 17.58 20.08
CA GLN E 54 13.07 18.28 20.69
C GLN E 54 14.33 17.46 20.37
N LEU E 55 15.51 17.97 20.79
CA LEU E 55 16.77 17.47 20.24
C LEU E 55 17.37 16.25 20.94
N SER E 56 17.10 16.08 22.25
CA SER E 56 17.77 15.07 23.07
C SER E 56 17.07 13.73 22.96
N PRO E 57 17.74 12.68 22.50
CA PRO E 57 17.16 11.33 22.51
C PRO E 57 16.72 10.88 23.88
N VAL E 58 17.44 11.29 24.94
CA VAL E 58 17.13 10.76 26.26
C VAL E 58 15.95 11.46 26.91
N ASN E 59 15.39 12.51 26.31
CA ASN E 59 14.23 13.17 26.85
C ASN E 59 12.90 12.69 26.23
N ILE E 60 12.96 11.78 25.26
CA ILE E 60 11.75 11.26 24.62
C ILE E 60 10.97 10.40 25.62
N CYS E 61 9.71 10.76 25.87
CA CYS E 61 8.81 10.09 26.82
C CYS E 61 9.32 10.18 28.26
N THR E 62 10.18 11.15 28.55
CA THR E 62 10.52 11.53 29.93
C THR E 62 9.61 12.64 30.42
N PHE E 63 9.30 12.63 31.72
CA PHE E 63 8.58 13.71 32.37
C PHE E 63 9.40 14.21 33.56
N ARG E 64 9.31 15.51 33.82
CA ARG E 64 9.98 16.15 34.97
C ARG E 64 8.98 17.08 35.63
N GLY E 65 9.01 17.16 36.97
CA GLY E 65 8.14 18.11 37.65
C GLY E 65 8.20 17.88 39.15
N ASP E 66 7.05 18.09 39.81
CA ASP E 66 6.84 17.72 41.21
C ASP E 66 5.52 16.97 41.32
N VAL E 67 5.33 16.24 42.42
CA VAL E 67 4.17 15.35 42.52
C VAL E 67 3.35 15.64 43.76
N THR E 68 2.04 15.42 43.61
CA THR E 68 1.04 15.49 44.66
C THR E 68 0.33 14.15 44.76
N HIS E 69 0.05 13.72 45.97
CA HIS E 69 -0.47 12.38 46.22
C HIS E 69 -1.98 12.42 46.20
N ILE E 70 -2.58 11.46 45.47
CA ILE E 70 -4.02 11.22 45.47
C ILE E 70 -4.28 10.30 46.67
N THR E 71 -4.78 10.88 47.77
CA THR E 71 -4.56 10.33 49.12
C THR E 71 -5.05 8.89 49.28
N GLY E 72 -6.11 8.48 48.58
CA GLY E 72 -6.63 7.14 48.79
C GLY E 72 -6.06 6.08 47.89
N SER E 73 -4.81 6.25 47.44
CA SER E 73 -4.30 5.46 46.33
C SER E 73 -2.79 5.52 46.28
N ARG E 74 -2.24 4.68 45.40
CA ARG E 74 -0.84 4.71 45.01
C ARG E 74 -0.60 5.58 43.77
N ASN E 75 -1.53 6.47 43.42
CA ASN E 75 -1.43 7.32 42.23
C ASN E 75 -0.98 8.71 42.64
N TYR E 76 -0.14 9.32 41.79
CA TYR E 76 0.38 10.67 42.00
C TYR E 76 0.14 11.52 40.77
N THR E 77 -0.14 12.79 41.00
CA THR E 77 -0.20 13.77 39.93
C THR E 77 1.15 14.48 39.84
N MET E 78 1.78 14.45 38.65
CA MET E 78 2.88 15.33 38.32
C MET E 78 2.36 16.63 37.77
N ASN E 79 2.75 17.73 38.40
CA ASN E 79 2.74 19.06 37.80
C ASN E 79 4.03 19.23 36.99
N LEU E 80 3.88 19.27 35.65
CA LEU E 80 5.05 19.22 34.80
C LEU E 80 5.84 20.52 34.79
N ALA E 81 7.14 20.36 34.65
CA ALA E 81 8.06 21.41 34.24
C ALA E 81 8.53 21.14 32.82
N SER E 82 9.17 22.15 32.23
CA SER E 82 9.90 21.92 30.97
C SER E 82 11.05 20.96 31.22
N GLN E 83 11.73 20.56 30.13
CA GLN E 83 12.70 19.49 30.26
C GLN E 83 13.96 19.94 30.96
N ASN E 84 14.19 21.25 31.01
CA ASN E 84 15.30 21.82 31.76
C ASN E 84 14.89 22.38 33.12
N TRP E 85 13.78 21.89 33.68
CA TRP E 85 13.18 22.31 34.94
C TRP E 85 12.60 23.71 34.94
N ASN E 86 12.63 24.44 33.82
CA ASN E 86 11.97 25.75 33.77
C ASN E 86 10.46 25.58 33.97
N ASP E 87 9.80 26.68 34.35
CA ASP E 87 8.34 26.66 34.44
C ASP E 87 7.78 26.29 33.07
N TYR E 88 6.65 25.61 33.07
CA TYR E 88 6.00 25.19 31.83
C TYR E 88 4.87 26.17 31.50
N ASP E 89 4.84 26.59 30.22
CA ASP E 89 3.91 27.61 29.74
C ASP E 89 2.86 26.97 28.85
N PRO E 90 1.64 26.72 29.35
CA PRO E 90 0.62 26.08 28.50
C PRO E 90 0.19 26.93 27.30
N THR E 91 0.62 28.17 27.18
CA THR E 91 0.21 28.97 26.03
C THR E 91 1.21 28.95 24.87
N GLU E 92 2.34 28.25 25.03
CA GLU E 92 3.24 28.05 23.90
C GLU E 92 2.49 27.35 22.77
N GLU E 93 2.83 27.70 21.53
CA GLU E 93 2.12 27.16 20.37
C GLU E 93 2.67 25.79 19.99
N ILE E 94 2.50 24.85 20.91
CA ILE E 94 2.89 23.45 20.70
C ILE E 94 1.74 22.55 21.15
N PRO E 95 1.73 21.28 20.73
CA PRO E 95 0.61 20.41 21.16
C PRO E 95 0.67 20.04 22.59
N ALA E 96 1.88 20.03 23.17
CA ALA E 96 2.13 19.46 24.49
C ALA E 96 3.60 19.73 24.79
N PRO E 97 4.07 19.53 26.04
CA PRO E 97 5.51 19.67 26.31
C PRO E 97 6.36 18.83 25.36
N LEU E 98 7.54 19.36 25.02
CA LEU E 98 8.40 18.66 24.08
C LEU E 98 8.84 17.33 24.68
N GLY E 99 8.73 16.30 23.88
CA GLY E 99 9.03 14.94 24.28
C GLY E 99 7.86 14.15 24.83
N THR E 100 6.69 14.75 25.00
CA THR E 100 5.53 14.02 25.49
C THR E 100 5.31 12.77 24.63
N PRO E 101 4.89 11.64 25.19
CA PRO E 101 4.57 10.48 24.33
C PRO E 101 3.49 10.86 23.30
N ASP E 102 3.63 10.34 22.08
CA ASP E 102 2.70 10.68 21.01
C ASP E 102 1.89 9.45 20.58
N PHE E 103 1.63 8.53 21.51
CA PHE E 103 0.76 7.39 21.21
C PHE E 103 -0.03 7.01 22.46
N VAL E 104 -1.15 6.32 22.23
CA VAL E 104 -1.96 5.81 23.33
C VAL E 104 -1.47 4.44 23.77
N GLY E 105 -1.07 4.34 25.04
CA GLY E 105 -0.72 3.06 25.62
C GLY E 105 -0.33 3.26 27.07
N LYS E 106 0.21 2.20 27.64
CA LYS E 106 0.62 2.14 29.04
C LYS E 106 2.15 2.01 29.05
N ILE E 107 2.83 3.09 29.45
CA ILE E 107 4.30 3.15 29.45
C ILE E 107 4.76 2.94 30.88
N GLN E 108 5.59 1.94 31.09
CA GLN E 108 6.12 1.70 32.43
C GLN E 108 7.54 2.20 32.55
N GLY E 109 7.89 2.69 33.73
CA GLY E 109 9.23 3.20 33.96
C GLY E 109 9.46 3.32 35.46
N VAL E 110 10.27 4.29 35.85
CA VAL E 110 10.61 4.49 37.26
C VAL E 110 10.46 5.95 37.56
N LEU E 111 9.74 6.26 38.66
CA LEU E 111 9.65 7.61 39.17
C LEU E 111 10.73 7.76 40.22
N THR E 112 11.66 8.70 40.02
CA THR E 112 12.71 9.00 41.00
C THR E 112 12.52 10.40 41.56
N GLN E 113 13.06 10.59 42.77
CA GLN E 113 12.93 11.84 43.46
C GLN E 113 14.15 12.07 44.35
N THR E 114 14.57 13.33 44.45
CA THR E 114 15.59 13.75 45.41
C THR E 114 14.96 14.77 46.35
N THR E 115 15.22 14.62 47.66
CA THR E 115 14.86 15.63 48.66
C THR E 115 16.02 16.60 48.84
N ARG E 116 15.75 17.90 48.64
CA ARG E 116 16.84 18.84 48.45
C ARG E 116 17.54 19.20 49.76
N THR E 117 16.85 19.09 50.89
CA THR E 117 17.50 19.45 52.15
C THR E 117 18.57 18.45 52.55
N ASP E 118 18.34 17.14 52.39
CA ASP E 118 19.33 16.15 52.81
C ASP E 118 19.93 15.30 51.69
N GLY E 119 19.53 15.49 50.42
CA GLY E 119 20.09 14.65 49.39
C GLY E 119 19.62 13.21 49.41
N SER E 120 18.57 12.89 50.15
CA SER E 120 18.04 11.53 50.12
C SER E 120 17.32 11.30 48.79
N THR E 121 17.23 10.03 48.39
CA THR E 121 16.70 9.69 47.06
C THR E 121 15.84 8.43 47.13
N ARG E 122 15.10 8.18 46.05
CA ARG E 122 14.16 7.07 46.04
C ARG E 122 13.68 6.87 44.60
N GLY E 123 13.48 5.61 44.24
CA GLY E 123 12.86 5.26 42.96
C GLY E 123 11.71 4.29 43.22
N HIS E 124 10.63 4.45 42.44
CA HIS E 124 9.51 3.52 42.51
C HIS E 124 8.99 3.18 41.12
N LYS E 125 8.57 1.93 40.95
CA LYS E 125 7.90 1.50 39.70
C LYS E 125 6.70 2.39 39.44
N ALA E 126 6.50 2.79 38.18
CA ALA E 126 5.46 3.76 37.90
C ALA E 126 5.01 3.55 36.45
N THR E 127 3.71 3.71 36.23
CA THR E 127 3.10 3.52 34.92
C THR E 127 2.27 4.73 34.56
N VAL E 128 2.37 5.22 33.31
CA VAL E 128 1.51 6.32 32.83
C VAL E 128 0.65 5.79 31.68
N TYR E 129 -0.65 5.97 31.80
CA TYR E 129 -1.61 5.52 30.79
C TYR E 129 -1.99 6.75 29.97
N THR E 130 -1.43 6.85 28.76
CA THR E 130 -1.59 8.05 27.97
C THR E 130 -2.97 8.18 27.34
N GLY E 131 -3.82 7.17 27.48
CA GLY E 131 -5.22 7.29 27.13
C GLY E 131 -6.11 7.64 28.29
N SER E 132 -5.54 7.88 29.48
CA SER E 132 -6.31 8.17 30.68
C SER E 132 -6.98 9.53 30.58
N ALA E 133 -8.17 9.64 31.19
CA ALA E 133 -8.88 10.92 31.21
C ALA E 133 -8.00 12.04 31.78
N ASP E 134 -7.10 11.71 32.70
CA ASP E 134 -6.28 12.69 33.39
C ASP E 134 -4.88 12.77 32.83
N PHE E 135 -4.64 12.14 31.67
CA PHE E 135 -3.43 12.42 30.90
C PHE E 135 -3.67 13.76 30.22
N ALA E 136 -3.18 14.85 30.85
CA ALA E 136 -3.37 16.21 30.32
C ALA E 136 -2.06 16.98 30.26
N PRO E 137 -1.01 16.44 29.63
CA PRO E 137 0.28 17.15 29.61
C PRO E 137 0.20 18.56 29.04
N LYS E 138 -0.68 18.82 28.06
CA LYS E 138 -0.71 20.17 27.53
C LYS E 138 -1.18 21.17 28.58
N LEU E 139 -2.01 20.72 29.52
CA LEU E 139 -2.41 21.57 30.65
C LEU E 139 -1.33 21.62 31.72
N GLY E 140 -0.37 20.70 31.69
CA GLY E 140 0.68 20.67 32.69
C GLY E 140 0.57 19.56 33.70
N ARG E 141 -0.27 18.54 33.48
CA ARG E 141 -0.38 17.48 34.48
C ARG E 141 -0.63 16.12 33.86
N VAL E 142 -0.02 15.11 34.47
CA VAL E 142 -0.27 13.70 34.16
C VAL E 142 -0.37 12.93 35.48
N GLN E 143 -0.98 11.76 35.42
CA GLN E 143 -1.06 10.89 36.58
C GLN E 143 -0.16 9.69 36.37
N PHE E 144 0.53 9.24 37.43
CA PHE E 144 1.27 7.98 37.42
C PHE E 144 0.70 7.01 38.45
N GLU E 145 0.57 5.74 38.07
CA GLU E 145 0.28 4.68 39.04
C GLU E 145 1.59 4.09 39.53
N THR E 146 1.75 3.99 40.87
CA THR E 146 3.00 3.56 41.46
C THR E 146 2.77 2.38 42.42
N ASP E 147 3.85 1.87 43.00
CA ASP E 147 3.75 0.83 44.02
C ASP E 147 3.80 1.37 45.45
N THR E 148 3.67 2.69 45.64
CA THR E 148 3.77 3.28 46.97
C THR E 148 2.63 4.28 47.21
N ASP E 149 2.36 4.56 48.49
CA ASP E 149 1.40 5.59 48.85
C ASP E 149 1.96 6.59 49.86
N ARG E 150 3.27 6.59 50.12
CA ARG E 150 3.79 7.50 51.13
C ARG E 150 5.20 7.98 50.86
N ASP E 151 5.90 7.35 49.93
CA ASP E 151 7.33 7.61 49.87
C ASP E 151 7.69 8.93 49.19
N PHE E 152 6.84 9.48 48.32
CA PHE E 152 7.20 10.67 47.54
C PHE E 152 6.81 11.94 48.30
N GLU E 153 7.71 12.91 48.33
CA GLU E 153 7.41 14.18 48.97
C GLU E 153 6.92 15.19 47.93
N ALA E 154 6.29 16.25 48.40
CA ALA E 154 5.86 17.36 47.54
C ALA E 154 6.94 18.43 47.42
N ASN E 155 6.86 19.21 46.33
CA ASN E 155 7.73 20.35 46.01
C ASN E 155 9.20 19.92 45.83
N GLN E 156 9.45 18.64 45.51
CA GLN E 156 10.78 18.10 45.33
C GLN E 156 10.96 17.66 43.88
N ASN E 157 12.15 17.86 43.32
CA ASN E 157 12.39 17.48 41.91
C ASN E 157 12.12 15.99 41.71
N THR E 158 11.30 15.66 40.68
CA THR E 158 10.85 14.30 40.44
C THR E 158 10.92 14.04 38.94
N LYS E 159 11.38 12.85 38.55
CA LYS E 159 11.52 12.53 37.13
C LYS E 159 10.93 11.14 36.83
N PHE E 160 10.30 11.01 35.67
CA PHE E 160 9.87 9.72 35.15
C PHE E 160 10.87 9.30 34.07
N THR E 161 11.50 8.14 34.25
CA THR E 161 12.34 7.58 33.21
C THR E 161 11.59 6.43 32.56
N PRO E 162 11.26 6.50 31.26
CA PRO E 162 10.54 5.39 30.63
C PRO E 162 11.43 4.19 30.40
N VAL E 163 10.86 2.99 30.51
CA VAL E 163 11.55 1.74 30.22
C VAL E 163 10.91 0.98 29.05
N GLY E 164 9.59 0.79 29.11
CA GLY E 164 8.91 0.00 28.11
C GLY E 164 7.39 0.14 28.20
N VAL E 165 6.68 -0.81 27.57
CA VAL E 165 5.23 -0.74 27.49
C VAL E 165 4.64 -2.03 28.02
N ILE E 166 3.36 -1.97 28.44
CA ILE E 166 2.68 -3.16 28.95
C ILE E 166 1.35 -3.37 28.23
N GLN E 167 0.79 -4.57 28.45
CA GLN E 167 -0.51 -4.92 27.92
C GLN E 167 -1.23 -5.75 28.98
N ASP E 168 -2.55 -5.61 29.02
CA ASP E 168 -3.37 -6.48 29.87
C ASP E 168 -3.43 -7.90 29.28
N GLY E 169 -2.80 -8.86 29.97
CA GLY E 169 -2.69 -10.20 29.41
C GLY E 169 -4.00 -10.97 29.32
N GLY E 170 -5.08 -10.45 29.94
CA GLY E 170 -6.38 -11.10 29.93
C GLY E 170 -7.23 -10.84 28.71
N THR E 171 -6.71 -10.08 27.74
CA THR E 171 -7.43 -9.67 26.55
C THR E 171 -6.56 -9.95 25.33
N THR E 172 -7.15 -9.77 24.14
CA THR E 172 -6.49 -10.06 22.87
C THR E 172 -5.04 -9.59 22.87
N HIS E 173 -4.14 -10.47 22.42
CA HIS E 173 -2.72 -10.16 22.48
C HIS E 173 -2.35 -9.08 21.47
N ARG E 174 -1.42 -8.22 21.86
CA ARG E 174 -0.89 -7.16 21.01
C ARG E 174 -1.95 -6.13 20.64
N ASN E 175 -3.02 -5.99 21.43
CA ASN E 175 -4.04 -4.97 21.14
C ASN E 175 -3.64 -3.57 21.62
N GLU E 176 -2.53 -3.46 22.36
CA GLU E 176 -2.04 -2.17 22.83
C GLU E 176 -0.54 -2.32 22.99
N PRO E 177 0.23 -1.22 22.91
CA PRO E 177 -0.15 0.17 22.59
C PRO E 177 -0.69 0.29 21.19
N GLN E 178 -1.25 1.47 20.88
CA GLN E 178 -1.73 1.83 19.54
C GLN E 178 -0.85 2.99 19.03
N GLN E 179 0.22 2.65 18.32
CA GLN E 179 1.23 3.66 18.03
C GLN E 179 0.77 4.77 17.08
N TRP E 180 -0.30 4.57 16.31
CA TRP E 180 -0.80 5.64 15.43
C TRP E 180 -1.99 6.39 16.02
N VAL E 181 -2.36 6.15 17.28
CA VAL E 181 -3.46 6.88 17.90
C VAL E 181 -2.87 7.95 18.82
N LEU E 182 -3.12 9.21 18.49
CA LEU E 182 -2.59 10.26 19.35
C LEU E 182 -3.37 10.35 20.65
N PRO E 183 -2.70 10.72 21.74
CA PRO E 183 -3.43 11.05 22.97
C PRO E 183 -4.18 12.35 22.78
N SER E 184 -5.15 12.58 23.67
CA SER E 184 -5.76 13.91 23.80
C SER E 184 -4.93 14.66 24.82
N TYR E 185 -4.08 15.57 24.33
CA TYR E 185 -3.05 16.16 25.17
C TYR E 185 -3.62 17.05 26.27
N SER E 186 -4.84 17.59 26.13
CA SER E 186 -5.41 18.37 27.22
C SER E 186 -6.45 17.60 28.04
N GLY E 187 -6.50 16.29 27.91
CA GLY E 187 -7.40 15.50 28.73
C GLY E 187 -8.60 15.03 27.94
N ARG E 188 -9.43 14.23 28.63
CA ARG E 188 -10.54 13.60 27.93
C ARG E 188 -11.44 14.65 27.31
N ASN E 189 -11.87 14.41 26.07
CA ASN E 189 -12.86 15.23 25.37
C ASN E 189 -12.38 16.65 25.09
N THR E 190 -11.07 16.83 24.84
CA THR E 190 -10.52 18.10 24.37
C THR E 190 -9.94 17.93 22.97
N HIS E 191 -9.66 19.06 22.31
CA HIS E 191 -9.14 19.06 20.94
C HIS E 191 -7.66 19.41 20.94
N ASN E 192 -6.85 18.59 20.27
CA ASN E 192 -5.43 18.88 20.13
C ASN E 192 -5.19 20.12 19.27
N VAL E 193 -4.06 20.79 19.50
CA VAL E 193 -3.71 22.02 18.81
C VAL E 193 -2.26 21.98 18.34
N HIS E 194 -1.96 22.76 17.28
CA HIS E 194 -0.59 23.00 16.82
C HIS E 194 0.11 21.70 16.40
N LEU E 195 -0.64 20.74 15.86
CA LEU E 195 -0.04 19.46 15.49
C LEU E 195 0.83 19.56 14.25
N ALA E 196 1.91 18.77 14.24
CA ALA E 196 2.54 18.48 12.96
C ALA E 196 1.54 17.70 12.09
N PRO E 197 1.47 17.97 10.79
CA PRO E 197 0.39 17.41 9.97
C PRO E 197 0.49 15.90 9.80
N ALA E 198 -0.65 15.31 9.44
CA ALA E 198 -0.63 13.92 9.04
C ALA E 198 0.15 13.76 7.73
N VAL E 199 0.77 12.59 7.53
CA VAL E 199 1.57 12.35 6.34
C VAL E 199 1.01 11.16 5.57
N ALA E 200 1.08 11.26 4.23
CA ALA E 200 0.55 10.19 3.39
C ALA E 200 1.30 10.26 2.07
N PRO E 201 1.67 9.15 1.47
CA PRO E 201 2.28 9.27 0.14
C PRO E 201 1.22 9.81 -0.82
N THR E 202 1.65 10.73 -1.67
CA THR E 202 0.79 11.32 -2.67
C THR E 202 1.09 10.83 -4.09
N PHE E 203 2.29 10.39 -4.34
CA PHE E 203 2.77 9.91 -5.63
C PHE E 203 2.29 8.48 -5.89
N PRO E 204 1.77 8.19 -7.08
CA PRO E 204 1.26 6.84 -7.32
C PRO E 204 2.36 5.79 -7.18
N GLY E 205 2.00 4.67 -6.57
CA GLY E 205 2.92 3.58 -6.40
C GLY E 205 3.82 3.67 -5.16
N GLU E 206 3.66 4.68 -4.32
CA GLU E 206 4.60 4.85 -3.20
C GLU E 206 3.97 4.46 -1.88
N GLN E 207 4.85 4.04 -0.97
CA GLN E 207 4.53 3.82 0.44
C GLN E 207 5.51 4.60 1.28
N LEU E 208 5.09 4.91 2.52
CA LEU E 208 6.04 5.40 3.54
C LEU E 208 7.12 4.36 3.81
N LEU E 209 8.34 4.84 4.09
CA LEU E 209 9.42 4.02 4.64
C LEU E 209 9.58 4.42 6.11
N PHE E 210 9.50 3.42 6.98
CA PHE E 210 9.51 3.57 8.44
C PHE E 210 10.83 3.12 9.01
N PHE E 211 11.28 3.86 10.03
CA PHE E 211 12.48 3.50 10.78
C PHE E 211 11.99 2.84 12.08
N ARG E 212 12.22 1.53 12.22
CA ARG E 212 11.47 0.71 13.15
C ARG E 212 12.35 0.19 14.30
N SER E 213 11.75 0.15 15.49
CA SER E 213 12.36 -0.41 16.71
C SER E 213 11.37 -1.35 17.33
N THR E 214 11.87 -2.16 18.27
CA THR E 214 11.03 -2.99 19.14
C THR E 214 11.15 -2.45 20.55
N MET E 215 10.03 -1.95 21.08
CA MET E 215 10.01 -1.31 22.41
C MET E 215 10.18 -2.45 23.42
N PRO E 216 10.92 -2.26 24.53
CA PRO E 216 10.89 -3.27 25.61
C PRO E 216 9.46 -3.46 26.11
N GLY E 217 9.12 -4.70 26.45
CA GLY E 217 7.88 -5.02 27.13
C GLY E 217 8.16 -5.38 28.59
N CYS E 218 7.32 -4.82 29.47
CA CYS E 218 7.48 -5.01 30.93
C CYS E 218 6.43 -5.94 31.55
N SER E 219 5.36 -6.29 30.84
CA SER E 219 4.28 -7.11 31.37
C SER E 219 3.23 -7.39 30.28
N GLY E 220 2.66 -8.59 30.27
CA GLY E 220 1.62 -8.91 29.30
C GLY E 220 2.19 -9.20 27.94
N TYR E 221 1.36 -8.97 26.91
CA TYR E 221 1.61 -9.30 25.52
C TYR E 221 1.45 -8.03 24.67
N PRO E 222 2.30 -7.03 24.88
CA PRO E 222 2.14 -5.78 24.12
C PRO E 222 2.58 -5.88 22.66
N ASN E 223 2.01 -4.99 21.86
CA ASN E 223 2.53 -4.73 20.51
C ASN E 223 3.74 -3.82 20.63
N MET E 224 4.92 -4.36 20.38
CA MET E 224 6.15 -3.63 20.67
C MET E 224 6.71 -2.95 19.41
N ASP E 225 6.05 -3.06 18.26
CA ASP E 225 6.50 -2.31 17.09
C ASP E 225 6.41 -0.80 17.30
N LEU E 226 7.47 -0.09 16.95
CA LEU E 226 7.42 1.38 16.95
C LEU E 226 8.12 1.96 15.72
N ASP E 227 7.36 2.69 14.89
CA ASP E 227 7.87 3.26 13.65
C ASP E 227 8.05 4.76 13.76
N CYS E 228 9.22 5.27 13.36
CA CYS E 228 9.33 6.73 13.30
C CYS E 228 9.56 7.17 11.85
N LEU E 229 9.27 8.45 11.57
CA LEU E 229 9.41 8.91 10.17
C LEU E 229 10.82 9.37 9.87
N LEU E 230 11.60 9.70 10.93
CA LEU E 230 12.98 10.18 10.78
C LEU E 230 13.75 9.64 11.98
N PRO E 231 14.94 9.11 11.79
CA PRO E 231 15.82 8.85 12.96
C PRO E 231 16.02 10.10 13.78
N GLN E 232 16.19 9.94 15.10
CA GLN E 232 16.52 11.10 15.89
C GLN E 232 17.77 11.82 15.39
N GLU E 233 18.79 11.08 14.94
CA GLU E 233 20.01 11.74 14.45
C GLU E 233 19.76 12.57 13.19
N TRP E 234 18.74 12.22 12.41
CA TRP E 234 18.42 13.09 11.26
C TRP E 234 17.78 14.39 11.74
N VAL E 235 16.92 14.32 12.77
CA VAL E 235 16.38 15.55 13.38
C VAL E 235 17.52 16.42 13.86
N GLN E 236 18.47 15.83 14.61
CA GLN E 236 19.56 16.62 15.15
C GLN E 236 20.40 17.24 14.03
N TYR E 237 20.67 16.47 12.98
CA TYR E 237 21.55 16.89 11.90
C TYR E 237 20.91 17.98 11.04
N PHE E 238 19.62 17.83 10.69
CA PHE E 238 18.96 18.88 9.91
C PHE E 238 18.85 20.17 10.72
N TYR E 239 18.54 20.06 12.00
CA TYR E 239 18.52 21.23 12.85
C TYR E 239 19.87 21.94 12.83
N GLN E 240 20.95 21.17 12.91
CA GLN E 240 22.28 21.76 12.96
C GLN E 240 22.67 22.37 11.61
N GLU E 241 22.49 21.62 10.52
CA GLU E 241 22.94 22.08 9.20
C GLU E 241 22.06 23.18 8.64
N ALA E 242 20.74 23.05 8.81
CA ALA E 242 19.75 23.99 8.26
C ALA E 242 20.08 24.41 6.82
N ALA E 243 20.34 23.42 5.97
CA ALA E 243 20.61 23.66 4.56
C ALA E 243 19.29 23.94 3.84
N PRO E 244 19.21 24.97 3.00
CA PRO E 244 17.95 25.26 2.32
C PRO E 244 17.54 24.13 1.39
N ALA E 245 16.23 23.88 1.30
CA ALA E 245 15.71 22.89 0.38
C ALA E 245 15.61 23.52 -1.01
N GLN E 246 16.25 22.89 -1.99
CA GLN E 246 16.24 23.41 -3.36
C GLN E 246 15.02 22.97 -4.13
N SER E 247 14.35 21.89 -3.70
CA SER E 247 13.04 21.48 -4.19
C SER E 247 12.29 20.85 -3.03
N ASP E 248 11.11 20.28 -3.32
CA ASP E 248 10.35 19.66 -2.25
C ASP E 248 10.77 18.22 -1.95
N VAL E 249 11.68 17.64 -2.74
CA VAL E 249 11.99 16.22 -2.69
C VAL E 249 13.49 16.02 -2.86
N ALA E 250 14.15 15.50 -1.81
CA ALA E 250 15.54 15.08 -1.88
C ALA E 250 15.64 13.60 -2.21
N LEU E 251 16.45 13.25 -3.22
CA LEU E 251 16.66 11.86 -3.62
C LEU E 251 17.82 11.25 -2.83
N LEU E 252 17.53 10.20 -2.07
CA LEU E 252 18.57 9.48 -1.34
C LEU E 252 18.78 8.10 -1.93
N ARG E 253 20.05 7.66 -1.96
CA ARG E 253 20.42 6.28 -2.26
C ARG E 253 20.93 5.61 -0.98
N PHE E 254 20.56 4.36 -0.79
CA PHE E 254 21.09 3.57 0.32
C PHE E 254 22.23 2.72 -0.23
N VAL E 255 23.44 2.93 0.29
CA VAL E 255 24.66 2.39 -0.35
C VAL E 255 25.44 1.45 0.58
N ASN E 256 26.07 0.42 -0.02
CA ASN E 256 27.08 -0.37 0.67
C ASN E 256 28.45 0.27 0.46
N PRO E 257 29.08 0.83 1.49
CA PRO E 257 30.30 1.62 1.25
C PRO E 257 31.51 0.78 0.87
N ASP E 258 31.44 -0.56 1.02
CA ASP E 258 32.56 -1.39 0.60
C ASP E 258 32.77 -1.27 -0.90
N THR E 259 31.67 -1.11 -1.65
CA THR E 259 31.66 -1.25 -3.10
C THR E 259 31.01 -0.07 -3.81
N GLY E 260 30.26 0.77 -3.09
CA GLY E 260 29.44 1.77 -3.74
C GLY E 260 28.22 1.20 -4.41
N ARG E 261 27.90 -0.07 -4.18
CA ARG E 261 26.67 -0.63 -4.74
C ARG E 261 25.45 -0.02 -4.06
N VAL E 262 24.48 0.40 -4.86
CA VAL E 262 23.24 1.01 -4.35
C VAL E 262 22.20 -0.09 -4.21
N LEU E 263 21.65 -0.23 -2.99
CA LEU E 263 20.62 -1.24 -2.75
C LEU E 263 19.25 -0.73 -3.17
N PHE E 264 18.95 0.55 -2.94
CA PHE E 264 17.65 1.10 -3.31
C PHE E 264 17.75 2.63 -3.24
N GLU E 265 16.71 3.29 -3.72
CA GLU E 265 16.62 4.73 -3.59
C GLU E 265 15.25 5.10 -3.03
N CYS E 266 15.15 6.32 -2.49
CA CYS E 266 13.94 6.75 -1.84
C CYS E 266 13.86 8.27 -1.90
N LYS E 267 12.68 8.80 -1.62
CA LYS E 267 12.45 10.24 -1.55
C LYS E 267 12.42 10.70 -0.10
N LEU E 268 13.25 11.68 0.22
CA LEU E 268 13.12 12.38 1.48
C LEU E 268 12.41 13.70 1.23
N HIS E 269 11.16 13.78 1.67
CA HIS E 269 10.36 14.98 1.45
C HIS E 269 10.80 16.13 2.35
N LYS E 270 10.71 17.35 1.80
CA LYS E 270 11.15 18.53 2.54
C LYS E 270 10.49 18.65 3.92
N SER E 271 9.22 18.29 4.05
CA SER E 271 8.52 18.42 5.32
C SER E 271 8.86 17.30 6.31
N GLY E 272 9.74 16.36 5.92
CA GLY E 272 10.33 15.44 6.90
C GLY E 272 9.74 14.03 6.99
N TYR E 273 9.70 13.32 5.87
CA TYR E 273 9.30 11.90 5.87
C TYR E 273 9.82 11.27 4.59
N VAL E 274 9.84 9.91 4.55
CA VAL E 274 10.49 9.20 3.47
C VAL E 274 9.48 8.29 2.78
N THR E 275 9.53 8.24 1.42
CA THR E 275 8.72 7.29 0.68
C THR E 275 9.58 6.44 -0.25
N VAL E 276 9.05 5.26 -0.57
CA VAL E 276 9.65 4.33 -1.52
C VAL E 276 8.60 3.90 -2.55
N ALA E 277 9.08 3.41 -3.71
CA ALA E 277 8.17 2.84 -4.74
C ALA E 277 8.02 1.35 -4.46
N HIS E 278 6.92 0.98 -3.82
CA HIS E 278 6.65 -0.39 -3.40
C HIS E 278 5.18 -0.51 -3.02
N THR E 279 4.64 -1.71 -3.19
CA THR E 279 3.36 -2.03 -2.56
C THR E 279 3.52 -3.39 -1.88
N GLY E 280 3.12 -3.46 -0.60
CA GLY E 280 3.23 -4.67 0.18
C GLY E 280 3.81 -4.38 1.55
N GLN E 281 3.54 -5.23 2.51
CA GLN E 281 4.12 -5.09 3.86
C GLN E 281 5.40 -5.91 3.90
N HIS E 282 6.54 -5.24 4.03
CA HIS E 282 7.82 -5.97 4.02
C HIS E 282 8.85 -5.33 4.94
N ASP E 283 9.69 -6.20 5.54
CA ASP E 283 10.94 -5.75 6.14
C ASP E 283 12.01 -5.64 5.04
N LEU E 284 12.80 -4.58 5.05
CA LEU E 284 13.93 -4.51 4.14
C LEU E 284 15.11 -5.26 4.76
N VAL E 285 15.81 -6.05 3.96
CA VAL E 285 17.01 -6.78 4.41
C VAL E 285 18.22 -6.03 3.88
N ILE E 286 19.08 -5.56 4.77
CA ILE E 286 20.08 -4.54 4.43
C ILE E 286 21.47 -5.04 4.83
N PRO E 287 22.51 -4.52 4.22
CA PRO E 287 23.87 -4.74 4.75
C PRO E 287 24.06 -3.93 6.03
N PRO E 288 24.69 -4.50 7.06
CA PRO E 288 24.80 -3.79 8.33
C PRO E 288 25.66 -2.54 8.23
N ASN E 289 26.53 -2.46 7.23
CA ASN E 289 27.33 -1.27 7.05
C ASN E 289 26.71 -0.25 6.10
N GLY E 290 25.51 -0.50 5.57
CA GLY E 290 24.94 0.45 4.60
C GLY E 290 24.46 1.73 5.26
N TYR E 291 24.36 2.80 4.48
CA TYR E 291 23.86 4.07 4.99
C TYR E 291 23.21 4.86 3.87
N PHE E 292 22.45 5.90 4.26
CA PHE E 292 21.75 6.75 3.29
C PHE E 292 22.66 7.89 2.83
N ARG E 293 22.52 8.27 1.56
CA ARG E 293 23.38 9.29 0.93
C ARG E 293 22.52 10.19 0.05
N PHE E 294 22.56 11.49 0.31
CA PHE E 294 21.83 12.44 -0.52
C PHE E 294 22.54 12.61 -1.86
N ASP E 295 21.79 12.41 -2.96
CA ASP E 295 22.36 12.47 -4.31
C ASP E 295 21.84 13.63 -5.14
N SER E 296 20.58 14.01 -5.01
CA SER E 296 20.09 15.07 -5.90
C SER E 296 18.75 15.59 -5.41
N TRP E 297 18.53 16.89 -5.57
CA TRP E 297 17.18 17.43 -5.49
C TRP E 297 16.46 17.08 -6.79
N VAL E 298 15.18 16.74 -6.68
CA VAL E 298 14.40 16.31 -7.85
C VAL E 298 13.07 17.02 -7.84
N ASN E 299 12.42 17.02 -9.00
CA ASN E 299 11.18 17.75 -9.16
C ASN E 299 9.98 16.87 -8.78
N GLN E 300 8.77 17.40 -8.99
CA GLN E 300 7.53 16.76 -8.55
C GLN E 300 7.19 15.53 -9.39
N PHE E 301 7.96 15.27 -10.44
CA PHE E 301 7.63 14.25 -11.41
C PHE E 301 8.55 13.05 -11.35
N TYR E 302 9.43 13.00 -10.36
CA TYR E 302 10.44 11.96 -10.37
C TYR E 302 9.85 10.63 -9.91
N THR E 303 10.11 9.57 -10.68
CA THR E 303 9.65 8.21 -10.38
C THR E 303 10.83 7.39 -9.85
N LEU E 304 10.69 6.87 -8.63
CA LEU E 304 11.75 6.05 -8.07
C LEU E 304 11.89 4.72 -8.78
N ALA E 305 13.12 4.21 -8.78
CA ALA E 305 13.31 2.83 -9.17
C ALA E 305 12.53 1.93 -8.19
N PRO E 306 11.75 0.97 -8.68
CA PRO E 306 10.94 0.16 -7.77
C PRO E 306 11.76 -0.78 -6.91
N MET E 307 11.21 -1.07 -5.74
CA MET E 307 11.71 -2.09 -4.87
C MET E 307 10.59 -3.06 -4.50
N GLY E 308 11.01 -4.23 -4.01
CA GLY E 308 10.11 -5.21 -3.44
C GLY E 308 9.58 -6.30 -4.34
N LYS F 2 38.93 20.22 5.03
CA LYS F 2 37.63 20.61 5.56
C LYS F 2 37.72 21.34 6.91
N PRO F 3 37.03 22.47 7.01
CA PRO F 3 37.18 23.31 8.21
C PRO F 3 36.53 22.68 9.44
N PHE F 4 37.26 22.75 10.55
CA PHE F 4 36.78 22.28 11.84
C PHE F 4 35.72 23.23 12.38
N SER F 5 34.96 22.75 13.36
CA SER F 5 33.93 23.54 14.04
C SER F 5 33.37 22.71 15.20
N VAL F 6 32.55 23.37 16.02
CA VAL F 6 31.79 22.69 17.07
C VAL F 6 30.32 23.01 16.84
N PRO F 7 29.38 22.18 17.27
CA PRO F 7 27.96 22.47 16.99
C PRO F 7 27.43 23.70 17.68
N VAL F 8 26.52 24.38 16.99
CA VAL F 8 25.72 25.44 17.60
C VAL F 8 24.65 24.79 18.46
N LEU F 9 24.97 24.59 19.74
CA LEU F 9 24.06 23.99 20.71
C LEU F 9 24.37 24.61 22.06
N THR F 10 23.33 24.97 22.80
CA THR F 10 23.47 25.44 24.18
C THR F 10 23.79 24.27 25.12
N VAL F 11 24.23 24.60 26.35
CA VAL F 11 24.56 23.53 27.28
C VAL F 11 23.34 22.66 27.55
N GLU F 12 22.20 23.30 27.79
CA GLU F 12 20.97 22.59 28.10
C GLU F 12 20.40 21.81 26.91
N GLU F 13 20.84 22.13 25.69
CA GLU F 13 20.44 21.35 24.54
C GLU F 13 21.23 20.06 24.41
N MET F 14 22.25 19.85 25.26
CA MET F 14 23.19 18.74 25.06
C MET F 14 23.04 17.70 26.16
N THR F 15 23.71 16.57 25.94
CA THR F 15 23.56 15.35 26.73
C THR F 15 24.91 14.95 27.34
N ASN F 16 24.88 14.42 28.55
CA ASN F 16 26.07 13.80 29.12
C ASN F 16 26.49 12.58 28.31
N SER F 17 27.81 12.38 28.17
CA SER F 17 28.35 11.25 27.42
C SER F 17 28.68 10.05 28.32
N ARG F 18 28.45 10.16 29.62
CA ARG F 18 28.76 9.08 30.54
C ARG F 18 27.53 8.47 31.22
N PHE F 19 26.32 9.03 30.99
CA PHE F 19 25.07 8.51 31.51
C PHE F 19 23.96 9.16 30.68
N PRO F 20 22.88 8.47 30.40
CA PRO F 20 21.88 9.03 29.45
C PRO F 20 20.97 10.07 30.12
N ILE F 21 21.51 11.27 30.33
CA ILE F 21 20.81 12.38 30.97
C ILE F 21 21.32 13.71 30.39
N PRO F 22 20.52 14.77 30.45
CA PRO F 22 20.96 16.06 29.91
C PRO F 22 22.12 16.67 30.68
N LEU F 23 22.84 17.54 29.99
CA LEU F 23 23.73 18.45 30.70
C LEU F 23 22.96 19.52 31.47
N GLU F 24 23.57 19.97 32.60
CA GLU F 24 22.99 21.04 33.41
C GLU F 24 23.88 22.27 33.49
N LYS F 25 25.19 22.11 33.59
CA LYS F 25 26.01 23.29 33.84
C LYS F 25 27.46 23.00 33.45
N LEU F 26 28.26 24.06 33.45
CA LEU F 26 29.70 23.94 33.26
C LEU F 26 30.37 24.12 34.62
N PHE F 27 31.33 23.26 34.93
CA PHE F 27 32.01 23.27 36.24
C PHE F 27 33.51 23.16 36.03
N THR F 28 34.29 23.86 36.87
CA THR F 28 35.75 23.70 36.76
C THR F 28 36.32 23.56 38.17
N GLY F 29 37.35 22.72 38.29
CA GLY F 29 37.99 22.46 39.57
C GLY F 29 39.33 21.79 39.38
N PRO F 30 40.15 21.74 40.45
CA PRO F 30 41.44 21.05 40.34
C PRO F 30 41.24 19.53 40.30
N SER F 31 42.10 18.86 39.53
CA SER F 31 41.95 17.42 39.31
C SER F 31 43.22 16.63 39.62
N SER F 32 44.14 17.18 40.42
CA SER F 32 45.36 16.44 40.77
C SER F 32 45.15 15.47 41.94
N ALA F 33 44.07 15.62 42.71
CA ALA F 33 43.73 14.71 43.80
C ALA F 33 43.02 13.43 43.32
N PHE F 34 43.01 13.16 42.01
CA PHE F 34 42.42 11.94 41.47
C PHE F 34 42.78 11.81 40.00
N VAL F 35 42.47 10.66 39.42
CA VAL F 35 42.81 10.35 38.04
C VAL F 35 41.58 10.54 37.18
N VAL F 36 41.69 11.37 36.14
CA VAL F 36 40.58 11.66 35.22
C VAL F 36 40.81 10.79 33.99
N GLN F 37 40.21 9.59 33.97
CA GLN F 37 40.38 8.70 32.83
C GLN F 37 39.07 8.07 32.38
N PRO F 38 38.02 8.85 32.18
CA PRO F 38 36.76 8.27 31.67
C PRO F 38 36.94 7.61 30.32
N GLN F 39 36.10 6.58 30.06
CA GLN F 39 36.19 5.80 28.85
C GLN F 39 35.02 6.03 27.90
N ASN F 40 33.91 6.51 28.44
CA ASN F 40 32.80 7.05 27.64
C ASN F 40 32.98 8.56 27.48
N GLY F 41 32.47 9.08 26.37
CA GLY F 41 32.66 10.49 26.08
C GLY F 41 34.07 10.83 25.65
N ARG F 42 34.73 9.94 24.91
CA ARG F 42 36.10 10.15 24.47
C ARG F 42 36.19 10.07 22.95
N CYS F 43 36.71 11.13 22.33
CA CYS F 43 36.74 11.25 20.88
C CYS F 43 37.75 12.34 20.56
N THR F 44 38.51 12.14 19.47
CA THR F 44 39.39 13.20 19.00
C THR F 44 38.61 14.23 18.19
N THR F 45 39.16 15.45 18.12
CA THR F 45 38.47 16.47 17.34
C THR F 45 38.35 16.10 15.87
N ASP F 46 39.21 15.23 15.32
CA ASP F 46 39.00 14.79 13.94
C ASP F 46 38.18 13.50 13.86
N GLY F 47 37.50 13.13 14.94
CA GLY F 47 36.44 12.15 14.88
C GLY F 47 36.80 10.70 15.12
N VAL F 48 37.84 10.43 15.90
CA VAL F 48 38.23 9.06 16.21
C VAL F 48 37.68 8.71 17.59
N LEU F 49 36.78 7.73 17.65
CA LEU F 49 36.23 7.31 18.93
C LEU F 49 37.27 6.55 19.73
N LEU F 50 37.22 6.75 21.04
CA LEU F 50 38.22 6.19 21.95
C LEU F 50 37.55 5.50 23.14
N GLY F 51 38.34 4.68 23.84
CA GLY F 51 37.83 4.06 25.05
C GLY F 51 36.67 3.11 24.74
N THR F 52 35.60 3.21 25.54
CA THR F 52 34.35 2.48 25.27
C THR F 52 33.28 3.33 24.56
N THR F 53 33.69 4.38 23.88
CA THR F 53 32.70 5.36 23.44
C THR F 53 32.01 4.90 22.15
N GLN F 54 30.68 5.07 22.12
CA GLN F 54 29.89 4.78 20.93
C GLN F 54 28.93 5.96 20.73
N LEU F 55 28.07 5.89 19.70
CA LEU F 55 27.46 7.14 19.22
C LEU F 55 26.10 7.48 19.85
N SER F 56 25.29 6.50 20.28
CA SER F 56 24.03 7.08 20.71
C SER F 56 23.93 7.13 22.23
N PRO F 57 23.37 8.20 22.79
CA PRO F 57 23.30 8.32 24.24
C PRO F 57 22.39 7.31 24.89
N VAL F 58 21.42 6.72 24.17
CA VAL F 58 20.52 5.78 24.83
C VAL F 58 21.17 4.45 25.12
N ASN F 59 22.35 4.17 24.56
CA ASN F 59 23.08 2.94 24.82
C ASN F 59 24.05 3.07 26.01
N ILE F 60 24.26 4.28 26.53
CA ILE F 60 25.22 4.49 27.63
C ILE F 60 24.72 3.81 28.90
N CYS F 61 25.53 2.91 29.47
CA CYS F 61 25.16 2.16 30.65
C CYS F 61 23.99 1.20 30.43
N THR F 62 23.71 0.83 29.17
CA THR F 62 22.77 -0.23 28.89
C THR F 62 23.49 -1.56 28.68
N PHE F 63 22.85 -2.67 29.06
CA PHE F 63 23.36 -4.03 28.80
C PHE F 63 22.28 -4.87 28.15
N ARG F 64 22.67 -5.76 27.22
CA ARG F 64 21.75 -6.69 26.57
C ARG F 64 22.37 -8.08 26.52
N GLY F 65 21.56 -9.12 26.62
CA GLY F 65 22.09 -10.47 26.45
C GLY F 65 21.04 -11.49 26.85
N ASP F 66 21.45 -12.61 27.46
CA ASP F 66 20.50 -13.52 28.09
C ASP F 66 20.99 -13.80 29.51
N VAL F 67 20.11 -14.32 30.36
CA VAL F 67 20.49 -14.42 31.76
C VAL F 67 20.35 -15.86 32.24
N THR F 68 21.06 -16.14 33.32
CA THR F 68 21.02 -17.45 33.96
C THR F 68 21.02 -17.20 35.45
N HIS F 69 20.13 -17.91 36.16
CA HIS F 69 19.87 -17.68 37.57
C HIS F 69 20.98 -18.24 38.45
N ILE F 70 21.41 -17.45 39.42
CA ILE F 70 22.30 -17.91 40.49
C ILE F 70 21.38 -18.47 41.58
N THR F 71 21.07 -19.77 41.49
CA THR F 71 20.07 -20.37 42.36
C THR F 71 20.47 -20.25 43.83
N GLY F 72 19.46 -20.04 44.68
CA GLY F 72 19.69 -19.68 46.06
C GLY F 72 19.74 -18.20 46.32
N SER F 73 19.41 -17.38 45.32
CA SER F 73 19.61 -15.93 45.37
C SER F 73 18.64 -15.28 44.39
N ARG F 74 18.65 -13.95 44.39
CA ARG F 74 17.89 -13.15 43.42
C ARG F 74 18.82 -12.52 42.38
N ASN F 75 19.98 -13.13 42.17
CA ASN F 75 20.96 -12.60 41.25
C ASN F 75 20.98 -13.42 39.97
N TYR F 76 21.22 -12.73 38.86
CA TYR F 76 21.37 -13.37 37.58
C TYR F 76 22.68 -12.93 36.96
N THR F 77 23.33 -13.84 36.26
CA THR F 77 24.47 -13.50 35.44
C THR F 77 23.96 -13.22 34.03
N MET F 78 24.35 -12.10 33.42
CA MET F 78 23.95 -11.89 32.04
C MET F 78 25.16 -12.13 31.13
N ASN F 79 24.98 -13.04 30.18
CA ASN F 79 25.96 -13.29 29.12
C ASN F 79 25.72 -12.28 28.02
N LEU F 80 26.67 -11.34 27.88
CA LEU F 80 26.41 -10.13 27.11
C LEU F 80 26.46 -10.36 25.62
N ALA F 81 25.60 -9.63 24.92
CA ALA F 81 25.70 -9.43 23.49
C ALA F 81 26.12 -7.98 23.27
N SER F 82 26.46 -7.66 22.01
CA SER F 82 26.71 -6.26 21.69
C SER F 82 25.41 -5.46 21.76
N GLN F 83 25.50 -4.13 21.66
CA GLN F 83 24.28 -3.33 21.83
C GLN F 83 23.26 -3.59 20.74
N ASN F 84 23.65 -4.24 19.65
CA ASN F 84 22.76 -4.59 18.56
C ASN F 84 22.37 -6.08 18.56
N TRP F 85 22.53 -6.76 19.70
CA TRP F 85 22.26 -8.20 19.87
C TRP F 85 23.25 -9.09 19.11
N ASN F 86 24.31 -8.54 18.49
CA ASN F 86 25.31 -9.38 17.86
C ASN F 86 26.09 -10.17 18.91
N ASP F 87 26.67 -11.32 18.52
CA ASP F 87 27.56 -12.04 19.43
C ASP F 87 28.67 -11.09 19.88
N TYR F 88 29.02 -11.11 21.16
CA TYR F 88 30.09 -10.25 21.63
C TYR F 88 31.47 -10.91 21.42
N ASP F 89 32.41 -10.14 20.82
CA ASP F 89 33.75 -10.62 20.48
C ASP F 89 34.77 -10.09 21.49
N PRO F 90 35.18 -10.86 22.49
CA PRO F 90 36.17 -10.37 23.45
C PRO F 90 37.55 -10.12 22.85
N THR F 91 37.85 -10.59 21.64
CA THR F 91 39.16 -10.30 21.06
C THR F 91 39.24 -8.91 20.41
N GLU F 92 38.17 -8.12 20.49
CA GLU F 92 38.23 -6.75 19.97
C GLU F 92 39.09 -5.87 20.89
N GLU F 93 39.82 -4.93 20.29
CA GLU F 93 40.79 -4.12 21.03
C GLU F 93 40.14 -2.89 21.66
N ILE F 94 39.19 -3.16 22.56
CA ILE F 94 38.52 -2.14 23.36
C ILE F 94 38.60 -2.58 24.81
N PRO F 95 38.42 -1.66 25.76
CA PRO F 95 38.46 -2.05 27.18
C PRO F 95 37.33 -2.94 27.63
N ALA F 96 36.16 -2.82 26.99
CA ALA F 96 34.92 -3.49 27.35
C ALA F 96 33.91 -3.19 26.25
N PRO F 97 32.76 -3.86 26.22
CA PRO F 97 31.72 -3.52 25.22
C PRO F 97 31.44 -2.01 25.20
N LEU F 98 31.24 -1.45 24.00
CA LEU F 98 31.01 -0.01 23.89
C LEU F 98 29.81 0.38 24.75
N GLY F 99 29.96 1.46 25.51
CA GLY F 99 28.92 1.93 26.41
C GLY F 99 28.95 1.38 27.82
N THR F 100 29.80 0.40 28.10
CA THR F 100 29.89 -0.10 29.46
C THR F 100 30.11 1.06 30.43
N PRO F 101 29.50 1.02 31.59
CA PRO F 101 29.79 2.06 32.60
C PRO F 101 31.29 2.16 32.85
N ASP F 102 31.77 3.40 33.02
CA ASP F 102 33.17 3.72 33.26
C ASP F 102 33.40 4.32 34.65
N PHE F 103 32.51 4.06 35.61
CA PHE F 103 32.79 4.37 37.01
C PHE F 103 32.42 3.20 37.90
N VAL F 104 32.99 3.22 39.10
CA VAL F 104 32.64 2.24 40.13
C VAL F 104 31.46 2.75 40.95
N GLY F 105 30.39 1.96 41.00
CA GLY F 105 29.22 2.35 41.76
C GLY F 105 28.10 1.34 41.56
N LYS F 106 26.92 1.70 42.06
CA LYS F 106 25.74 0.84 41.98
C LYS F 106 24.67 1.51 41.10
N ILE F 107 24.47 0.98 39.90
CA ILE F 107 23.52 1.54 38.93
C ILE F 107 22.23 0.73 39.03
N GLN F 108 21.13 1.39 39.41
CA GLN F 108 19.83 0.74 39.44
C GLN F 108 19.04 1.06 38.17
N GLY F 109 18.27 0.09 37.71
CA GLY F 109 17.37 0.25 36.57
C GLY F 109 16.38 -0.90 36.51
N VAL F 110 16.02 -1.34 35.31
CA VAL F 110 15.02 -2.38 35.15
C VAL F 110 15.53 -3.41 34.16
N LEU F 111 15.41 -4.69 34.52
CA LEU F 111 15.69 -5.79 33.60
C LEU F 111 14.37 -6.23 32.98
N THR F 112 14.27 -6.11 31.64
CA THR F 112 13.11 -6.54 30.87
C THR F 112 13.47 -7.75 30.01
N GLN F 113 12.46 -8.57 29.72
CA GLN F 113 12.64 -9.76 28.92
C GLN F 113 11.37 -10.03 28.11
N THR F 114 11.56 -10.57 26.92
CA THR F 114 10.49 -11.07 26.06
C THR F 114 10.73 -12.55 25.79
N THR F 115 9.68 -13.38 25.89
CA THR F 115 9.77 -14.75 25.48
C THR F 115 9.44 -14.84 23.99
N ARG F 116 10.36 -15.39 23.20
CA ARG F 116 10.17 -15.25 21.77
C ARG F 116 9.05 -16.14 21.22
N THR F 117 8.68 -17.24 21.89
CA THR F 117 7.65 -18.13 21.32
C THR F 117 6.29 -17.46 21.28
N ASP F 118 5.93 -16.72 22.32
CA ASP F 118 4.60 -16.14 22.43
C ASP F 118 4.56 -14.64 22.70
N GLY F 119 5.69 -13.95 22.74
CA GLY F 119 5.59 -12.53 22.98
C GLY F 119 5.20 -12.12 24.38
N SER F 120 5.22 -13.03 25.36
CA SER F 120 5.04 -12.62 26.75
C SER F 120 6.24 -11.81 27.23
N THR F 121 5.98 -10.92 28.17
CA THR F 121 7.02 -9.99 28.62
C THR F 121 6.98 -9.88 30.14
N ARG F 122 8.07 -9.35 30.69
CA ARG F 122 8.23 -9.20 32.14
C ARG F 122 9.32 -8.17 32.41
N GLY F 123 9.29 -7.62 33.63
CA GLY F 123 10.27 -6.62 34.01
C GLY F 123 10.42 -6.54 35.51
N HIS F 124 11.66 -6.34 35.98
CA HIS F 124 11.99 -6.37 37.39
C HIS F 124 13.05 -5.35 37.73
N LYS F 125 12.90 -4.73 38.90
CA LYS F 125 13.95 -3.87 39.44
C LYS F 125 15.29 -4.63 39.55
N ALA F 126 16.39 -3.97 39.17
CA ALA F 126 17.69 -4.64 39.05
C ALA F 126 18.84 -3.64 39.28
N THR F 127 19.91 -4.11 39.93
CA THR F 127 21.06 -3.26 40.23
C THR F 127 22.31 -3.99 39.78
N VAL F 128 23.26 -3.24 39.21
CA VAL F 128 24.58 -3.75 38.84
C VAL F 128 25.60 -3.00 39.67
N TYR F 129 26.50 -3.75 40.33
CA TYR F 129 27.59 -3.18 41.12
C TYR F 129 28.86 -3.27 40.28
N THR F 130 29.30 -2.13 39.74
CA THR F 130 30.43 -2.19 38.81
C THR F 130 31.76 -2.34 39.52
N GLY F 131 31.76 -2.33 40.84
CA GLY F 131 32.91 -2.68 41.64
C GLY F 131 32.90 -4.12 42.11
N SER F 132 31.91 -4.91 41.69
CA SER F 132 31.80 -6.30 42.06
C SER F 132 32.90 -7.15 41.42
N ALA F 133 33.36 -8.14 42.18
CA ALA F 133 34.27 -9.12 41.61
C ALA F 133 33.66 -9.79 40.40
N ASP F 134 32.32 -9.87 40.36
CA ASP F 134 31.59 -10.51 39.27
C ASP F 134 31.24 -9.56 38.12
N PHE F 135 31.86 -8.38 38.06
CA PHE F 135 31.61 -7.40 36.99
C PHE F 135 32.75 -7.57 35.98
N ALA F 136 32.50 -8.38 34.96
CA ALA F 136 33.53 -8.73 33.99
C ALA F 136 33.05 -8.54 32.56
N PRO F 137 32.55 -7.36 32.21
CA PRO F 137 31.97 -7.17 30.87
C PRO F 137 32.95 -7.39 29.75
N LYS F 138 34.26 -7.14 29.99
CA LYS F 138 35.23 -7.39 28.93
C LYS F 138 35.31 -8.87 28.61
N LEU F 139 35.05 -9.72 29.60
CA LEU F 139 34.95 -11.16 29.39
C LEU F 139 33.59 -11.55 28.85
N GLY F 140 32.62 -10.64 28.87
CA GLY F 140 31.29 -10.90 28.38
C GLY F 140 30.25 -11.27 29.42
N ARG F 141 30.48 -10.99 30.71
CA ARG F 141 29.51 -11.39 31.71
C ARG F 141 29.41 -10.36 32.81
N VAL F 142 28.20 -10.16 33.28
CA VAL F 142 27.93 -9.19 34.35
C VAL F 142 26.85 -9.76 35.21
N GLN F 143 26.83 -9.36 36.47
CA GLN F 143 25.91 -9.87 37.48
C GLN F 143 24.89 -8.83 37.90
N PHE F 144 23.62 -9.21 37.96
CA PHE F 144 22.56 -8.30 38.40
C PHE F 144 21.86 -8.82 39.64
N GLU F 145 21.62 -7.91 40.57
CA GLU F 145 20.75 -8.13 41.72
C GLU F 145 19.32 -7.76 41.37
N THR F 146 18.39 -8.70 41.48
CA THR F 146 16.99 -8.40 41.15
C THR F 146 16.09 -8.68 42.34
N ASP F 147 14.79 -8.44 42.15
CA ASP F 147 13.78 -8.73 43.16
C ASP F 147 13.01 -10.01 42.88
N THR F 148 13.62 -10.96 42.18
CA THR F 148 12.96 -12.22 41.90
C THR F 148 14.01 -13.33 41.89
N ASP F 149 13.58 -14.53 42.26
CA ASP F 149 14.41 -15.71 42.05
C ASP F 149 13.72 -16.74 41.17
N ARG F 150 12.65 -16.37 40.45
CA ARG F 150 12.02 -17.34 39.55
C ARG F 150 11.54 -16.81 38.20
N ASP F 151 11.44 -15.49 37.97
CA ASP F 151 10.59 -15.06 36.86
C ASP F 151 11.31 -14.98 35.50
N PHE F 152 12.63 -14.85 35.48
CA PHE F 152 13.36 -14.73 34.22
C PHE F 152 13.69 -16.09 33.60
N GLU F 153 13.48 -16.20 32.29
CA GLU F 153 13.76 -17.42 31.54
C GLU F 153 15.15 -17.38 30.93
N ALA F 154 15.69 -18.57 30.64
CA ALA F 154 16.98 -18.66 29.98
C ALA F 154 16.83 -18.57 28.45
N ASN F 155 17.91 -18.14 27.80
CA ASN F 155 18.08 -18.09 26.34
C ASN F 155 17.11 -17.12 25.69
N GLN F 156 16.57 -16.18 26.46
CA GLN F 156 15.60 -15.20 25.97
C GLN F 156 16.19 -13.80 26.02
N ASN F 157 15.86 -13.00 25.00
CA ASN F 157 16.34 -11.62 24.92
C ASN F 157 16.02 -10.83 26.17
N THR F 158 17.06 -10.27 26.80
CA THR F 158 16.93 -9.56 28.07
C THR F 158 17.71 -8.25 28.02
N LYS F 159 17.14 -7.18 28.53
CA LYS F 159 17.76 -5.85 28.46
C LYS F 159 17.82 -5.20 29.83
N PHE F 160 18.93 -4.55 30.14
CA PHE F 160 18.97 -3.66 31.29
C PHE F 160 18.91 -2.19 30.87
N THR F 161 17.89 -1.48 31.35
CA THR F 161 17.73 -0.04 31.14
C THR F 161 18.15 0.70 32.39
N PRO F 162 19.18 1.53 32.34
CA PRO F 162 19.63 2.21 33.56
C PRO F 162 18.71 3.36 33.90
N VAL F 163 18.53 3.59 35.18
CA VAL F 163 17.74 4.72 35.66
C VAL F 163 18.57 5.68 36.51
N GLY F 164 19.29 5.17 37.51
CA GLY F 164 19.88 6.05 38.49
C GLY F 164 20.92 5.32 39.30
N VAL F 165 21.43 5.98 40.34
CA VAL F 165 22.48 5.37 41.16
C VAL F 165 21.98 5.29 42.61
N ILE F 166 22.61 4.39 43.38
CA ILE F 166 22.21 4.19 44.76
C ILE F 166 23.41 4.28 45.70
N GLN F 167 23.09 4.30 46.97
CA GLN F 167 24.10 4.39 48.04
C GLN F 167 23.52 3.74 49.30
N ASP F 168 24.39 3.09 50.08
CA ASP F 168 23.97 2.50 51.35
C ASP F 168 23.94 3.60 52.40
N GLY F 169 22.72 4.03 52.78
CA GLY F 169 22.52 5.20 53.62
C GLY F 169 23.00 5.04 55.05
N GLY F 170 23.25 3.81 55.50
CA GLY F 170 23.87 3.60 56.81
C GLY F 170 25.38 3.80 56.83
N THR F 171 25.98 4.04 55.68
CA THR F 171 27.39 4.42 55.56
C THR F 171 27.48 5.85 55.05
N THR F 172 28.70 6.40 55.14
CA THR F 172 28.92 7.82 54.90
C THR F 172 28.20 8.31 53.65
N HIS F 173 27.32 9.30 53.84
CA HIS F 173 26.53 9.83 52.73
C HIS F 173 27.41 10.38 51.61
N ARG F 174 26.99 10.14 50.37
CA ARG F 174 27.71 10.55 49.15
C ARG F 174 29.09 9.90 49.01
N ASN F 175 29.33 8.79 49.72
CA ASN F 175 30.59 8.07 49.52
C ASN F 175 30.64 7.22 48.25
N GLU F 176 29.54 7.10 47.51
CA GLU F 176 29.54 6.47 46.20
C GLU F 176 28.37 7.01 45.41
N PRO F 177 28.40 6.91 44.07
CA PRO F 177 29.48 6.36 43.24
C PRO F 177 30.78 7.14 43.35
N GLN F 178 31.85 6.57 42.79
CA GLN F 178 33.14 7.24 42.59
C GLN F 178 33.37 7.39 41.10
N GLN F 179 33.06 8.59 40.59
CA GLN F 179 32.99 8.77 39.15
C GLN F 179 34.36 8.75 38.50
N TRP F 180 35.45 8.98 39.26
CA TRP F 180 36.77 8.93 38.65
C TRP F 180 37.51 7.62 38.90
N VAL F 181 36.83 6.61 39.44
CA VAL F 181 37.42 5.28 39.65
C VAL F 181 36.92 4.33 38.54
N LEU F 182 37.82 3.93 37.64
CA LEU F 182 37.45 2.95 36.60
C LEU F 182 37.22 1.56 37.19
N PRO F 183 36.27 0.80 36.66
CA PRO F 183 36.09 -0.59 37.08
C PRO F 183 37.20 -1.46 36.49
N SER F 184 37.24 -2.72 36.96
CA SER F 184 38.13 -3.76 36.43
C SER F 184 37.32 -4.55 35.40
N TYR F 185 37.44 -4.15 34.13
CA TYR F 185 36.53 -4.62 33.11
C TYR F 185 36.55 -6.13 32.94
N SER F 186 37.62 -6.80 33.39
CA SER F 186 37.72 -8.25 33.26
C SER F 186 37.56 -8.96 34.60
N GLY F 187 37.03 -8.28 35.60
CA GLY F 187 36.78 -8.87 36.89
C GLY F 187 37.91 -8.59 37.87
N ARG F 188 37.63 -8.88 39.13
CA ARG F 188 38.57 -8.56 40.20
C ARG F 188 39.88 -9.30 39.98
N ASN F 189 40.97 -8.66 40.38
CA ASN F 189 42.31 -9.23 40.26
C ASN F 189 42.72 -9.31 38.79
N THR F 190 42.32 -8.31 38.00
CA THR F 190 42.63 -8.22 36.58
C THR F 190 42.91 -6.77 36.23
N HIS F 191 43.48 -6.55 35.05
CA HIS F 191 43.85 -5.20 34.64
C HIS F 191 43.25 -4.86 33.28
N ASN F 192 43.01 -3.58 33.05
CA ASN F 192 42.32 -3.06 31.88
C ASN F 192 43.29 -2.86 30.72
N VAL F 193 42.75 -2.99 29.50
CA VAL F 193 43.52 -2.84 28.27
C VAL F 193 42.89 -1.79 27.38
N HIS F 194 43.72 -1.21 26.51
CA HIS F 194 43.24 -0.33 25.45
C HIS F 194 42.44 0.86 25.97
N LEU F 195 42.73 1.32 27.18
CA LEU F 195 42.05 2.47 27.74
C LEU F 195 42.37 3.76 26.98
N ALA F 196 41.39 4.67 26.90
CA ALA F 196 41.71 6.00 26.41
C ALA F 196 42.55 6.72 27.47
N PRO F 197 43.47 7.59 27.05
CA PRO F 197 44.46 8.12 28.01
C PRO F 197 43.84 8.98 29.09
N ALA F 198 44.47 8.94 30.28
CA ALA F 198 44.15 9.89 31.33
C ALA F 198 44.46 11.31 30.87
N VAL F 199 43.73 12.28 31.41
CA VAL F 199 43.85 13.67 30.96
C VAL F 199 44.09 14.56 32.17
N ALA F 200 44.95 15.56 32.00
CA ALA F 200 45.17 16.59 33.01
C ALA F 200 45.62 17.86 32.30
N PRO F 201 45.37 19.02 32.88
CA PRO F 201 45.86 20.25 32.26
C PRO F 201 47.37 20.36 32.42
N THR F 202 48.03 20.88 31.39
CA THR F 202 49.48 21.00 31.38
C THR F 202 49.97 22.44 31.44
N PHE F 203 49.27 23.37 30.80
CA PHE F 203 49.60 24.78 30.91
C PHE F 203 49.44 25.24 32.36
N PRO F 204 50.39 26.05 32.87
CA PRO F 204 50.26 26.50 34.26
C PRO F 204 49.06 27.42 34.43
N GLY F 205 48.35 27.26 35.54
CA GLY F 205 47.19 28.07 35.81
C GLY F 205 45.89 27.57 35.19
N GLU F 206 45.95 26.48 34.43
CA GLU F 206 44.78 25.95 33.72
C GLU F 206 44.15 24.82 34.51
N GLN F 207 42.82 24.68 34.35
CA GLN F 207 42.06 23.57 34.91
C GLN F 207 41.18 22.96 33.82
N LEU F 208 40.73 21.73 34.07
CA LEU F 208 39.76 21.10 33.17
C LEU F 208 38.43 21.85 33.26
N LEU F 209 37.74 21.96 32.13
CA LEU F 209 36.35 22.40 32.08
C LEU F 209 35.49 21.15 31.97
N PHE F 210 34.58 20.95 32.91
CA PHE F 210 33.74 19.77 32.96
C PHE F 210 32.32 20.09 32.50
N PHE F 211 31.75 19.19 31.70
CA PHE F 211 30.34 19.26 31.37
C PHE F 211 29.58 18.37 32.34
N ARG F 212 28.77 18.99 33.19
CA ARG F 212 28.24 18.36 34.40
C ARG F 212 26.73 18.17 34.38
N SER F 213 26.29 16.98 34.81
CA SER F 213 24.91 16.61 35.07
C SER F 213 24.74 16.14 36.51
N THR F 214 23.47 16.01 36.92
CA THR F 214 23.07 15.35 38.16
C THR F 214 22.38 14.04 37.81
N MET F 215 23.02 12.92 38.16
CA MET F 215 22.40 11.62 37.93
C MET F 215 21.19 11.44 38.85
N PRO F 216 20.11 10.83 38.38
CA PRO F 216 19.02 10.46 39.29
C PRO F 216 19.53 9.48 40.36
N GLY F 217 18.99 9.62 41.57
CA GLY F 217 19.22 8.65 42.65
C GLY F 217 17.96 7.84 42.96
N CYS F 218 18.17 6.53 43.11
CA CYS F 218 17.07 5.57 43.32
C CYS F 218 16.93 5.14 44.77
N SER F 219 17.88 5.51 45.63
CA SER F 219 17.73 5.41 47.08
C SER F 219 19.07 5.66 47.77
N GLY F 220 19.02 5.90 49.08
CA GLY F 220 20.21 6.28 49.81
C GLY F 220 20.61 7.72 49.50
N TYR F 221 21.90 7.98 49.66
CA TYR F 221 22.47 9.34 49.56
C TYR F 221 23.65 9.30 48.61
N PRO F 222 23.42 9.03 47.32
CA PRO F 222 24.54 8.94 46.39
C PRO F 222 25.13 10.29 46.08
N ASN F 223 26.39 10.26 45.68
CA ASN F 223 27.02 11.38 45.01
C ASN F 223 26.55 11.35 43.55
N MET F 224 25.74 12.34 43.19
CA MET F 224 25.01 12.39 41.93
C MET F 224 25.70 13.27 40.90
N ASP F 225 26.85 13.86 41.24
CA ASP F 225 27.65 14.62 40.28
C ASP F 225 28.20 13.70 39.21
N LEU F 226 28.07 14.11 37.95
CA LEU F 226 28.70 13.36 36.86
C LEU F 226 29.26 14.33 35.83
N ASP F 227 30.56 14.23 35.61
CA ASP F 227 31.29 15.11 34.72
C ASP F 227 31.81 14.33 33.52
N CYS F 228 31.56 14.86 32.31
CA CYS F 228 32.17 14.31 31.11
C CYS F 228 33.10 15.35 30.49
N LEU F 229 33.99 14.87 29.64
CA LEU F 229 34.96 15.73 29.00
C LEU F 229 34.44 16.36 27.72
N LEU F 230 33.48 15.71 27.04
CA LEU F 230 32.90 16.17 25.73
C LEU F 230 31.42 15.86 25.84
N PRO F 231 30.51 16.81 25.54
CA PRO F 231 29.09 16.43 25.40
C PRO F 231 28.95 15.33 24.34
N GLN F 232 27.92 14.47 24.53
CA GLN F 232 27.74 13.37 23.57
C GLN F 232 27.56 13.93 22.16
N GLU F 233 26.89 15.08 22.05
CA GLU F 233 26.70 15.72 20.74
C GLU F 233 28.01 16.18 20.10
N TRP F 234 29.06 16.49 20.89
CA TRP F 234 30.33 16.81 20.25
C TRP F 234 31.01 15.55 19.70
N VAL F 235 30.90 14.44 20.44
CA VAL F 235 31.35 13.14 19.93
C VAL F 235 30.70 12.84 18.59
N GLN F 236 29.36 12.91 18.56
CA GLN F 236 28.61 12.65 17.35
C GLN F 236 29.02 13.56 16.19
N TYR F 237 29.19 14.86 16.49
CA TYR F 237 29.47 15.84 15.45
C TYR F 237 30.88 15.67 14.89
N PHE F 238 31.86 15.48 15.77
CA PHE F 238 33.23 15.24 15.32
C PHE F 238 33.32 13.98 14.48
N TYR F 239 32.60 12.93 14.88
CA TYR F 239 32.57 11.70 14.09
C TYR F 239 32.08 11.97 12.67
N GLN F 240 31.05 12.81 12.52
CA GLN F 240 30.52 13.09 11.18
C GLN F 240 31.47 13.95 10.37
N GLU F 241 31.99 15.00 11.01
CA GLU F 241 32.76 16.02 10.28
C GLU F 241 34.14 15.50 9.88
N ALA F 242 34.80 14.79 10.79
CA ALA F 242 36.11 14.21 10.52
C ALA F 242 37.07 15.28 9.97
N ALA F 243 36.94 16.49 10.49
CA ALA F 243 37.76 17.62 10.05
C ALA F 243 39.17 17.49 10.62
N PRO F 244 40.21 17.54 9.80
CA PRO F 244 41.56 17.32 10.33
C PRO F 244 42.00 18.48 11.22
N ALA F 245 42.69 18.13 12.32
CA ALA F 245 43.14 19.08 13.32
C ALA F 245 44.40 19.82 12.86
N GLN F 246 44.29 21.15 12.70
CA GLN F 246 45.39 21.94 12.13
C GLN F 246 46.51 22.21 13.12
N SER F 247 46.22 22.17 14.42
CA SER F 247 47.23 22.24 15.46
C SER F 247 46.79 21.27 16.54
N ASP F 248 47.41 21.34 17.72
CA ASP F 248 47.02 20.46 18.82
C ASP F 248 45.97 21.09 19.72
N VAL F 249 45.60 22.35 19.49
CA VAL F 249 44.71 23.10 20.37
C VAL F 249 43.76 23.94 19.52
N ALA F 250 42.46 23.80 19.76
CA ALA F 250 41.46 24.65 19.14
C ALA F 250 40.95 25.68 20.15
N LEU F 251 41.00 26.95 19.76
CA LEU F 251 40.53 28.04 20.63
C LEU F 251 39.03 28.20 20.43
N LEU F 252 38.25 27.98 21.49
CA LEU F 252 36.80 28.18 21.46
C LEU F 252 36.43 29.39 22.30
N ARG F 253 35.51 30.21 21.78
CA ARG F 253 34.91 31.28 22.56
C ARG F 253 33.47 30.90 22.83
N PHE F 254 33.03 31.15 24.05
CA PHE F 254 31.64 30.93 24.45
C PHE F 254 30.90 32.25 24.29
N VAL F 255 29.81 32.25 23.49
CA VAL F 255 29.22 33.48 22.97
C VAL F 255 27.73 33.58 23.27
N ASN F 256 27.26 34.82 23.47
CA ASN F 256 25.84 35.12 23.57
C ASN F 256 25.33 35.54 22.20
N PRO F 257 24.42 34.79 21.57
CA PRO F 257 24.04 35.10 20.17
C PRO F 257 23.13 36.30 20.06
N ASP F 258 22.62 36.82 21.18
CA ASP F 258 21.79 38.03 21.16
C ASP F 258 22.65 39.26 20.95
N THR F 259 23.75 39.36 21.70
CA THR F 259 24.59 40.54 21.74
C THR F 259 25.93 40.35 21.03
N GLY F 260 26.28 39.12 20.67
CA GLY F 260 27.59 38.85 20.14
C GLY F 260 28.69 38.87 21.18
N ARG F 261 28.34 39.05 22.47
CA ARG F 261 29.35 39.21 23.52
C ARG F 261 30.01 37.87 23.87
N VAL F 262 31.34 37.89 23.98
CA VAL F 262 32.12 36.71 24.36
C VAL F 262 32.19 36.67 25.89
N LEU F 263 31.72 35.56 26.49
CA LEU F 263 31.74 35.45 27.95
C LEU F 263 33.03 34.86 28.48
N PHE F 264 33.65 33.93 27.74
CA PHE F 264 34.95 33.37 28.09
C PHE F 264 35.50 32.62 26.89
N GLU F 265 36.77 32.26 27.01
CA GLU F 265 37.43 31.43 26.01
C GLU F 265 38.09 30.25 26.71
N CYS F 266 38.37 29.21 25.93
CA CYS F 266 38.84 27.94 26.48
C CYS F 266 39.57 27.20 25.38
N LYS F 267 40.31 26.16 25.77
CA LYS F 267 41.11 25.35 24.86
C LYS F 267 40.46 23.99 24.63
N LEU F 268 40.10 23.68 23.39
CA LEU F 268 39.67 22.32 23.05
C LEU F 268 40.87 21.57 22.50
N HIS F 269 41.44 20.70 23.33
CA HIS F 269 42.61 19.93 22.92
C HIS F 269 42.23 18.86 21.90
N LYS F 270 43.15 18.65 20.95
CA LYS F 270 42.90 17.78 19.80
C LYS F 270 42.48 16.38 20.23
N SER F 271 42.97 15.90 21.37
CA SER F 271 42.70 14.54 21.79
C SER F 271 41.38 14.43 22.54
N GLY F 272 40.68 15.54 22.79
CA GLY F 272 39.30 15.51 23.24
C GLY F 272 38.99 15.90 24.66
N TYR F 273 39.41 17.09 25.09
CA TYR F 273 39.02 17.62 26.39
C TYR F 273 39.27 19.13 26.38
N VAL F 274 38.72 19.81 27.38
CA VAL F 274 38.70 21.27 27.42
C VAL F 274 39.40 21.78 28.69
N THR F 275 40.21 22.84 28.53
CA THR F 275 40.77 23.55 29.68
C THR F 275 40.40 25.04 29.67
N VAL F 276 40.39 25.62 30.87
CA VAL F 276 40.20 27.05 31.09
C VAL F 276 41.34 27.54 31.98
N ALA F 277 41.52 28.87 32.05
CA ALA F 277 42.50 29.50 32.92
C ALA F 277 41.77 30.00 34.16
N HIS F 278 41.95 29.28 35.26
CA HIS F 278 41.21 29.59 36.47
C HIS F 278 41.78 28.72 37.58
N THR F 279 41.71 29.22 38.82
CA THR F 279 42.11 28.44 39.99
C THR F 279 40.92 28.35 40.94
N GLY F 280 40.50 27.13 41.25
CA GLY F 280 39.48 26.89 42.24
C GLY F 280 38.33 26.08 41.69
N GLN F 281 37.42 25.73 42.61
CA GLN F 281 36.22 24.94 42.30
C GLN F 281 35.05 25.89 42.20
N HIS F 282 34.54 26.10 40.98
CA HIS F 282 33.42 27.02 40.80
C HIS F 282 32.51 26.54 39.67
N ASP F 283 31.21 26.73 39.87
CA ASP F 283 30.23 26.66 38.79
C ASP F 283 30.34 27.90 37.91
N LEU F 284 30.29 27.71 36.58
CA LEU F 284 30.22 28.85 35.67
C LEU F 284 28.75 29.24 35.52
N VAL F 285 28.47 30.54 35.62
CA VAL F 285 27.12 31.08 35.46
C VAL F 285 26.98 31.64 34.04
N ILE F 286 26.06 31.07 33.26
CA ILE F 286 26.06 31.32 31.81
C ILE F 286 24.69 31.84 31.36
N PRO F 287 24.67 32.55 30.24
CA PRO F 287 23.36 32.81 29.55
C PRO F 287 22.79 31.50 29.02
N PRO F 288 21.49 31.28 29.14
CA PRO F 288 20.94 29.99 28.67
C PRO F 288 21.02 29.81 27.15
N ASN F 289 21.23 30.88 26.39
CA ASN F 289 21.37 30.75 24.94
C ASN F 289 22.81 30.73 24.52
N GLY F 290 23.76 30.73 25.45
CA GLY F 290 25.15 30.74 25.06
C GLY F 290 25.57 29.43 24.44
N TYR F 291 26.56 29.51 23.54
CA TYR F 291 27.07 28.31 22.88
C TYR F 291 28.56 28.50 22.62
N PHE F 292 29.23 27.40 22.29
CA PHE F 292 30.65 27.40 21.93
C PHE F 292 30.85 27.64 20.44
N ARG F 293 31.87 28.44 20.09
CA ARG F 293 32.19 28.80 18.70
C ARG F 293 33.69 28.65 18.48
N PHE F 294 34.08 27.83 17.51
CA PHE F 294 35.49 27.65 17.19
C PHE F 294 36.02 28.85 16.41
N ASP F 295 37.08 29.47 16.92
CA ASP F 295 37.63 30.70 16.32
C ASP F 295 39.00 30.53 15.67
N SER F 296 39.89 29.69 16.19
CA SER F 296 41.23 29.65 15.60
C SER F 296 41.99 28.45 16.13
N TRP F 297 42.82 27.84 15.28
CA TRP F 297 43.82 26.89 15.74
C TRP F 297 44.98 27.68 16.35
N VAL F 298 45.49 27.22 17.50
CA VAL F 298 46.62 27.85 18.18
C VAL F 298 47.64 26.78 18.57
N ASN F 299 48.79 27.25 19.02
CA ASN F 299 49.86 26.33 19.43
C ASN F 299 49.78 26.06 20.93
N GLN F 300 50.77 25.32 21.44
CA GLN F 300 50.75 24.86 22.82
C GLN F 300 51.13 25.94 23.83
N PHE F 301 51.45 27.14 23.39
CA PHE F 301 51.89 28.22 24.27
C PHE F 301 50.90 29.37 24.40
N TYR F 302 49.69 29.23 23.85
CA TYR F 302 48.66 30.26 23.99
C TYR F 302 48.22 30.39 25.45
N THR F 303 48.05 31.62 25.91
CA THR F 303 47.58 31.87 27.27
C THR F 303 46.14 32.37 27.22
N LEU F 304 45.23 31.62 27.85
CA LEU F 304 43.82 32.00 27.83
C LEU F 304 43.57 33.21 28.72
N ALA F 305 42.57 34.01 28.33
CA ALA F 305 42.07 35.06 29.19
C ALA F 305 41.46 34.43 30.44
N PRO F 306 41.83 34.89 31.63
CA PRO F 306 41.40 34.20 32.85
C PRO F 306 39.94 34.47 33.17
N MET F 307 39.34 33.53 33.90
CA MET F 307 37.98 33.73 34.38
C MET F 307 37.97 33.62 35.89
N GLN G 1 3.89 -9.54 6.83
CA GLN G 1 4.67 -9.82 8.06
C GLN G 1 5.61 -11.00 7.83
N VAL G 2 6.78 -10.99 8.47
CA VAL G 2 7.74 -12.04 8.18
C VAL G 2 7.24 -13.39 8.69
N GLN G 3 7.43 -14.41 7.88
CA GLN G 3 7.10 -15.78 8.26
C GLN G 3 8.24 -16.68 7.83
N LEU G 4 8.65 -17.55 8.74
CA LEU G 4 9.53 -18.66 8.41
C LEU G 4 8.75 -19.95 8.66
N GLN G 5 8.94 -20.94 7.80
CA GLN G 5 8.30 -22.25 7.94
C GLN G 5 9.26 -23.39 7.63
N GLU G 6 9.55 -24.21 8.64
CA GLU G 6 10.36 -25.41 8.45
C GLU G 6 9.51 -26.56 7.94
N SER G 7 10.15 -27.44 7.17
CA SER G 7 9.51 -28.68 6.77
C SER G 7 10.57 -29.72 6.44
N GLY G 8 10.18 -30.99 6.59
CA GLY G 8 10.99 -32.10 6.17
C GLY G 8 11.30 -33.11 7.24
N GLY G 9 10.98 -32.82 8.51
CA GLY G 9 11.30 -33.73 9.59
C GLY G 9 10.32 -34.91 9.71
N GLY G 10 10.65 -35.80 10.63
CA GLY G 10 9.88 -37.02 10.86
C GLY G 10 10.75 -38.08 11.53
N LEU G 11 10.37 -39.34 11.32
CA LEU G 11 11.10 -40.48 11.86
C LEU G 11 11.99 -41.03 10.76
N VAL G 12 13.31 -40.98 10.99
CA VAL G 12 14.31 -41.34 9.99
C VAL G 12 15.26 -42.36 10.61
N GLN G 13 16.00 -43.06 9.73
CA GLN G 13 17.00 -44.12 9.90
C GLN G 13 18.41 -43.57 10.00
N PRO G 14 19.18 -44.08 10.95
CA PRO G 14 20.63 -43.85 10.94
C PRO G 14 21.16 -44.17 9.56
N GLY G 15 22.04 -43.31 9.04
CA GLY G 15 22.70 -43.56 7.77
C GLY G 15 21.94 -43.13 6.53
N ASP G 16 20.64 -42.89 6.64
CA ASP G 16 19.94 -42.24 5.54
C ASP G 16 20.33 -40.76 5.46
N SER G 17 19.99 -40.14 4.34
CA SER G 17 20.12 -38.71 4.20
C SER G 17 18.75 -38.06 4.40
N LEU G 18 18.78 -36.75 4.68
CA LEU G 18 17.55 -36.03 4.94
C LEU G 18 17.76 -34.58 4.53
N ARG G 19 16.74 -34.00 3.90
CA ARG G 19 16.74 -32.57 3.57
C ARG G 19 15.61 -31.87 4.30
N LEU G 20 15.94 -30.84 5.08
CA LEU G 20 14.98 -29.94 5.69
C LEU G 20 14.89 -28.67 4.87
N SER G 21 13.73 -28.02 4.91
CA SER G 21 13.49 -26.78 4.18
C SER G 21 13.04 -25.67 5.11
N CYS G 22 13.57 -24.47 4.88
CA CYS G 22 13.15 -23.26 5.59
C CYS G 22 12.61 -22.30 4.52
N ALA G 23 11.30 -22.18 4.45
CA ALA G 23 10.66 -21.29 3.48
C ALA G 23 10.38 -19.96 4.14
N THR G 24 10.68 -18.87 3.43
CA THR G 24 10.56 -17.53 4.02
C THR G 24 9.67 -16.64 3.18
N SER G 25 9.07 -15.67 3.84
CA SER G 25 8.32 -14.60 3.16
C SER G 25 8.37 -13.36 4.04
N GLY G 26 8.03 -12.21 3.46
CA GLY G 26 7.98 -10.99 4.24
C GLY G 26 9.19 -10.09 4.11
N PHE G 27 10.19 -10.49 3.32
CA PHE G 27 11.46 -9.79 3.17
C PHE G 27 11.54 -9.22 1.75
N ILE G 28 12.18 -8.05 1.62
CA ILE G 28 12.60 -7.55 0.30
C ILE G 28 14.05 -7.06 0.36
N LEU G 29 14.61 -6.91 -0.84
CA LEU G 29 15.95 -6.38 -1.14
C LEU G 29 17.04 -7.43 -0.87
N GLY G 30 17.76 -7.34 0.25
CA GLY G 30 18.85 -8.28 0.50
C GLY G 30 18.38 -9.70 0.81
N ARG G 31 19.30 -10.64 0.67
CA ARG G 31 19.06 -12.02 1.08
C ARG G 31 19.41 -12.15 2.57
N PRO G 32 18.49 -12.58 3.43
CA PRO G 32 18.77 -12.55 4.88
C PRO G 32 19.68 -13.67 5.36
N VAL G 33 20.43 -13.33 6.42
CA VAL G 33 21.16 -14.37 7.15
C VAL G 33 20.15 -15.39 7.66
N ILE G 34 20.41 -16.66 7.41
CA ILE G 34 19.55 -17.74 7.93
C ILE G 34 20.41 -18.78 8.63
N THR G 35 19.94 -19.22 9.80
CA THR G 35 20.66 -20.17 10.64
C THR G 35 19.73 -21.28 11.09
N TRP G 36 20.25 -22.51 11.04
CA TRP G 36 19.56 -23.65 11.62
C TRP G 36 19.96 -23.78 13.08
N PHE G 37 18.96 -23.80 13.97
CA PHE G 37 19.09 -24.10 15.39
C PHE G 37 18.47 -25.48 15.65
N ARG G 38 18.83 -26.10 16.78
CA ARG G 38 18.14 -27.34 17.14
C ARG G 38 17.99 -27.37 18.66
N GLN G 39 16.95 -28.07 19.12
CA GLN G 39 16.63 -28.14 20.55
C GLN G 39 16.36 -29.58 20.97
N ALA G 40 17.04 -30.04 22.08
CA ALA G 40 16.76 -31.32 22.71
C ALA G 40 15.70 -31.16 23.80
N PRO G 41 14.90 -32.21 24.06
CA PRO G 41 13.72 -32.05 24.92
C PRO G 41 14.02 -31.39 26.26
N GLY G 42 15.23 -31.56 26.79
CA GLY G 42 15.60 -30.84 28.01
C GLY G 42 16.78 -29.91 27.84
N LYS G 43 16.68 -28.93 26.95
CA LYS G 43 17.83 -28.07 26.65
C LYS G 43 17.33 -26.83 25.92
N GLU G 44 18.24 -25.90 25.68
CA GLU G 44 17.92 -24.67 24.97
C GLU G 44 18.13 -24.87 23.46
N ARG G 45 17.60 -23.93 22.67
CA ARG G 45 17.93 -23.89 21.25
C ARG G 45 19.41 -23.59 21.08
N GLU G 46 20.12 -24.38 20.27
CA GLU G 46 21.54 -24.15 20.06
C GLU G 46 21.79 -23.96 18.57
N GLY G 47 22.64 -22.99 18.23
CA GLY G 47 22.93 -22.73 16.84
C GLY G 47 23.78 -23.85 16.25
N VAL G 48 23.45 -24.24 15.01
CA VAL G 48 24.14 -25.35 14.34
C VAL G 48 25.03 -24.85 13.20
N LEU G 49 24.44 -24.21 12.19
CA LEU G 49 25.25 -23.60 11.12
C LEU G 49 24.42 -22.54 10.41
N CYS G 50 25.13 -21.65 9.69
CA CYS G 50 24.57 -20.39 9.23
C CYS G 50 25.03 -20.11 7.81
N ILE G 51 24.17 -19.44 7.02
CA ILE G 51 24.53 -19.01 5.67
C ILE G 51 24.16 -17.52 5.51
N SER G 52 25.12 -16.71 5.08
CA SER G 52 24.90 -15.27 4.88
C SER G 52 24.23 -15.01 3.52
N GLY G 53 23.85 -13.75 3.33
CA GLY G 53 23.22 -13.34 2.08
C GLY G 53 24.12 -13.47 0.88
N SER G 54 25.44 -13.57 1.10
CA SER G 54 26.37 -13.83 0.02
C SER G 54 26.81 -15.31 -0.02
N ASP G 55 26.10 -16.20 0.69
CA ASP G 55 26.37 -17.63 0.70
C ASP G 55 27.63 -18.00 1.48
N GLU G 56 28.15 -17.10 2.30
CA GLU G 56 29.27 -17.50 3.16
C GLU G 56 28.71 -18.35 4.31
N ILE G 57 29.32 -19.52 4.54
CA ILE G 57 28.80 -20.49 5.50
C ILE G 57 29.67 -20.53 6.75
N THR G 58 29.03 -20.49 7.93
CA THR G 58 29.72 -20.60 9.22
C THR G 58 29.18 -21.80 9.98
N TYR G 59 30.09 -22.65 10.48
CA TYR G 59 29.71 -23.79 11.32
C TYR G 59 29.82 -23.42 12.79
N PHE G 60 28.78 -23.74 13.56
CA PHE G 60 28.86 -23.48 15.01
C PHE G 60 29.13 -24.72 15.84
N ILE G 61 28.74 -25.90 15.35
CA ILE G 61 29.05 -27.19 15.98
C ILE G 61 29.97 -27.94 15.02
N ASP G 62 31.23 -28.11 15.42
CA ASP G 62 32.20 -28.64 14.47
C ASP G 62 31.90 -30.09 14.06
N SER G 63 31.25 -30.87 14.93
CA SER G 63 31.06 -32.29 14.61
C SER G 63 30.06 -32.54 13.50
N VAL G 64 29.29 -31.54 13.05
CA VAL G 64 28.43 -31.72 11.89
C VAL G 64 29.17 -31.44 10.59
N LYS G 65 30.35 -30.82 10.68
CA LYS G 65 31.19 -30.55 9.53
C LYS G 65 31.40 -31.84 8.75
N GLY G 66 31.10 -31.83 7.46
CA GLY G 66 31.22 -33.04 6.68
C GLY G 66 29.97 -33.91 6.60
N ARG G 67 28.95 -33.66 7.42
CA ARG G 67 27.67 -34.34 7.26
C ARG G 67 26.50 -33.38 7.04
N PHE G 68 26.57 -32.17 7.60
CA PHE G 68 25.52 -31.15 7.46
C PHE G 68 25.93 -30.14 6.40
N THR G 69 25.07 -29.95 5.39
CA THR G 69 25.24 -28.90 4.37
C THR G 69 24.05 -27.95 4.33
N ILE G 70 24.33 -26.65 4.44
CA ILE G 70 23.30 -25.60 4.33
C ILE G 70 23.48 -24.89 2.99
N SER G 71 22.36 -24.48 2.39
CA SER G 71 22.41 -23.88 1.05
C SER G 71 21.15 -23.04 0.81
N ARG G 72 21.25 -22.10 -0.15
CA ARG G 72 20.17 -21.18 -0.47
C ARG G 72 19.63 -21.48 -1.86
N ASP G 73 18.30 -21.43 -1.99
CA ASP G 73 17.59 -21.45 -3.28
C ASP G 73 16.87 -20.11 -3.32
N ASN G 74 17.53 -19.09 -3.87
CA ASN G 74 17.01 -17.73 -3.74
C ASN G 74 15.69 -17.57 -4.50
N ALA G 75 15.57 -18.25 -5.64
CA ALA G 75 14.35 -18.13 -6.44
C ALA G 75 13.14 -18.72 -5.72
N LYS G 76 13.35 -19.72 -4.87
CA LYS G 76 12.25 -20.27 -4.09
C LYS G 76 12.11 -19.64 -2.70
N ASN G 77 12.90 -18.60 -2.37
CA ASN G 77 12.98 -18.06 -1.01
C ASN G 77 13.07 -19.16 0.05
N THR G 78 14.00 -20.08 -0.18
CA THR G 78 14.13 -21.24 0.70
C THR G 78 15.60 -21.49 0.98
N VAL G 79 15.89 -21.86 2.24
CA VAL G 79 17.20 -22.34 2.65
C VAL G 79 17.03 -23.78 3.13
N TYR G 80 17.96 -24.64 2.74
CA TYR G 80 17.93 -26.07 3.07
C TYR G 80 18.98 -26.43 4.11
N LEU G 81 18.69 -27.49 4.86
CA LEU G 81 19.71 -28.22 5.60
C LEU G 81 19.73 -29.64 5.07
N GLN G 82 20.89 -30.06 4.55
CA GLN G 82 21.09 -31.40 4.02
C GLN G 82 21.94 -32.19 5.00
N ILE G 83 21.42 -33.31 5.50
CA ILE G 83 22.14 -34.16 6.44
C ILE G 83 22.49 -35.43 5.70
N ASN G 84 23.78 -35.64 5.43
CA ASN G 84 24.24 -36.76 4.61
C ASN G 84 23.89 -38.12 5.21
N SER G 85 24.48 -38.44 6.35
CA SER G 85 24.34 -39.75 6.98
C SER G 85 23.86 -39.53 8.42
N LEU G 86 22.62 -39.86 8.68
CA LEU G 86 22.04 -39.53 9.98
C LEU G 86 22.65 -40.39 11.09
N LYS G 87 22.86 -39.77 12.26
CA LYS G 87 23.33 -40.37 13.50
C LYS G 87 22.33 -40.11 14.61
N PRO G 88 22.24 -40.98 15.63
CA PRO G 88 21.30 -40.71 16.73
C PRO G 88 21.57 -39.39 17.44
N GLU G 89 22.82 -38.92 17.48
CA GLU G 89 23.08 -37.64 18.15
C GLU G 89 22.42 -36.47 17.42
N ASP G 90 21.88 -36.72 16.21
CA ASP G 90 21.18 -35.67 15.45
C ASP G 90 19.76 -35.42 15.93
N THR G 91 19.21 -36.25 16.83
CA THR G 91 17.82 -36.09 17.21
C THR G 91 17.55 -34.79 17.97
N ALA G 92 16.53 -34.07 17.51
CA ALA G 92 16.19 -32.78 18.09
C ALA G 92 15.07 -32.15 17.27
N ASN G 93 14.49 -31.09 17.84
CA ASN G 93 13.60 -30.19 17.13
C ASN G 93 14.43 -29.11 16.44
N TYR G 94 14.26 -28.99 15.12
CA TYR G 94 15.10 -28.12 14.30
C TYR G 94 14.32 -26.84 13.96
N TYR G 95 14.94 -25.68 14.21
CA TYR G 95 14.35 -24.38 13.89
C TYR G 95 15.22 -23.65 12.88
N CYS G 96 14.58 -22.89 11.99
CA CYS G 96 15.35 -21.93 11.23
C CYS G 96 15.03 -20.54 11.77
N ALA G 97 16.04 -19.68 11.71
CA ALA G 97 15.99 -18.33 12.28
C ALA G 97 16.63 -17.38 11.30
N ALA G 98 16.15 -16.12 11.31
CA ALA G 98 16.49 -15.14 10.29
C ALA G 98 16.73 -13.78 10.94
N ARG G 99 17.66 -13.02 10.34
CA ARG G 99 17.95 -11.63 10.69
C ARG G 99 17.62 -10.76 9.48
N THR G 100 17.33 -9.49 9.73
CA THR G 100 17.04 -8.54 8.63
C THR G 100 18.30 -7.90 8.10
N PHE G 101 19.43 -8.64 8.06
CA PHE G 101 20.72 -8.18 7.57
C PHE G 101 21.31 -9.21 6.63
N THR G 102 22.16 -8.78 5.70
CA THR G 102 22.76 -9.69 4.72
C THR G 102 24.02 -10.34 5.25
N ALA G 103 24.54 -9.87 6.36
CA ALA G 103 25.79 -10.39 6.88
C ALA G 103 25.70 -10.39 8.39
N GLY G 104 26.53 -11.24 8.99
CA GLY G 104 26.50 -11.35 10.44
C GLY G 104 25.93 -12.69 10.84
N CYS G 105 26.74 -13.75 10.75
CA CYS G 105 26.35 -15.11 11.14
C CYS G 105 26.68 -15.35 12.63
N TYR G 106 25.66 -15.24 13.50
CA TYR G 106 25.85 -15.31 14.95
C TYR G 106 25.31 -16.61 15.52
N SER G 107 25.92 -17.08 16.61
CA SER G 107 25.61 -18.41 17.11
C SER G 107 24.52 -18.41 18.17
N ARG G 108 24.17 -17.25 18.74
CA ARG G 108 23.23 -17.19 19.86
C ARG G 108 21.81 -16.84 19.42
N SER G 109 20.82 -17.49 20.06
CA SER G 109 19.42 -17.30 19.68
CA SER G 109 19.43 -17.30 19.66
C SER G 109 18.99 -15.84 19.77
N ILE G 110 19.53 -15.08 20.74
CA ILE G 110 19.05 -13.71 20.96
C ILE G 110 19.41 -12.78 19.81
N ALA G 111 20.32 -13.19 18.91
CA ALA G 111 20.68 -12.41 17.73
C ALA G 111 19.63 -12.47 16.62
N TYR G 112 18.58 -13.28 16.77
CA TYR G 112 17.63 -13.55 15.68
C TYR G 112 16.23 -13.10 16.08
N PRO G 113 15.64 -12.12 15.39
CA PRO G 113 14.26 -11.73 15.73
C PRO G 113 13.20 -12.68 15.19
N TYR G 114 13.49 -13.46 14.15
CA TYR G 114 12.47 -14.22 13.44
C TYR G 114 12.76 -15.72 13.50
N TRP G 115 11.71 -16.50 13.78
CA TRP G 115 11.81 -17.94 14.01
C TRP G 115 10.65 -18.69 13.37
N GLY G 116 10.93 -19.91 12.93
CA GLY G 116 9.87 -20.84 12.57
C GLY G 116 9.30 -21.53 13.77
N GLN G 117 8.31 -22.40 13.49
CA GLN G 117 7.70 -23.20 14.56
C GLN G 117 8.45 -24.48 14.90
N GLY G 118 9.36 -24.93 14.05
CA GLY G 118 10.21 -26.08 14.30
C GLY G 118 9.72 -27.31 13.55
N THR G 119 10.65 -28.20 13.21
CA THR G 119 10.32 -29.49 12.62
C THR G 119 11.16 -30.57 13.31
N GLN G 120 10.49 -31.62 13.80
CA GLN G 120 11.12 -32.62 14.64
C GLN G 120 11.84 -33.67 13.80
N VAL G 121 13.08 -33.95 14.15
CA VAL G 121 13.87 -34.99 13.52
C VAL G 121 14.18 -36.01 14.62
N THR G 122 13.60 -37.22 14.49
CA THR G 122 13.88 -38.31 15.42
C THR G 122 14.57 -39.43 14.67
N VAL G 123 15.83 -39.70 15.03
CA VAL G 123 16.63 -40.73 14.38
C VAL G 123 16.47 -42.02 15.18
N SER G 124 15.96 -43.07 14.53
CA SER G 124 15.93 -44.40 15.10
C SER G 124 15.78 -45.41 13.98
N SER G 125 16.36 -46.59 14.19
CA SER G 125 16.32 -47.65 13.20
C SER G 125 14.88 -48.14 13.02
N HIS G 126 14.53 -48.54 11.79
CA HIS G 126 13.29 -49.31 11.62
C HIS G 126 13.50 -50.77 12.00
N HIS G 127 14.75 -51.21 12.08
CA HIS G 127 15.13 -52.57 12.44
C HIS G 127 15.60 -52.64 13.89
N HIS G 128 15.73 -53.87 14.39
CA HIS G 128 16.22 -54.11 15.75
C HIS G 128 15.30 -53.45 16.80
N HIS G 129 14.01 -53.37 16.51
CA HIS G 129 13.02 -53.08 17.54
C HIS G 129 11.93 -54.14 17.52
N HIS G 130 11.33 -54.35 18.68
CA HIS G 130 10.27 -55.33 18.86
C HIS G 130 9.48 -54.96 20.11
N HIS G 131 8.36 -55.65 20.28
CA HIS G 131 7.52 -55.47 21.46
C HIS G 131 8.18 -56.18 22.64
N GLN H 1 32.13 24.41 45.60
CA GLN H 1 30.80 24.11 46.11
C GLN H 1 30.03 25.38 46.42
N VAL H 2 28.91 25.57 45.72
CA VAL H 2 28.12 26.79 45.83
C VAL H 2 27.46 26.87 47.20
N GLN H 3 27.41 28.07 47.76
CA GLN H 3 26.93 28.33 49.11
C GLN H 3 26.08 29.60 49.11
N LEU H 4 24.91 29.54 49.76
CA LEU H 4 24.04 30.70 49.98
C LEU H 4 23.79 30.86 51.47
N GLN H 5 23.98 32.08 51.99
CA GLN H 5 23.68 32.40 53.40
C GLN H 5 22.72 33.58 53.52
N GLU H 6 21.58 33.36 54.19
CA GLU H 6 20.57 34.38 54.44
C GLU H 6 20.74 34.98 55.85
N SER H 7 20.39 36.25 55.97
CA SER H 7 20.40 36.92 57.27
C SER H 7 19.45 38.11 57.15
N GLY H 8 19.21 38.74 58.28
CA GLY H 8 18.40 39.95 58.34
C GLY H 8 17.02 39.79 58.93
N GLY H 9 16.59 38.57 59.22
CA GLY H 9 15.28 38.37 59.77
C GLY H 9 15.19 38.76 61.22
N GLY H 10 14.03 38.53 61.79
CA GLY H 10 13.85 38.81 63.20
C GLY H 10 12.40 38.94 63.57
N LEU H 11 12.19 39.40 64.80
CA LEU H 11 10.89 39.62 65.40
C LEU H 11 10.56 41.11 65.36
N VAL H 12 9.51 41.49 64.62
CA VAL H 12 9.18 42.91 64.41
C VAL H 12 7.68 43.16 64.65
N GLN H 13 7.30 44.47 64.67
CA GLN H 13 5.91 44.86 64.90
C GLN H 13 5.28 45.29 63.59
N PRO H 14 3.95 45.21 63.47
CA PRO H 14 3.32 45.72 62.24
C PRO H 14 3.72 47.16 62.00
N GLY H 15 4.08 47.48 60.75
CA GLY H 15 4.52 48.79 60.34
C GLY H 15 6.02 48.96 60.25
N ASP H 16 6.77 48.02 60.85
CA ASP H 16 8.22 48.00 60.85
C ASP H 16 8.75 47.66 59.45
N SER H 17 10.08 47.64 59.31
CA SER H 17 10.71 47.24 58.05
C SER H 17 11.98 46.44 58.32
N LEU H 18 12.31 45.54 57.39
CA LEU H 18 13.52 44.72 57.47
C LEU H 18 14.22 44.72 56.11
N ARG H 19 15.52 44.46 56.14
CA ARG H 19 16.26 44.14 54.92
C ARG H 19 16.88 42.76 55.08
N LEU H 20 16.47 41.80 54.23
CA LEU H 20 17.08 40.47 54.17
C LEU H 20 18.24 40.46 53.20
N SER H 21 19.24 39.60 53.49
CA SER H 21 20.46 39.54 52.72
C SER H 21 20.68 38.10 52.28
N CYS H 22 20.99 37.88 51.01
CA CYS H 22 21.39 36.56 50.49
C CYS H 22 22.80 36.67 49.93
N ALA H 23 23.77 36.07 50.62
CA ALA H 23 25.16 36.15 50.17
C ALA H 23 25.58 34.83 49.54
N THR H 24 26.34 34.89 48.44
CA THR H 24 26.68 33.70 47.68
C THR H 24 28.20 33.55 47.50
N SER H 25 28.62 32.31 47.37
CA SER H 25 29.97 32.01 46.92
C SER H 25 29.94 30.76 46.05
N GLY H 26 31.00 30.58 45.26
CA GLY H 26 31.13 29.39 44.45
C GLY H 26 30.82 29.60 42.99
N PHE H 27 30.41 30.81 42.61
CA PHE H 27 30.08 31.17 41.22
C PHE H 27 31.18 32.01 40.57
N ILE H 28 31.40 31.80 39.27
CA ILE H 28 32.23 32.67 38.43
C ILE H 28 31.47 33.03 37.17
N LEU H 29 32.06 33.93 36.38
CA LEU H 29 31.51 34.41 35.11
C LEU H 29 30.29 35.30 35.27
N GLY H 30 29.13 34.85 34.81
CA GLY H 30 27.94 35.67 34.91
C GLY H 30 27.40 35.78 36.32
N ARG H 31 26.49 36.69 36.47
CA ARG H 31 25.75 36.93 37.70
C ARG H 31 24.49 36.07 37.76
N PRO H 32 24.26 35.33 38.84
CA PRO H 32 23.20 34.32 38.83
C PRO H 32 21.81 34.88 39.10
N VAL H 33 20.81 34.25 38.47
CA VAL H 33 19.43 34.52 38.85
C VAL H 33 19.27 34.14 40.31
N ILE H 34 18.67 35.04 41.10
CA ILE H 34 18.39 34.82 42.52
C ILE H 34 16.93 35.13 42.78
N THR H 35 16.24 34.21 43.44
CA THR H 35 14.85 34.38 43.84
C THR H 35 14.64 34.16 45.33
N TRP H 36 13.83 35.03 45.94
CA TRP H 36 13.40 34.88 47.32
C TRP H 36 12.08 34.11 47.34
N PHE H 37 12.07 32.98 48.07
CA PHE H 37 10.88 32.23 48.39
C PHE H 37 10.51 32.49 49.84
N ARG H 38 9.29 32.13 50.20
CA ARG H 38 8.88 32.17 51.59
C ARG H 38 7.83 31.10 51.88
N GLN H 39 7.77 30.65 53.14
CA GLN H 39 6.78 29.65 53.54
C GLN H 39 6.13 30.12 54.82
N ALA H 40 4.84 30.47 54.75
CA ALA H 40 4.10 30.97 55.88
C ALA H 40 3.39 29.84 56.60
N PRO H 41 2.95 30.07 57.85
CA PRO H 41 2.32 29.00 58.63
C PRO H 41 1.12 28.40 57.90
N GLY H 42 1.18 27.09 57.69
CA GLY H 42 0.07 26.35 57.10
C GLY H 42 -0.06 26.47 55.61
N LYS H 43 0.83 27.20 54.93
CA LYS H 43 0.73 27.40 53.49
C LYS H 43 1.93 26.79 52.80
N GLU H 44 1.76 26.48 51.52
CA GLU H 44 2.87 25.99 50.73
C GLU H 44 3.92 27.08 50.54
N ARG H 45 5.17 26.65 50.43
CA ARG H 45 6.22 27.55 50.00
C ARG H 45 5.86 28.17 48.65
N GLU H 46 6.28 29.42 48.44
CA GLU H 46 5.91 30.16 47.24
C GLU H 46 7.04 31.12 46.87
N GLY H 47 7.32 31.18 45.56
CA GLY H 47 8.26 32.17 45.06
C GLY H 47 7.68 33.57 45.21
N VAL H 48 8.57 34.53 45.48
CA VAL H 48 8.10 35.89 45.83
C VAL H 48 8.58 36.86 44.75
N LEU H 49 9.89 36.93 44.54
CA LEU H 49 10.53 37.95 43.73
C LEU H 49 11.84 37.38 43.20
N CYS H 50 12.16 37.70 41.93
CA CYS H 50 13.36 37.23 41.27
C CYS H 50 14.08 38.39 40.62
N ILE H 51 15.42 38.33 40.61
CA ILE H 51 16.26 39.27 39.89
C ILE H 51 17.23 38.51 39.00
N SER H 52 17.26 38.87 37.71
CA SER H 52 18.17 38.23 36.78
C SER H 52 19.56 38.86 36.88
N GLY H 53 20.55 38.21 36.23
CA GLY H 53 21.91 38.71 36.18
C GLY H 53 22.05 40.08 35.54
N SER H 54 21.05 40.49 34.75
CA SER H 54 20.97 41.82 34.17
C SER H 54 20.09 42.77 34.99
N ASP H 55 19.73 42.38 36.23
CA ASP H 55 18.93 43.18 37.15
C ASP H 55 17.48 43.34 36.71
N GLU H 56 17.00 42.44 35.83
CA GLU H 56 15.60 42.42 35.47
C GLU H 56 14.77 41.73 36.55
N ILE H 57 13.73 42.42 37.00
CA ILE H 57 12.96 42.05 38.19
C ILE H 57 11.58 41.48 37.82
N THR H 58 11.26 40.31 38.35
CA THR H 58 9.95 39.69 38.18
C THR H 58 9.30 39.47 39.53
N TYR H 59 8.07 39.97 39.67
CA TYR H 59 7.23 39.74 40.84
C TYR H 59 6.38 38.50 40.61
N PHE H 60 6.53 37.49 41.47
CA PHE H 60 5.66 36.33 41.40
C PHE H 60 4.38 36.51 42.20
N ILE H 61 4.37 37.42 43.16
CA ILE H 61 3.27 37.64 44.10
C ILE H 61 2.81 39.08 43.92
N ASP H 62 1.56 39.28 43.52
CA ASP H 62 1.20 40.65 43.19
C ASP H 62 1.03 41.52 44.44
N SER H 63 0.59 40.93 45.55
CA SER H 63 0.25 41.73 46.73
C SER H 63 1.45 42.54 47.24
N VAL H 64 2.64 41.92 47.31
CA VAL H 64 3.80 42.60 47.90
C VAL H 64 4.35 43.72 47.03
N LYS H 65 3.85 43.91 45.80
CA LYS H 65 4.37 45.01 44.99
C LYS H 65 4.26 46.33 45.76
N GLY H 66 5.27 47.17 45.62
CA GLY H 66 5.28 48.43 46.33
C GLY H 66 5.71 48.38 47.79
N ARG H 67 5.79 47.19 48.40
CA ARG H 67 6.31 47.02 49.76
C ARG H 67 7.59 46.20 49.79
N PHE H 68 7.74 45.23 48.90
CA PHE H 68 8.93 44.40 48.76
C PHE H 68 9.73 44.88 47.55
N THR H 69 11.01 45.07 47.75
CA THR H 69 11.94 45.46 46.70
C THR H 69 13.15 44.53 46.72
N ILE H 70 13.61 44.07 45.54
CA ILE H 70 14.79 43.22 45.39
C ILE H 70 15.90 43.99 44.68
N SER H 71 17.14 43.77 45.10
CA SER H 71 18.27 44.47 44.49
C SER H 71 19.54 43.64 44.63
N ARG H 72 20.51 43.97 43.78
CA ARG H 72 21.75 43.21 43.65
C ARG H 72 22.94 44.10 44.00
N ASP H 73 23.81 43.63 44.90
CA ASP H 73 25.08 44.32 45.20
C ASP H 73 26.22 43.41 44.76
N ASN H 74 26.65 43.58 43.51
CA ASN H 74 27.62 42.66 42.93
C ASN H 74 28.98 42.75 43.64
N ALA H 75 29.35 43.92 44.15
CA ALA H 75 30.62 44.04 44.87
C ALA H 75 30.67 43.09 46.06
N LYS H 76 29.54 42.93 46.76
CA LYS H 76 29.44 42.10 47.96
C LYS H 76 28.91 40.69 47.70
N ASN H 77 28.68 40.30 46.43
CA ASN H 77 28.14 38.97 46.09
C ASN H 77 26.85 38.68 46.87
N THR H 78 26.00 39.70 47.01
CA THR H 78 24.79 39.66 47.82
C THR H 78 23.60 40.18 47.02
N VAL H 79 22.41 39.64 47.34
CA VAL H 79 21.13 40.12 46.84
C VAL H 79 20.25 40.40 48.05
N TYR H 80 19.65 41.60 48.09
CA TYR H 80 18.81 42.05 49.18
C TYR H 80 17.33 42.00 48.84
N LEU H 81 16.54 41.72 49.87
CA LEU H 81 15.08 41.86 49.91
C LEU H 81 14.68 42.93 50.92
N GLN H 82 14.32 44.12 50.44
CA GLN H 82 13.85 45.20 51.31
C GLN H 82 12.36 45.04 51.54
N ILE H 83 11.94 44.95 52.80
CA ILE H 83 10.55 44.67 53.11
C ILE H 83 9.98 45.72 54.07
N ASN H 84 9.15 46.63 53.53
CA ASN H 84 8.59 47.73 54.29
C ASN H 84 7.15 47.49 54.70
N SER H 85 6.69 48.35 55.62
CA SER H 85 5.36 48.29 56.21
C SER H 85 4.89 46.87 56.47
N LEU H 86 5.65 46.18 57.31
CA LEU H 86 5.39 44.77 57.56
C LEU H 86 3.98 44.56 58.12
N LYS H 87 3.35 43.49 57.68
CA LYS H 87 2.02 43.11 58.11
C LYS H 87 2.07 41.72 58.73
N PRO H 88 1.12 41.38 59.58
CA PRO H 88 1.12 40.01 60.15
C PRO H 88 1.24 38.90 59.12
N GLU H 89 0.81 39.13 57.87
CA GLU H 89 0.77 38.09 56.85
C GLU H 89 2.09 37.94 56.13
N ASP H 90 3.07 38.78 56.45
CA ASP H 90 4.44 38.63 56.01
C ASP H 90 5.21 37.61 56.85
N THR H 91 4.65 37.20 57.99
CA THR H 91 5.29 36.21 58.86
C THR H 91 5.53 34.95 58.06
N ALA H 92 6.79 34.51 58.00
CA ALA H 92 7.15 33.31 57.24
C ALA H 92 8.63 33.01 57.42
N ASN H 93 9.02 31.81 56.99
CA ASN H 93 10.44 31.53 56.77
C ASN H 93 10.81 31.90 55.34
N TYR H 94 11.86 32.71 55.19
CA TYR H 94 12.27 33.25 53.90
C TYR H 94 13.54 32.54 53.43
N TYR H 95 13.54 32.10 52.18
CA TYR H 95 14.63 31.31 51.63
C TYR H 95 15.11 31.92 50.33
N CYS H 96 16.43 32.06 50.20
CA CYS H 96 17.08 32.46 48.97
C CYS H 96 17.40 31.24 48.09
N ALA H 97 17.19 31.35 46.78
CA ALA H 97 17.60 30.27 45.88
C ALA H 97 18.26 30.84 44.64
N ALA H 98 19.17 30.06 44.04
CA ALA H 98 20.00 30.47 42.92
C ALA H 98 19.99 29.44 41.79
N ARG H 99 20.26 29.94 40.57
CA ARG H 99 20.40 29.15 39.35
C ARG H 99 21.75 29.45 38.69
N THR H 100 22.29 28.49 37.94
CA THR H 100 23.58 28.69 37.28
C THR H 100 23.45 29.36 35.91
N PHE H 101 22.43 30.20 35.76
CA PHE H 101 22.13 30.93 34.55
C PHE H 101 21.95 32.40 34.89
N THR H 102 22.20 33.26 33.89
CA THR H 102 22.07 34.70 34.05
C THR H 102 20.67 35.20 33.72
N ALA H 103 19.82 34.35 33.16
CA ALA H 103 18.47 34.71 32.76
C ALA H 103 17.56 33.53 33.04
N GLY H 104 16.30 33.85 33.28
CA GLY H 104 15.28 32.84 33.52
C GLY H 104 14.79 32.86 34.94
N CYS H 105 13.78 33.70 35.18
CA CYS H 105 13.19 33.94 36.49
C CYS H 105 11.94 33.08 36.63
N TYR H 106 12.05 31.97 37.35
CA TYR H 106 10.97 30.99 37.46
C TYR H 106 10.41 30.94 38.87
N SER H 107 9.10 30.72 38.97
CA SER H 107 8.39 30.78 40.25
C SER H 107 8.40 29.47 41.05
N ARG H 108 8.79 28.34 40.48
CA ARG H 108 8.73 27.08 41.22
C ARG H 108 10.09 26.62 41.76
N SER H 109 10.03 26.00 42.94
CA SER H 109 11.25 25.57 43.64
C SER H 109 12.12 24.66 42.78
N ILE H 110 11.50 23.76 41.99
CA ILE H 110 12.30 22.76 41.28
C ILE H 110 13.18 23.37 40.21
N ALA H 111 12.97 24.64 39.88
CA ALA H 111 13.83 25.31 38.92
C ALA H 111 15.15 25.78 39.51
N TYR H 112 15.39 25.59 40.81
CA TYR H 112 16.57 26.14 41.49
C TYR H 112 17.38 25.03 42.14
N PRO H 113 18.62 24.82 41.75
CA PRO H 113 19.42 23.76 42.37
C PRO H 113 19.92 24.12 43.79
N TYR H 114 20.07 25.41 44.08
CA TYR H 114 20.86 25.84 45.24
C TYR H 114 20.01 26.66 46.19
N TRP H 115 20.08 26.32 47.48
CA TRP H 115 19.23 26.88 48.52
C TRP H 115 20.09 27.13 49.76
N GLY H 116 19.66 28.10 50.57
CA GLY H 116 20.21 28.30 51.90
C GLY H 116 19.26 27.79 52.97
N GLN H 117 19.71 27.93 54.24
CA GLN H 117 18.99 27.48 55.43
C GLN H 117 17.80 28.38 55.76
N GLY H 118 17.77 29.60 55.24
CA GLY H 118 16.64 30.48 55.48
C GLY H 118 16.92 31.54 56.55
N THR H 119 16.03 32.54 56.59
CA THR H 119 16.01 33.51 57.68
C THR H 119 14.55 33.78 58.00
N GLN H 120 14.21 33.86 59.28
CA GLN H 120 12.82 33.93 59.70
C GLN H 120 12.38 35.38 59.93
N VAL H 121 11.14 35.70 59.50
CA VAL H 121 10.51 36.99 59.78
C VAL H 121 9.20 36.74 60.52
N THR H 122 9.07 37.28 61.73
CA THR H 122 7.85 37.13 62.50
C THR H 122 7.32 38.52 62.86
N VAL H 123 6.08 38.81 62.47
CA VAL H 123 5.44 40.11 62.72
C VAL H 123 4.40 39.95 63.81
N SER H 124 4.54 40.69 64.89
CA SER H 124 3.69 40.49 66.06
C SER H 124 2.64 41.58 66.22
#